data_3WT0
#
_entry.id   3WT0
#
_cell.length_a   106.032
_cell.length_b   70.628
_cell.length_c   120.676
_cell.angle_alpha   90.00
_cell.angle_beta   108.00
_cell.angle_gamma   90.00
#
_symmetry.space_group_name_H-M   'P 1 21 1'
#
loop_
_entity.id
_entity.type
_entity.pdbx_description
1 polymer 'Cell division protein FtsA'
2 non-polymer "ADENOSINE-5'-TRIPHOSPHATE"
3 non-polymer 'MAGNESIUM ION'
4 water water
#
_entity_poly.entity_id   1
_entity_poly.type   'polypeptide(L)'
_entity_poly.pdbx_seq_one_letter_code
;MNHHHHHHENLYFQGGAHMEEHYYVSIDIGSSSVKTIVGEKFHNGINVIGTGQTYTSGIKNGLIDDFDIARQAIKDTIKK
ASIASGVDIKEVFLKLPIIGTEVYDESNEIDFYEDTEINGSHIEKVLEGIREKNDVQETEVINVFPIRFIVDKENEVSDP
KELIARHSLKVEAGVIAIQKSILINMIKCVEACGVDVLDVYSDAYNYGSILTATEKELGACVIDIGEDVTQVAFYERGEL
VDADSIEMAGRDITDDIAQGLNTSYETAEKVKHQYGHAFYDSASDQDIFTVEQVDSDETVQYTQKDLSDFIEARVEEIFF
EVFDVLQDLGLTKVNGGFIVTGGSANLLGVKELLSDMVSEKVRIHTPSQMGIRKPEFSSAISTISSSIAFDELLDYVTIN
YH
;
_entity_poly.pdbx_strand_id   A,B,C,D
#
# COMPACT_ATOMS: atom_id res chain seq x y z
N GLU A 20 33.48 -2.08 -10.42
CA GLU A 20 34.37 -3.15 -9.97
C GLU A 20 34.50 -3.16 -8.45
N GLU A 21 33.79 -2.26 -7.80
CA GLU A 21 33.72 -2.18 -6.33
C GLU A 21 33.08 -3.44 -5.72
N HIS A 22 33.77 -4.05 -4.76
CA HIS A 22 33.31 -5.26 -4.08
C HIS A 22 33.00 -5.04 -2.60
N TYR A 23 31.73 -5.22 -2.24
CA TYR A 23 31.31 -5.06 -0.86
C TYR A 23 30.86 -6.39 -0.26
N TYR A 24 30.99 -6.50 1.06
CA TYR A 24 30.57 -7.69 1.78
C TYR A 24 29.55 -7.30 2.84
N VAL A 25 28.35 -7.86 2.77
CA VAL A 25 27.32 -7.49 3.72
C VAL A 25 26.94 -8.67 4.59
N SER A 26 27.05 -8.50 5.91
CA SER A 26 26.66 -9.57 6.82
C SER A 26 25.43 -9.19 7.64
N ILE A 27 24.66 -10.21 8.02
CA ILE A 27 23.47 -10.06 8.84
C ILE A 27 23.52 -11.02 10.02
N ASP A 28 23.26 -10.47 11.21
CA ASP A 28 23.17 -11.21 12.46
C ASP A 28 21.74 -11.06 12.99
N ILE A 29 20.96 -12.13 12.95
CA ILE A 29 19.58 -12.09 13.42
C ILE A 29 19.53 -12.44 14.92
N GLY A 30 19.81 -11.44 15.74
CA GLY A 30 19.90 -11.63 17.17
C GLY A 30 18.58 -11.55 17.91
N SER A 31 18.53 -12.19 19.08
CA SER A 31 17.38 -12.16 19.96
C SER A 31 17.05 -10.75 20.43
N SER A 32 18.09 -9.93 20.59
CA SER A 32 17.87 -8.55 21.01
C SER A 32 17.73 -7.63 19.80
N SER A 33 18.66 -7.73 18.85
CA SER A 33 18.60 -6.90 17.67
C SER A 33 19.18 -7.55 16.42
N VAL A 34 18.64 -7.17 15.27
CA VAL A 34 19.23 -7.56 14.00
C VAL A 34 20.35 -6.57 13.71
N LYS A 35 21.50 -7.10 13.31
CA LYS A 35 22.69 -6.30 13.03
C LYS A 35 23.17 -6.54 11.61
N THR A 36 23.46 -5.46 10.89
CA THR A 36 23.95 -5.60 9.53
C THR A 36 25.20 -4.77 9.35
N ILE A 37 26.21 -5.34 8.68
CA ILE A 37 27.43 -4.59 8.45
C ILE A 37 27.78 -4.63 6.97
N VAL A 38 28.14 -3.46 6.43
CA VAL A 38 28.61 -3.33 5.06
C VAL A 38 30.12 -3.11 5.14
N GLY A 39 30.87 -4.02 4.53
CA GLY A 39 32.31 -4.03 4.61
C GLY A 39 33.04 -3.96 3.28
N GLU A 40 34.31 -3.57 3.39
CA GLU A 40 35.20 -3.36 2.28
C GLU A 40 36.54 -4.01 2.57
N LYS A 41 37.21 -4.59 1.58
CA LYS A 41 38.55 -5.10 1.85
C LYS A 41 39.48 -3.89 1.89
N PHE A 42 40.25 -3.78 2.96
CA PHE A 42 41.16 -2.66 3.10
C PHE A 42 42.32 -3.00 4.01
N HIS A 43 43.51 -2.58 3.59
CA HIS A 43 44.75 -2.74 4.35
C HIS A 43 44.86 -4.15 4.98
N ASN A 44 44.53 -5.17 4.18
CA ASN A 44 44.56 -6.57 4.64
C ASN A 44 43.55 -6.88 5.75
N GLY A 45 42.49 -6.09 5.80
CA GLY A 45 41.43 -6.27 6.77
C GLY A 45 40.13 -5.73 6.23
N ILE A 46 39.20 -5.38 7.12
CA ILE A 46 37.90 -4.89 6.69
C ILE A 46 37.67 -3.45 7.10
N ASN A 47 37.23 -2.64 6.15
CA ASN A 47 36.80 -1.29 6.45
C ASN A 47 35.27 -1.25 6.46
N VAL A 48 34.69 -0.82 7.57
CA VAL A 48 33.24 -0.74 7.68
C VAL A 48 32.75 0.60 7.14
N ILE A 49 31.91 0.54 6.11
CA ILE A 49 31.38 1.76 5.50
C ILE A 49 29.92 2.04 5.89
N GLY A 50 29.28 1.10 6.57
CA GLY A 50 27.91 1.28 6.99
C GLY A 50 27.38 0.18 7.90
N THR A 51 26.47 0.54 8.81
CA THR A 51 25.86 -0.44 9.70
C THR A 51 24.36 -0.23 9.83
N GLY A 52 23.67 -1.27 10.28
CA GLY A 52 22.25 -1.20 10.56
C GLY A 52 21.97 -1.99 11.83
N GLN A 53 21.04 -1.51 12.64
CA GLN A 53 20.67 -2.23 13.85
C GLN A 53 19.22 -1.96 14.22
N THR A 54 18.46 -3.01 14.43
CA THR A 54 17.06 -2.86 14.80
C THR A 54 16.68 -3.79 15.92
N TYR A 55 16.24 -3.21 17.03
CA TYR A 55 15.79 -3.99 18.17
C TYR A 55 14.41 -4.55 17.87
N THR A 56 14.20 -5.83 18.16
CA THR A 56 12.95 -6.47 17.81
C THR A 56 12.53 -7.53 18.84
N SER A 57 11.24 -7.89 18.82
CA SER A 57 10.72 -8.94 19.67
C SER A 57 10.46 -10.23 18.90
N GLY A 58 10.70 -10.17 17.58
CA GLY A 58 10.44 -11.29 16.69
C GLY A 58 11.34 -12.51 16.86
N ILE A 59 12.46 -12.33 17.56
CA ILE A 59 13.41 -13.42 17.72
C ILE A 59 13.56 -13.77 19.20
N LYS A 60 13.42 -15.06 19.52
CA LYS A 60 13.57 -15.53 20.90
C LYS A 60 14.48 -16.76 20.93
N ASN A 61 15.40 -16.78 21.89
CA ASN A 61 16.36 -17.88 22.03
C ASN A 61 17.12 -18.16 20.74
N GLY A 62 17.40 -17.10 20.00
CA GLY A 62 18.15 -17.19 18.77
C GLY A 62 17.36 -17.67 17.56
N LEU A 63 16.08 -17.96 17.75
CA LEU A 63 15.26 -18.46 16.65
C LEU A 63 14.06 -17.55 16.39
N ILE A 64 13.54 -17.61 15.17
CA ILE A 64 12.39 -16.81 14.78
C ILE A 64 11.15 -17.18 15.58
N ASP A 65 10.62 -16.22 16.32
CA ASP A 65 9.41 -16.43 17.12
C ASP A 65 8.16 -15.94 16.39
N ASP A 66 8.34 -14.87 15.62
CA ASP A 66 7.26 -14.29 14.83
C ASP A 66 7.84 -13.89 13.49
N PHE A 67 7.54 -14.68 12.47
CA PHE A 67 8.10 -14.50 11.14
C PHE A 67 7.94 -13.10 10.57
N ASP A 68 6.73 -12.55 10.63
CA ASP A 68 6.48 -11.23 10.03
C ASP A 68 7.24 -10.09 10.73
N ILE A 69 7.28 -10.14 12.05
CA ILE A 69 7.99 -9.11 12.83
C ILE A 69 9.49 -9.20 12.55
N ALA A 70 10.01 -10.41 12.56
CA ALA A 70 11.42 -10.66 12.26
C ALA A 70 11.77 -10.17 10.86
N ARG A 71 10.91 -10.50 9.90
CA ARG A 71 11.09 -10.12 8.51
C ARG A 71 11.16 -8.60 8.38
N GLN A 72 10.23 -7.90 9.02
CA GLN A 72 10.24 -6.44 8.97
C GLN A 72 11.47 -5.86 9.65
N ALA A 73 11.93 -6.48 10.73
CA ALA A 73 13.13 -5.99 11.42
C ALA A 73 14.37 -6.14 10.54
N ILE A 74 14.48 -7.29 9.88
CA ILE A 74 15.59 -7.53 8.95
C ILE A 74 15.55 -6.52 7.82
N LYS A 75 14.36 -6.33 7.25
CA LYS A 75 14.18 -5.36 6.16
C LYS A 75 14.61 -3.95 6.57
N ASP A 76 14.16 -3.52 7.76
CA ASP A 76 14.51 -2.20 8.26
C ASP A 76 16.01 -2.07 8.46
N THR A 77 16.64 -3.15 8.92
CA THR A 77 18.06 -3.12 9.18
C THR A 77 18.87 -3.02 7.89
N ILE A 78 18.43 -3.76 6.88
CA ILE A 78 19.07 -3.69 5.57
C ILE A 78 18.92 -2.28 5.01
N LYS A 79 17.74 -1.68 5.21
CA LYS A 79 17.53 -0.31 4.76
C LYS A 79 18.49 0.67 5.44
N LYS A 80 18.57 0.58 6.77
CA LYS A 80 19.49 1.39 7.56
C LYS A 80 20.93 1.27 7.08
N ALA A 81 21.39 0.04 6.88
CA ALA A 81 22.77 -0.18 6.43
C ALA A 81 22.97 0.36 5.02
N SER A 82 21.95 0.24 4.18
CA SER A 82 22.02 0.73 2.82
C SER A 82 22.17 2.24 2.78
N ILE A 83 21.38 2.93 3.60
CA ILE A 83 21.45 4.39 3.66
C ILE A 83 22.80 4.84 4.23
N ALA A 84 23.22 4.17 5.31
CA ALA A 84 24.49 4.49 5.95
C ALA A 84 25.71 4.29 5.05
N SER A 85 25.67 3.26 4.21
CA SER A 85 26.81 2.92 3.36
C SER A 85 26.74 3.53 1.96
N GLY A 86 25.53 3.78 1.48
CA GLY A 86 25.32 4.26 0.13
C GLY A 86 25.35 3.13 -0.88
N VAL A 87 25.26 1.90 -0.39
CA VAL A 87 25.27 0.72 -1.24
C VAL A 87 23.86 0.16 -1.37
N ASP A 88 23.48 -0.22 -2.58
CA ASP A 88 22.19 -0.85 -2.80
C ASP A 88 22.33 -2.34 -2.51
N ILE A 89 22.06 -2.71 -1.27
CA ILE A 89 22.24 -4.08 -0.80
C ILE A 89 21.28 -5.08 -1.45
N LYS A 90 21.85 -6.03 -2.18
CA LYS A 90 21.07 -7.05 -2.87
C LYS A 90 21.50 -8.47 -2.50
N GLU A 91 22.74 -8.61 -2.03
CA GLU A 91 23.31 -9.92 -1.70
C GLU A 91 23.98 -9.86 -0.34
N VAL A 92 23.71 -10.85 0.52
CA VAL A 92 24.22 -10.82 1.89
C VAL A 92 24.77 -12.17 2.36
N PHE A 93 25.56 -12.12 3.43
CA PHE A 93 26.04 -13.31 4.10
C PHE A 93 25.36 -13.41 5.47
N LEU A 94 24.84 -14.59 5.79
CA LEU A 94 24.05 -14.76 7.00
C LEU A 94 24.78 -15.62 8.02
N LYS A 95 24.91 -15.10 9.25
CA LYS A 95 25.45 -15.91 10.32
C LYS A 95 24.36 -16.84 10.83
N LEU A 96 24.76 -18.00 11.33
CA LEU A 96 23.84 -18.91 11.99
C LEU A 96 24.33 -19.16 13.41
N PRO A 97 23.41 -19.12 14.38
CA PRO A 97 23.79 -19.32 15.78
C PRO A 97 24.16 -20.77 16.04
N ILE A 98 24.88 -21.02 17.13
CA ILE A 98 25.29 -22.36 17.49
C ILE A 98 24.14 -23.06 18.24
N ILE A 99 23.06 -23.31 17.50
CA ILE A 99 21.88 -23.97 18.01
C ILE A 99 21.55 -25.13 17.09
N GLY A 100 21.23 -26.28 17.67
CA GLY A 100 20.96 -27.49 16.91
C GLY A 100 22.10 -27.79 15.97
N THR A 101 23.31 -27.50 16.45
CA THR A 101 24.53 -27.57 15.63
C THR A 101 25.44 -28.73 16.05
N GLU A 102 26.06 -29.37 15.07
CA GLU A 102 27.04 -30.42 15.32
C GLU A 102 28.37 -30.10 14.60
N VAL A 103 29.48 -30.34 15.30
CA VAL A 103 30.81 -30.15 14.75
C VAL A 103 31.53 -31.49 14.68
N TYR A 104 32.07 -31.84 13.52
CA TYR A 104 32.79 -33.11 13.39
C TYR A 104 33.87 -33.09 12.31
N ASP A 105 34.64 -34.17 12.21
CA ASP A 105 35.70 -34.27 11.21
C ASP A 105 35.26 -35.16 10.06
N GLU A 106 35.70 -34.83 8.85
CA GLU A 106 35.40 -35.68 7.70
C GLU A 106 36.47 -35.50 6.62
N SER A 107 36.70 -36.55 5.85
CA SER A 107 37.66 -36.49 4.75
C SER A 107 37.01 -36.83 3.42
N ASN A 108 37.61 -36.36 2.34
CA ASN A 108 37.12 -36.71 1.01
C ASN A 108 38.26 -36.64 0.01
N GLU A 109 38.17 -37.44 -1.05
CA GLU A 109 39.23 -37.48 -2.04
C GLU A 109 38.68 -37.53 -3.47
N ILE A 110 39.23 -36.71 -4.35
CA ILE A 110 38.85 -36.78 -5.76
C ILE A 110 40.02 -37.32 -6.58
N ASP A 111 39.69 -38.05 -7.63
CA ASP A 111 40.70 -38.72 -8.46
C ASP A 111 40.97 -38.00 -9.78
N PHE A 112 42.23 -38.09 -10.21
CA PHE A 112 42.63 -37.56 -11.50
C PHE A 112 43.25 -38.68 -12.33
N TYR A 113 43.04 -38.63 -13.65
CA TYR A 113 43.55 -39.65 -14.55
C TYR A 113 44.54 -39.07 -15.55
N GLU A 114 44.95 -37.83 -15.27
CA GLU A 114 45.95 -37.13 -16.05
C GLU A 114 46.52 -36.04 -15.15
N ASP A 115 47.71 -35.54 -15.48
CA ASP A 115 48.32 -34.48 -14.68
C ASP A 115 47.42 -33.26 -14.63
N THR A 116 47.05 -32.85 -13.43
CA THR A 116 46.08 -31.78 -13.22
C THR A 116 46.61 -30.64 -12.35
N GLU A 117 46.62 -29.43 -12.89
CA GLU A 117 46.96 -28.26 -12.08
C GLU A 117 45.76 -27.91 -11.21
N ILE A 118 45.95 -27.97 -9.89
CA ILE A 118 44.88 -27.71 -8.93
C ILE A 118 44.46 -26.24 -8.89
N ASN A 119 43.15 -26.00 -8.89
CA ASN A 119 42.63 -24.65 -8.73
C ASN A 119 41.42 -24.65 -7.79
N GLY A 120 40.83 -23.48 -7.57
CA GLY A 120 39.69 -23.36 -6.67
C GLY A 120 38.51 -24.30 -6.91
N SER A 121 38.29 -24.68 -8.17
CA SER A 121 37.18 -25.57 -8.52
C SER A 121 37.38 -26.99 -8.00
N HIS A 122 38.63 -27.45 -7.95
CA HIS A 122 38.93 -28.79 -7.41
C HIS A 122 38.72 -28.79 -5.89
N ILE A 123 39.12 -27.70 -5.25
CA ILE A 123 38.93 -27.55 -3.81
C ILE A 123 37.44 -27.55 -3.49
N GLU A 124 36.69 -26.75 -4.24
CA GLU A 124 35.23 -26.71 -4.09
C GLU A 124 34.61 -28.09 -4.30
N LYS A 125 35.06 -28.84 -5.30
CA LYS A 125 34.52 -30.18 -5.55
C LYS A 125 34.78 -31.15 -4.39
N VAL A 126 36.04 -31.21 -3.96
CA VAL A 126 36.44 -32.11 -2.90
C VAL A 126 35.75 -31.75 -1.58
N LEU A 127 35.53 -30.45 -1.34
CA LEU A 127 34.79 -30.05 -0.15
C LEU A 127 33.30 -30.41 -0.26
N GLU A 128 32.73 -30.19 -1.44
CA GLU A 128 31.32 -30.53 -1.70
C GLU A 128 31.00 -31.99 -1.43
N GLY A 129 31.95 -32.86 -1.78
CA GLY A 129 31.76 -34.27 -1.52
C GLY A 129 31.46 -34.58 -0.05
N ILE A 130 32.04 -33.81 0.85
CA ILE A 130 31.80 -33.98 2.28
C ILE A 130 30.36 -33.61 2.63
N ARG A 131 29.86 -32.55 2.01
CA ARG A 131 28.46 -32.17 2.19
C ARG A 131 27.58 -33.33 1.76
N GLU A 132 27.92 -33.92 0.62
CA GLU A 132 27.17 -35.08 0.14
C GLU A 132 27.25 -36.32 1.05
N LYS A 133 28.39 -36.54 1.70
CA LYS A 133 28.53 -37.69 2.61
C LYS A 133 27.55 -37.74 3.79
N ASN A 134 27.01 -36.59 4.18
CA ASN A 134 26.08 -36.55 5.30
C ASN A 134 24.70 -37.11 4.93
N ASP A 135 24.28 -38.16 5.64
CA ASP A 135 23.00 -38.81 5.37
C ASP A 135 22.00 -38.67 6.51
N VAL A 136 22.24 -37.70 7.39
CA VAL A 136 21.29 -37.39 8.46
C VAL A 136 20.22 -36.50 7.86
N GLN A 137 19.00 -37.02 7.83
CA GLN A 137 17.90 -36.33 7.16
C GLN A 137 17.50 -34.98 7.75
N GLU A 138 17.54 -34.86 9.08
CA GLU A 138 17.10 -33.63 9.75
C GLU A 138 18.12 -32.50 9.72
N THR A 139 19.38 -32.83 9.40
CA THR A 139 20.42 -31.80 9.43
C THR A 139 21.02 -31.56 8.05
N GLU A 140 21.56 -30.37 7.86
CA GLU A 140 22.26 -30.01 6.64
C GLU A 140 23.64 -29.45 6.97
N VAL A 141 24.64 -29.87 6.22
CA VAL A 141 25.98 -29.35 6.38
C VAL A 141 26.00 -27.92 5.86
N ILE A 142 26.44 -26.99 6.71
CA ILE A 142 26.47 -25.58 6.33
C ILE A 142 27.89 -25.09 6.08
N ASN A 143 28.86 -25.62 6.82
CA ASN A 143 30.25 -25.24 6.60
C ASN A 143 31.19 -26.43 6.56
N VAL A 144 32.13 -26.39 5.62
CA VAL A 144 33.17 -27.39 5.48
C VAL A 144 34.48 -26.63 5.31
N PHE A 145 35.39 -26.76 6.28
CA PHE A 145 36.64 -26.02 6.23
C PHE A 145 37.83 -26.96 6.29
N PRO A 146 38.82 -26.73 5.41
CA PRO A 146 39.96 -27.63 5.35
C PRO A 146 40.90 -27.50 6.53
N ILE A 147 41.31 -28.65 7.06
CA ILE A 147 42.32 -28.70 8.09
C ILE A 147 43.64 -28.90 7.36
N ARG A 148 43.64 -29.80 6.38
CA ARG A 148 44.82 -29.99 5.54
C ARG A 148 44.48 -30.63 4.19
N PHE A 149 45.40 -30.52 3.24
CA PHE A 149 45.21 -31.18 1.95
C PHE A 149 46.32 -32.19 1.73
N ILE A 150 46.01 -33.26 1.02
CA ILE A 150 46.99 -34.28 0.69
C ILE A 150 46.97 -34.54 -0.81
N VAL A 151 48.07 -34.20 -1.47
CA VAL A 151 48.24 -34.41 -2.90
C VAL A 151 48.91 -35.76 -3.16
N ASP A 152 48.27 -36.54 -4.04
CA ASP A 152 48.74 -37.86 -4.46
C ASP A 152 49.07 -38.79 -3.31
N LYS A 153 48.18 -38.78 -2.31
CA LYS A 153 48.22 -39.66 -1.13
C LYS A 153 49.43 -39.54 -0.20
N GLU A 154 50.45 -38.80 -0.61
CA GLU A 154 51.65 -38.74 0.22
C GLU A 154 52.04 -37.32 0.63
N ASN A 155 51.81 -36.34 -0.24
CA ASN A 155 52.29 -34.99 0.03
C ASN A 155 51.28 -34.02 0.68
N GLU A 156 51.50 -33.72 1.96
CA GLU A 156 50.62 -32.80 2.69
C GLU A 156 50.95 -31.34 2.39
N VAL A 157 49.92 -30.57 2.10
CA VAL A 157 50.05 -29.14 1.80
C VAL A 157 48.95 -28.35 2.49
N SER A 158 49.26 -27.08 2.78
CA SER A 158 48.31 -26.12 3.34
C SER A 158 47.36 -25.63 2.26
N ASP A 159 47.94 -25.31 1.11
CA ASP A 159 47.23 -24.77 -0.04
C ASP A 159 47.67 -25.55 -1.28
N PRO A 160 46.75 -26.29 -1.93
CA PRO A 160 47.15 -27.09 -3.10
C PRO A 160 47.12 -26.35 -4.44
N LYS A 161 46.63 -25.12 -4.48
CA LYS A 161 46.51 -24.39 -5.75
C LYS A 161 47.82 -24.24 -6.52
N GLU A 162 47.72 -24.44 -7.84
CA GLU A 162 48.83 -24.33 -8.81
C GLU A 162 49.81 -25.50 -8.71
N LEU A 163 49.58 -26.40 -7.76
CA LEU A 163 50.37 -27.62 -7.71
C LEU A 163 49.80 -28.61 -8.72
N ILE A 164 50.67 -29.43 -9.28
CA ILE A 164 50.21 -30.45 -10.22
C ILE A 164 49.97 -31.78 -9.51
N ALA A 165 48.73 -32.24 -9.57
CA ALA A 165 48.36 -33.53 -9.01
C ALA A 165 48.32 -34.57 -10.13
N ARG A 166 48.92 -35.73 -9.87
CA ARG A 166 49.00 -36.81 -10.86
C ARG A 166 47.96 -37.88 -10.62
N HIS A 167 47.46 -37.98 -9.40
CA HIS A 167 46.52 -39.03 -9.07
C HIS A 167 45.30 -38.58 -8.29
N SER A 168 45.48 -37.73 -7.28
CA SER A 168 44.38 -37.39 -6.39
C SER A 168 44.57 -36.14 -5.55
N LEU A 169 43.46 -35.61 -5.05
CA LEU A 169 43.47 -34.50 -4.10
C LEU A 169 42.55 -34.87 -2.96
N LYS A 170 43.11 -34.98 -1.76
CA LYS A 170 42.33 -35.30 -0.58
C LYS A 170 42.25 -34.10 0.35
N VAL A 171 41.11 -33.94 1.01
CA VAL A 171 40.99 -32.93 2.04
C VAL A 171 40.60 -33.60 3.35
N GLU A 172 41.24 -33.15 4.42
CA GLU A 172 40.85 -33.50 5.77
C GLU A 172 40.25 -32.22 6.32
N ALA A 173 38.97 -32.28 6.62
CA ALA A 173 38.22 -31.08 6.93
C ALA A 173 37.40 -31.13 8.22
N GLY A 174 37.07 -29.93 8.68
CA GLY A 174 36.13 -29.73 9.78
C GLY A 174 34.78 -29.46 9.16
N VAL A 175 33.73 -29.96 9.81
CA VAL A 175 32.38 -29.86 9.30
C VAL A 175 31.41 -29.35 10.36
N ILE A 176 30.54 -28.43 9.95
CA ILE A 176 29.50 -27.91 10.82
C ILE A 176 28.15 -28.20 10.17
N ALA A 177 27.27 -28.88 10.89
CA ALA A 177 25.93 -29.17 10.40
C ALA A 177 24.90 -28.56 11.33
N ILE A 178 23.74 -28.20 10.80
CA ILE A 178 22.70 -27.60 11.61
C ILE A 178 21.34 -28.20 11.29
N GLN A 179 20.42 -28.15 12.24
CA GLN A 179 19.04 -28.57 12.00
C GLN A 179 18.49 -27.84 10.79
N LYS A 180 17.97 -28.61 9.83
CA LYS A 180 17.43 -28.06 8.59
C LYS A 180 16.38 -26.99 8.80
N SER A 181 15.51 -27.18 9.79
CA SER A 181 14.46 -26.22 10.09
C SER A 181 14.99 -24.80 10.35
N ILE A 182 16.07 -24.71 11.11
CA ILE A 182 16.69 -23.42 11.44
C ILE A 182 17.23 -22.75 10.19
N LEU A 183 18.05 -23.48 9.45
CA LEU A 183 18.65 -22.98 8.21
C LEU A 183 17.59 -22.46 7.24
N ILE A 184 16.63 -23.33 6.95
CA ILE A 184 15.55 -23.01 6.01
C ILE A 184 14.78 -21.79 6.47
N ASN A 185 14.40 -21.76 7.74
CA ASN A 185 13.59 -20.64 8.21
C ASN A 185 14.33 -19.31 8.20
N MET A 186 15.60 -19.32 8.64
CA MET A 186 16.39 -18.09 8.64
C MET A 186 16.60 -17.56 7.22
N ILE A 187 16.99 -18.46 6.32
CA ILE A 187 17.21 -18.04 4.94
C ILE A 187 15.91 -17.50 4.33
N LYS A 188 14.80 -18.21 4.55
CA LYS A 188 13.50 -17.78 4.05
C LYS A 188 13.15 -16.37 4.54
N CYS A 189 13.37 -16.14 5.85
CA CYS A 189 13.05 -14.86 6.45
C CYS A 189 13.89 -13.75 5.82
N VAL A 190 15.18 -14.01 5.63
CA VAL A 190 16.01 -12.97 5.02
C VAL A 190 15.65 -12.70 3.56
N GLU A 191 15.48 -13.75 2.78
CA GLU A 191 15.18 -13.62 1.36
C GLU A 191 13.79 -13.03 1.10
N ALA A 192 12.93 -13.04 2.12
CA ALA A 192 11.65 -12.36 2.00
C ALA A 192 11.81 -10.82 2.03
N CYS A 193 13.03 -10.34 2.27
CA CYS A 193 13.33 -8.91 2.31
C CYS A 193 13.90 -8.35 1.01
N GLY A 194 13.85 -9.15 -0.05
CA GLY A 194 14.34 -8.75 -1.36
C GLY A 194 15.84 -8.83 -1.57
N VAL A 195 16.49 -9.72 -0.83
CA VAL A 195 17.94 -9.93 -0.96
C VAL A 195 18.22 -11.41 -1.10
N ASP A 196 19.36 -11.73 -1.69
CA ASP A 196 19.78 -13.12 -1.83
C ASP A 196 20.80 -13.47 -0.76
N VAL A 197 20.63 -14.64 -0.15
CA VAL A 197 21.63 -15.12 0.80
C VAL A 197 22.69 -15.88 0.00
N LEU A 198 23.87 -15.31 -0.10
CA LEU A 198 24.97 -15.92 -0.85
C LEU A 198 25.51 -17.14 -0.12
N ASP A 199 25.65 -17.01 1.20
CA ASP A 199 26.18 -18.10 2.01
C ASP A 199 25.85 -17.92 3.47
N VAL A 200 25.93 -19.00 4.23
CA VAL A 200 25.74 -18.96 5.68
C VAL A 200 27.01 -19.35 6.40
N TYR A 201 27.23 -18.73 7.56
CA TYR A 201 28.40 -19.05 8.36
C TYR A 201 28.03 -19.23 9.83
N SER A 202 28.23 -20.44 10.34
CA SER A 202 28.01 -20.73 11.75
C SER A 202 28.97 -19.88 12.58
N ASP A 203 28.49 -19.36 13.71
CA ASP A 203 29.35 -18.61 14.62
C ASP A 203 30.51 -19.46 15.15
N ALA A 204 30.31 -20.77 15.13
CA ALA A 204 31.35 -21.71 15.54
C ALA A 204 32.56 -21.56 14.63
N TYR A 205 32.31 -21.30 13.36
CA TYR A 205 33.39 -20.98 12.43
C TYR A 205 33.81 -19.52 12.57
N ASN A 206 32.84 -18.62 12.63
CA ASN A 206 33.10 -17.18 12.70
C ASN A 206 34.05 -16.73 13.80
N TYR A 207 33.83 -17.19 15.04
CA TYR A 207 34.61 -16.70 16.18
C TYR A 207 36.11 -16.97 16.11
N GLY A 208 36.53 -17.85 15.21
CA GLY A 208 37.94 -18.09 14.99
C GLY A 208 38.65 -16.79 14.61
N SER A 209 37.93 -15.93 13.91
CA SER A 209 38.46 -14.64 13.45
C SER A 209 38.76 -13.62 14.55
N ILE A 210 38.15 -13.74 15.72
CA ILE A 210 38.41 -12.78 16.79
C ILE A 210 39.62 -13.19 17.63
N LEU A 211 40.12 -14.40 17.40
CA LEU A 211 41.27 -14.92 18.14
C LEU A 211 42.61 -14.60 17.47
N THR A 212 43.65 -14.47 18.28
CA THR A 212 45.00 -14.34 17.75
C THR A 212 45.48 -15.72 17.35
N ALA A 213 46.53 -15.78 16.54
CA ALA A 213 47.09 -17.07 16.13
C ALA A 213 47.51 -17.89 17.35
N THR A 214 48.06 -17.20 18.35
CA THR A 214 48.52 -17.84 19.57
C THR A 214 47.36 -18.48 20.33
N GLU A 215 46.31 -17.70 20.50
CA GLU A 215 45.10 -18.18 21.17
C GLU A 215 44.55 -19.41 20.45
N LYS A 216 44.39 -19.29 19.13
CA LYS A 216 43.86 -20.38 18.32
C LYS A 216 44.75 -21.64 18.35
N GLU A 217 46.05 -21.45 18.59
CA GLU A 217 46.98 -22.57 18.68
C GLU A 217 46.93 -23.27 20.04
N LEU A 218 47.06 -22.49 21.11
CA LEU A 218 47.17 -23.05 22.46
C LEU A 218 45.89 -23.69 23.02
N GLY A 219 44.73 -23.20 22.60
CA GLY A 219 43.48 -23.69 23.13
C GLY A 219 42.68 -22.60 23.82
N ALA A 220 41.92 -21.86 23.04
CA ALA A 220 41.17 -20.72 23.54
C ALA A 220 39.67 -20.95 23.52
N CYS A 221 38.98 -20.35 24.48
CA CYS A 221 37.54 -20.45 24.59
C CYS A 221 36.86 -19.10 24.38
N VAL A 222 35.98 -19.03 23.37
CA VAL A 222 35.18 -17.85 23.14
C VAL A 222 33.83 -18.01 23.82
N ILE A 223 33.47 -17.01 24.60
CA ILE A 223 32.16 -16.95 25.27
C ILE A 223 31.44 -15.69 24.81
N ASP A 224 30.36 -15.87 24.06
CA ASP A 224 29.56 -14.75 23.61
C ASP A 224 28.25 -14.70 24.39
N ILE A 225 28.12 -13.71 25.26
CA ILE A 225 26.93 -13.57 26.08
C ILE A 225 26.00 -12.53 25.46
N GLY A 226 24.92 -13.01 24.83
CA GLY A 226 23.97 -12.14 24.16
C GLY A 226 22.81 -11.78 25.09
N GLU A 227 21.58 -11.87 24.57
CA GLU A 227 20.39 -11.57 25.37
C GLU A 227 19.74 -12.86 25.83
N ASP A 228 19.45 -13.75 24.90
CA ASP A 228 18.83 -15.03 25.23
C ASP A 228 19.82 -16.18 25.18
N VAL A 229 20.87 -16.03 24.38
CA VAL A 229 21.82 -17.12 24.18
C VAL A 229 23.25 -16.75 24.58
N THR A 230 23.91 -17.67 25.25
CA THR A 230 25.35 -17.57 25.45
C THR A 230 26.02 -18.67 24.62
N GLN A 231 26.90 -18.29 23.70
CA GLN A 231 27.56 -19.25 22.84
C GLN A 231 28.99 -19.53 23.30
N VAL A 232 29.39 -20.79 23.15
CA VAL A 232 30.71 -21.25 23.59
C VAL A 232 31.39 -21.95 22.42
N ALA A 233 32.63 -21.54 22.13
CA ALA A 233 33.38 -22.19 21.07
C ALA A 233 34.84 -22.36 21.43
N PHE A 234 35.40 -23.54 21.18
CA PHE A 234 36.77 -23.83 21.57
C PHE A 234 37.66 -24.07 20.35
N TYR A 235 38.84 -23.45 20.35
CA TYR A 235 39.77 -23.58 19.23
C TYR A 235 41.15 -24.02 19.69
N GLU A 236 41.74 -24.99 19.00
CA GLU A 236 43.08 -25.48 19.35
C GLU A 236 43.81 -25.97 18.09
N ARG A 237 45.12 -25.82 18.08
CA ARG A 237 45.94 -26.18 16.91
C ARG A 237 45.49 -25.41 15.67
N GLY A 238 45.00 -24.20 15.89
CA GLY A 238 44.60 -23.32 14.81
C GLY A 238 43.25 -23.58 14.17
N GLU A 239 42.49 -24.52 14.73
CA GLU A 239 41.18 -24.87 14.17
C GLU A 239 40.10 -25.01 15.24
N LEU A 240 38.85 -24.92 14.81
CA LEU A 240 37.70 -25.15 15.68
C LEU A 240 37.68 -26.58 16.17
N VAL A 241 37.47 -26.77 17.46
CA VAL A 241 37.36 -28.12 18.03
C VAL A 241 35.89 -28.50 18.21
N ASP A 242 35.18 -27.71 19.00
CA ASP A 242 33.77 -27.96 19.27
C ASP A 242 33.09 -26.70 19.78
N ALA A 243 31.76 -26.73 19.81
CA ALA A 243 30.99 -25.57 20.20
C ALA A 243 29.61 -25.96 20.71
N ASP A 244 28.99 -25.06 21.47
CA ASP A 244 27.64 -25.28 21.97
C ASP A 244 27.03 -23.94 22.39
N SER A 245 25.79 -23.97 22.87
CA SER A 245 25.16 -22.77 23.38
C SER A 245 24.34 -23.06 24.63
N ILE A 246 24.09 -22.01 25.40
CA ILE A 246 23.39 -22.08 26.67
C ILE A 246 22.22 -21.11 26.60
N GLU A 247 21.06 -21.52 27.08
CA GLU A 247 19.93 -20.61 27.10
C GLU A 247 19.91 -19.81 28.40
N MET A 248 20.92 -18.96 28.54
CA MET A 248 21.09 -18.08 29.69
C MET A 248 22.03 -16.93 29.31
N ALA A 249 21.51 -15.71 29.33
CA ALA A 249 22.32 -14.54 28.95
C ALA A 249 21.78 -13.25 29.57
N GLY A 250 21.88 -12.15 28.84
CA GLY A 250 21.47 -10.83 29.32
C GLY A 250 20.05 -10.69 29.83
N ARG A 251 19.11 -11.35 29.15
CA ARG A 251 17.71 -11.29 29.55
C ARG A 251 17.52 -11.83 30.96
N ASP A 252 18.26 -12.88 31.30
CA ASP A 252 18.18 -13.46 32.64
C ASP A 252 18.75 -12.52 33.70
N ILE A 253 19.79 -11.76 33.32
CA ILE A 253 20.34 -10.75 34.21
C ILE A 253 19.27 -9.71 34.49
N THR A 254 18.64 -9.23 33.41
CA THR A 254 17.56 -8.26 33.56
C THR A 254 16.42 -8.80 34.42
N ASP A 255 16.04 -10.06 34.20
CA ASP A 255 14.97 -10.70 34.97
C ASP A 255 15.32 -10.68 36.45
N ASP A 256 16.56 -11.04 36.75
CA ASP A 256 17.01 -11.08 38.13
C ASP A 256 17.00 -9.69 38.75
N ILE A 257 17.30 -8.67 37.94
CA ILE A 257 17.27 -7.31 38.46
C ILE A 257 15.82 -6.89 38.76
N ALA A 258 14.93 -7.13 37.80
CA ALA A 258 13.52 -6.80 37.96
C ALA A 258 12.93 -7.47 39.20
N GLN A 259 13.28 -8.74 39.41
CA GLN A 259 12.76 -9.47 40.56
C GLN A 259 13.36 -8.94 41.87
N GLY A 260 14.68 -8.74 41.86
CA GLY A 260 15.41 -8.28 43.03
C GLY A 260 15.07 -6.87 43.51
N LEU A 261 14.85 -5.96 42.58
CA LEU A 261 14.55 -4.57 42.93
C LEU A 261 13.04 -4.29 42.92
N ASN A 262 12.26 -5.34 42.65
CA ASN A 262 10.80 -5.27 42.57
C ASN A 262 10.35 -4.18 41.58
N THR A 263 11.04 -4.10 40.45
CA THR A 263 10.75 -3.11 39.42
C THR A 263 10.32 -3.79 38.11
N SER A 264 9.97 -2.97 37.11
CA SER A 264 9.56 -3.48 35.81
C SER A 264 10.76 -3.99 35.01
N TYR A 265 10.50 -4.84 34.01
CA TYR A 265 11.57 -5.36 33.15
C TYR A 265 12.25 -4.22 32.40
N GLU A 266 11.46 -3.29 31.87
CA GLU A 266 11.99 -2.15 31.14
C GLU A 266 12.97 -1.32 31.99
N THR A 267 12.56 -1.07 33.22
CA THR A 267 13.36 -0.29 34.16
C THR A 267 14.60 -1.07 34.52
N ALA A 268 14.44 -2.37 34.78
CA ALA A 268 15.57 -3.24 35.07
C ALA A 268 16.60 -3.23 33.94
N GLU A 269 16.14 -3.21 32.70
CA GLU A 269 17.03 -3.16 31.53
C GLU A 269 17.81 -1.85 31.50
N LYS A 270 17.08 -0.75 31.71
CA LYS A 270 17.76 0.55 31.69
C LYS A 270 18.78 0.67 32.82
N VAL A 271 18.40 0.20 34.00
CA VAL A 271 19.26 0.18 35.18
C VAL A 271 20.49 -0.68 34.92
N LYS A 272 20.28 -1.82 34.26
CA LYS A 272 21.38 -2.70 33.90
C LYS A 272 22.38 -1.97 33.02
N HIS A 273 21.89 -1.20 32.05
CA HIS A 273 22.84 -0.48 31.20
C HIS A 273 23.57 0.62 31.96
N GLN A 274 22.81 1.43 32.69
CA GLN A 274 23.35 2.59 33.39
C GLN A 274 24.28 2.30 34.56
N TYR A 275 23.88 1.41 35.46
CA TYR A 275 24.65 1.16 36.69
C TYR A 275 25.20 -0.26 36.85
N GLY A 276 24.95 -1.10 35.86
CA GLY A 276 25.36 -2.50 35.91
C GLY A 276 26.83 -2.77 36.16
N HIS A 277 27.10 -3.73 37.04
CA HIS A 277 28.45 -4.15 37.40
C HIS A 277 28.43 -5.62 37.78
N ALA A 278 29.35 -6.41 37.23
CA ALA A 278 29.34 -7.85 37.47
C ALA A 278 30.25 -8.34 38.58
N PHE A 279 31.01 -7.44 39.21
CA PHE A 279 31.85 -7.85 40.33
C PHE A 279 31.58 -7.03 41.59
N TYR A 280 30.84 -7.66 42.50
CA TYR A 280 30.39 -7.06 43.76
C TYR A 280 31.46 -6.25 44.49
N ASP A 281 32.61 -6.86 44.80
CA ASP A 281 33.69 -6.18 45.51
C ASP A 281 34.15 -4.89 44.86
N SER A 282 33.98 -4.77 43.55
CA SER A 282 34.40 -3.57 42.83
C SER A 282 33.25 -2.58 42.59
N ALA A 283 32.03 -2.98 42.89
CA ALA A 283 30.88 -2.09 42.72
C ALA A 283 30.77 -1.09 43.88
N SER A 284 30.45 0.17 43.54
CA SER A 284 30.37 1.25 44.52
C SER A 284 29.04 1.36 45.27
N ASP A 285 29.11 1.36 46.59
CA ASP A 285 27.94 1.61 47.44
C ASP A 285 27.69 3.11 47.63
N GLN A 286 28.56 3.94 47.06
CA GLN A 286 28.42 5.40 47.12
C GLN A 286 27.70 5.93 45.87
N ASP A 287 27.70 5.12 44.82
CA ASP A 287 26.96 5.42 43.60
C ASP A 287 25.49 4.95 43.73
N ILE A 288 24.56 5.88 43.90
CA ILE A 288 23.15 5.57 44.19
C ILE A 288 22.16 5.92 43.04
N PHE A 289 21.02 5.23 42.99
CA PHE A 289 19.96 5.47 42.00
C PHE A 289 18.55 5.10 42.51
N THR A 290 17.51 5.71 41.95
CA THR A 290 16.14 5.43 42.39
C THR A 290 15.31 4.63 41.36
N VAL A 291 14.46 3.75 41.85
CA VAL A 291 13.68 2.85 41.00
C VAL A 291 12.17 2.78 41.34
N GLU A 292 11.35 2.65 40.29
CA GLU A 292 9.89 2.51 40.45
C GLU A 292 9.51 1.12 40.96
N GLN A 293 8.30 0.98 41.48
CA GLN A 293 7.83 -0.31 42.00
C GLN A 293 6.60 -0.80 41.26
N VAL A 294 6.45 -2.12 41.16
CA VAL A 294 5.32 -2.71 40.46
C VAL A 294 4.06 -2.76 41.32
N ASP A 295 4.18 -3.28 42.54
CA ASP A 295 3.00 -3.40 43.41
C ASP A 295 2.65 -2.12 44.18
N SER A 296 3.41 -1.05 43.99
CA SER A 296 3.15 0.22 44.68
C SER A 296 3.38 1.42 43.77
N ASP A 297 3.18 2.63 44.30
CA ASP A 297 3.48 3.86 43.58
C ASP A 297 4.69 4.54 44.20
N GLU A 298 5.22 3.90 45.25
CA GLU A 298 6.40 4.42 45.95
C GLU A 298 7.69 4.05 45.20
N THR A 299 8.74 4.83 45.43
CA THR A 299 10.04 4.59 44.81
C THR A 299 11.09 4.14 45.82
N VAL A 300 11.95 3.20 45.40
CA VAL A 300 13.01 2.70 46.28
C VAL A 300 14.40 3.03 45.76
N GLN A 301 15.29 3.47 46.66
CA GLN A 301 16.66 3.80 46.31
C GLN A 301 17.59 2.59 46.51
N TYR A 302 18.50 2.39 45.56
CA TYR A 302 19.47 1.29 45.59
C TYR A 302 20.86 1.79 45.19
N THR A 303 21.90 1.05 45.57
CA THR A 303 23.26 1.40 45.20
C THR A 303 23.76 0.46 44.10
N GLN A 304 24.91 0.78 43.51
CA GLN A 304 25.50 -0.08 42.48
C GLN A 304 25.90 -1.43 43.05
N LYS A 305 26.32 -1.46 44.31
CA LYS A 305 26.69 -2.71 44.97
C LYS A 305 25.45 -3.62 45.15
N ASP A 306 24.33 -3.00 45.49
CA ASP A 306 23.08 -3.74 45.70
C ASP A 306 22.73 -4.47 44.41
N LEU A 307 22.82 -3.75 43.30
CA LEU A 307 22.54 -4.24 41.96
C LEU A 307 23.51 -5.36 41.53
N SER A 308 24.78 -5.08 41.73
CA SER A 308 25.86 -6.01 41.39
C SER A 308 25.72 -7.30 42.16
N ASP A 309 24.99 -7.30 43.27
CA ASP A 309 24.79 -8.58 43.96
C ASP A 309 24.06 -9.57 43.03
N PHE A 310 22.97 -9.07 42.43
CA PHE A 310 22.16 -9.89 41.55
C PHE A 310 22.89 -10.13 40.22
N ILE A 311 23.50 -9.07 39.70
CA ILE A 311 24.19 -9.22 38.42
C ILE A 311 25.33 -10.24 38.52
N GLU A 312 26.18 -10.09 39.54
CA GLU A 312 27.27 -11.04 39.76
C GLU A 312 26.73 -12.45 39.93
N ALA A 313 25.65 -12.61 40.70
CA ALA A 313 25.12 -13.97 40.86
C ALA A 313 24.75 -14.60 39.51
N ARG A 314 24.06 -13.83 38.67
CA ARG A 314 23.64 -14.40 37.38
C ARG A 314 24.82 -14.66 36.43
N VAL A 315 25.73 -13.69 36.28
CA VAL A 315 26.86 -13.88 35.38
C VAL A 315 27.75 -15.04 35.85
N GLU A 316 27.88 -15.19 37.16
CA GLU A 316 28.61 -16.31 37.73
C GLU A 316 27.92 -17.61 37.32
N GLU A 317 26.59 -17.63 37.39
CA GLU A 317 25.87 -18.84 36.96
C GLU A 317 26.10 -19.15 35.48
N ILE A 318 26.11 -18.10 34.66
CA ILE A 318 26.39 -18.27 33.23
C ILE A 318 27.76 -18.91 33.01
N PHE A 319 28.77 -18.39 33.69
CA PHE A 319 30.11 -18.97 33.57
C PHE A 319 30.18 -20.40 34.08
N PHE A 320 29.42 -20.72 35.14
CA PHE A 320 29.37 -22.12 35.59
C PHE A 320 28.76 -23.02 34.53
N GLU A 321 27.76 -22.50 33.82
CA GLU A 321 27.15 -23.26 32.72
C GLU A 321 28.19 -23.49 31.62
N VAL A 322 28.99 -22.46 31.36
CA VAL A 322 30.06 -22.57 30.36
C VAL A 322 31.06 -23.66 30.77
N PHE A 323 31.45 -23.65 32.05
CA PHE A 323 32.37 -24.67 32.55
C PHE A 323 31.76 -26.06 32.42
N ASP A 324 30.45 -26.17 32.64
CA ASP A 324 29.78 -27.45 32.46
C ASP A 324 29.86 -27.92 31.01
N VAL A 325 29.69 -26.98 30.09
CA VAL A 325 29.82 -27.33 28.67
C VAL A 325 31.23 -27.80 28.35
N LEU A 326 32.24 -27.06 28.80
CA LEU A 326 33.63 -27.44 28.55
C LEU A 326 33.96 -28.80 29.16
N GLN A 327 33.43 -29.08 30.34
CA GLN A 327 33.63 -30.38 30.99
C GLN A 327 32.98 -31.49 30.19
N ASP A 328 31.76 -31.25 29.70
CA ASP A 328 31.07 -32.22 28.88
C ASP A 328 31.81 -32.52 27.57
N LEU A 329 32.35 -31.48 26.95
CA LEU A 329 33.06 -31.65 25.68
C LEU A 329 34.49 -32.17 25.87
N GLY A 330 34.92 -32.26 27.13
CA GLY A 330 36.27 -32.70 27.43
C GLY A 330 37.31 -31.68 27.05
N LEU A 331 36.98 -30.41 27.24
CA LEU A 331 37.86 -29.31 26.86
C LEU A 331 38.17 -28.45 28.07
N THR A 332 38.63 -29.09 29.14
CA THR A 332 38.96 -28.42 30.39
C THR A 332 40.23 -27.58 30.32
N LYS A 333 41.23 -28.03 29.56
CA LYS A 333 42.48 -27.31 29.44
C LYS A 333 42.36 -26.16 28.43
N VAL A 334 42.44 -24.93 28.94
CA VAL A 334 42.28 -23.73 28.12
C VAL A 334 43.52 -22.83 28.20
N ASN A 335 44.64 -23.34 27.71
CA ASN A 335 45.92 -22.61 27.75
C ASN A 335 45.92 -21.30 26.95
N GLY A 336 45.09 -21.23 25.91
CA GLY A 336 44.99 -20.03 25.10
C GLY A 336 44.15 -18.93 25.74
N GLY A 337 43.50 -19.27 26.86
CA GLY A 337 42.71 -18.32 27.64
C GLY A 337 41.26 -18.14 27.22
N PHE A 338 40.57 -17.21 27.90
CA PHE A 338 39.16 -16.92 27.65
C PHE A 338 38.93 -15.57 26.98
N ILE A 339 38.07 -15.57 25.98
CA ILE A 339 37.72 -14.37 25.23
C ILE A 339 36.22 -14.17 25.27
N VAL A 340 35.77 -13.16 26.01
CA VAL A 340 34.35 -12.90 26.21
C VAL A 340 33.88 -11.76 25.32
N THR A 341 32.73 -11.96 24.66
CA THR A 341 32.18 -10.93 23.80
C THR A 341 30.64 -10.97 23.83
N GLY A 342 30.01 -10.23 22.91
CA GLY A 342 28.57 -10.12 22.89
C GLY A 342 28.12 -8.91 23.69
N GLY A 343 26.86 -8.52 23.52
CA GLY A 343 26.34 -7.33 24.18
C GLY A 343 26.49 -7.27 25.70
N SER A 344 26.34 -8.40 26.37
CA SER A 344 26.42 -8.45 27.82
C SER A 344 27.85 -8.27 28.32
N ALA A 345 28.80 -8.39 27.41
CA ALA A 345 30.20 -8.14 27.72
C ALA A 345 30.43 -6.64 27.89
N ASN A 346 29.38 -5.85 27.68
CA ASN A 346 29.46 -4.41 27.93
C ASN A 346 29.43 -4.10 29.43
N LEU A 347 29.01 -5.09 30.22
CA LEU A 347 28.90 -4.94 31.67
C LEU A 347 30.25 -4.76 32.34
N LEU A 348 30.34 -3.81 33.27
CA LEU A 348 31.56 -3.66 34.06
C LEU A 348 31.71 -4.87 34.97
N GLY A 349 32.95 -5.28 35.21
CA GLY A 349 33.24 -6.37 36.14
C GLY A 349 33.24 -7.79 35.61
N VAL A 350 32.85 -7.97 34.35
CA VAL A 350 32.81 -9.31 33.76
C VAL A 350 34.19 -9.96 33.74
N LYS A 351 35.16 -9.20 33.23
CA LYS A 351 36.54 -9.67 33.16
C LYS A 351 37.07 -10.02 34.54
N GLU A 352 36.78 -9.16 35.51
CA GLU A 352 37.24 -9.39 36.89
C GLU A 352 36.63 -10.65 37.47
N LEU A 353 35.33 -10.86 37.25
CA LEU A 353 34.64 -12.04 37.76
C LEU A 353 35.20 -13.33 37.17
N LEU A 354 35.30 -13.37 35.84
CA LEU A 354 35.81 -14.58 35.21
C LEU A 354 37.27 -14.81 35.64
N SER A 355 38.05 -13.73 35.73
CA SER A 355 39.43 -13.84 36.21
C SER A 355 39.50 -14.36 37.64
N ASP A 356 38.44 -14.10 38.41
CA ASP A 356 38.37 -14.59 39.77
C ASP A 356 37.94 -16.05 39.75
N MET A 357 37.37 -16.49 38.63
CA MET A 357 36.90 -17.87 38.56
C MET A 357 37.88 -18.84 37.88
N VAL A 358 38.83 -18.32 37.10
CA VAL A 358 39.78 -19.17 36.38
C VAL A 358 41.24 -18.75 36.60
N SER A 359 42.17 -19.67 36.30
CA SER A 359 43.59 -19.38 36.42
C SER A 359 44.21 -18.91 35.10
N GLU A 360 43.41 -18.91 34.03
CA GLU A 360 43.88 -18.52 32.70
C GLU A 360 43.61 -17.05 32.40
N LYS A 361 44.22 -16.57 31.31
CA LYS A 361 44.03 -15.20 30.84
C LYS A 361 42.57 -14.96 30.41
N VAL A 362 42.09 -13.74 30.63
CA VAL A 362 40.73 -13.36 30.28
C VAL A 362 40.74 -12.01 29.58
N ARG A 363 40.02 -11.88 28.47
CA ARG A 363 39.90 -10.58 27.82
C ARG A 363 38.50 -10.38 27.25
N ILE A 364 38.12 -9.12 27.08
CA ILE A 364 36.83 -8.79 26.45
C ILE A 364 37.12 -8.40 25.01
N HIS A 365 36.52 -9.10 24.04
CA HIS A 365 36.76 -8.73 22.66
C HIS A 365 35.76 -7.70 22.14
N THR A 366 36.32 -6.63 21.59
CA THR A 366 35.54 -5.58 20.93
C THR A 366 36.16 -5.35 19.56
N PRO A 367 35.33 -5.37 18.50
CA PRO A 367 35.84 -5.09 17.14
C PRO A 367 36.55 -3.75 17.05
N SER A 368 37.58 -3.69 16.21
CA SER A 368 38.43 -2.52 16.10
C SER A 368 37.89 -1.40 15.20
N GLN A 369 37.11 -1.77 14.19
CA GLN A 369 36.60 -0.81 13.20
C GLN A 369 35.68 0.26 13.77
N MET A 370 35.85 1.50 13.33
CA MET A 370 34.97 2.59 13.74
C MET A 370 33.56 2.30 13.27
N GLY A 371 32.60 2.44 14.17
CA GLY A 371 31.21 2.22 13.85
C GLY A 371 30.71 0.92 14.45
N ILE A 372 31.62 -0.01 14.72
CA ILE A 372 31.23 -1.28 15.33
C ILE A 372 32.04 -1.62 16.57
N ARG A 373 32.59 -0.61 17.23
CA ARG A 373 33.36 -0.83 18.46
C ARG A 373 32.47 -1.15 19.66
N LYS A 374 31.63 -2.16 19.49
CA LYS A 374 30.77 -2.66 20.53
C LYS A 374 30.83 -4.18 20.43
N PRO A 375 30.96 -4.88 21.57
CA PRO A 375 31.10 -6.33 21.46
C PRO A 375 29.94 -7.07 20.79
N GLU A 376 28.74 -6.47 20.78
CA GLU A 376 27.60 -7.14 20.15
C GLU A 376 27.77 -7.30 18.65
N PHE A 377 28.70 -6.55 18.06
CA PHE A 377 28.96 -6.70 16.62
C PHE A 377 29.98 -7.79 16.26
N SER A 378 30.55 -8.44 17.27
CA SER A 378 31.62 -9.42 17.01
C SER A 378 31.22 -10.49 15.99
N SER A 379 30.01 -11.01 16.11
CA SER A 379 29.55 -12.02 15.17
C SER A 379 29.47 -11.45 13.74
N ALA A 380 28.83 -10.30 13.62
CA ALA A 380 28.55 -9.76 12.27
C ALA A 380 29.82 -9.42 11.51
N ILE A 381 30.82 -8.91 12.21
CA ILE A 381 32.06 -8.60 11.54
C ILE A 381 32.79 -9.90 11.20
N SER A 382 32.73 -10.88 12.11
CA SER A 382 33.47 -12.12 11.91
C SER A 382 32.96 -12.85 10.69
N THR A 383 31.66 -12.71 10.47
CA THR A 383 31.01 -13.35 9.34
C THR A 383 31.62 -12.85 8.06
N ILE A 384 31.84 -11.54 8.01
CA ILE A 384 32.45 -11.00 6.82
C ILE A 384 33.80 -11.62 6.59
N SER A 385 34.62 -11.69 7.64
N SER A 385 34.61 -11.68 7.65
CA SER A 385 35.94 -12.27 7.49
CA SER A 385 35.93 -12.29 7.53
C SER A 385 35.84 -13.70 6.98
C SER A 385 35.81 -13.68 6.96
N SER A 386 34.84 -14.43 7.47
CA SER A 386 34.65 -15.81 7.08
C SER A 386 34.43 -15.87 5.58
N SER A 387 33.57 -14.99 5.08
CA SER A 387 33.27 -15.05 3.67
C SER A 387 34.53 -14.74 2.89
N ILE A 388 35.29 -13.78 3.39
CA ILE A 388 36.49 -13.38 2.66
C ILE A 388 37.41 -14.57 2.60
N ALA A 389 37.51 -15.29 3.71
CA ALA A 389 38.42 -16.42 3.74
C ALA A 389 38.08 -17.41 2.65
N PHE A 390 36.79 -17.71 2.51
CA PHE A 390 36.43 -18.73 1.54
C PHE A 390 36.62 -18.19 0.14
N ASP A 391 36.42 -16.88 -0.01
CA ASP A 391 36.63 -16.29 -1.32
C ASP A 391 38.07 -16.51 -1.70
N GLU A 392 38.96 -16.29 -0.74
CA GLU A 392 40.37 -16.46 -0.98
C GLU A 392 40.71 -17.93 -1.21
N LEU A 393 40.01 -18.84 -0.52
CA LEU A 393 40.28 -20.26 -0.70
C LEU A 393 39.88 -20.82 -2.07
N LEU A 394 38.69 -20.47 -2.53
CA LEU A 394 38.16 -20.98 -3.79
C LEU A 394 38.58 -20.13 -4.98
N ASP A 395 39.44 -19.15 -4.69
CA ASP A 395 40.11 -18.28 -5.66
C ASP A 395 39.46 -18.15 -7.03
N GLU B 20 -35.21 6.87 9.32
CA GLU B 20 -33.93 6.87 8.61
C GLU B 20 -33.95 5.97 7.37
N GLU B 21 -32.89 6.08 6.58
CA GLU B 21 -32.76 5.35 5.32
C GLU B 21 -32.75 3.83 5.46
N HIS B 22 -33.69 3.20 4.74
CA HIS B 22 -33.87 1.75 4.70
C HIS B 22 -33.60 1.16 3.33
N TYR B 23 -32.60 0.30 3.24
CA TYR B 23 -32.26 -0.33 1.97
C TYR B 23 -32.49 -1.84 1.99
N TYR B 24 -32.75 -2.38 0.81
CA TYR B 24 -32.98 -3.82 0.61
C TYR B 24 -31.97 -4.33 -0.41
N VAL B 25 -31.17 -5.30 -0.02
CA VAL B 25 -30.16 -5.83 -0.93
C VAL B 25 -30.41 -7.31 -1.21
N SER B 26 -30.52 -7.67 -2.49
CA SER B 26 -30.69 -9.08 -2.83
C SER B 26 -29.49 -9.63 -3.60
N ILE B 27 -29.29 -10.94 -3.46
CA ILE B 27 -28.24 -11.66 -4.16
C ILE B 27 -28.80 -12.89 -4.86
N ASP B 28 -28.47 -13.02 -6.14
CA ASP B 28 -28.83 -14.14 -6.97
C ASP B 28 -27.53 -14.85 -7.38
N ILE B 29 -27.29 -16.03 -6.84
CA ILE B 29 -26.07 -16.79 -7.17
C ILE B 29 -26.34 -17.67 -8.39
N GLY B 30 -26.25 -17.08 -9.57
CA GLY B 30 -26.56 -17.77 -10.82
C GLY B 30 -25.42 -18.55 -11.44
N SER B 31 -25.77 -19.55 -12.23
CA SER B 31 -24.79 -20.35 -12.97
C SER B 31 -23.97 -19.51 -13.94
N SER B 32 -24.58 -18.47 -14.49
CA SER B 32 -23.86 -17.61 -15.42
C SER B 32 -23.22 -16.43 -14.69
N SER B 33 -23.99 -15.74 -13.85
CA SER B 33 -23.45 -14.62 -13.11
C SER B 33 -24.10 -14.41 -11.75
N VAL B 34 -23.33 -13.90 -10.81
CA VAL B 34 -23.88 -13.49 -9.53
C VAL B 34 -24.45 -12.09 -9.74
N LYS B 35 -25.66 -11.87 -9.25
CA LYS B 35 -26.34 -10.59 -9.42
C LYS B 35 -26.74 -10.01 -8.07
N THR B 36 -26.45 -8.74 -7.86
CA THR B 36 -26.84 -8.09 -6.62
C THR B 36 -27.60 -6.81 -6.90
N ILE B 37 -28.68 -6.59 -6.17
CA ILE B 37 -29.45 -5.36 -6.37
C ILE B 37 -29.64 -4.64 -5.06
N VAL B 38 -29.38 -3.33 -5.07
CA VAL B 38 -29.63 -2.46 -3.93
C VAL B 38 -30.81 -1.55 -4.29
N GLY B 39 -31.88 -1.73 -3.54
CA GLY B 39 -33.13 -1.02 -3.74
C GLY B 39 -33.66 -0.32 -2.51
N GLU B 40 -34.57 0.62 -2.74
CA GLU B 40 -35.23 1.37 -1.66
C GLU B 40 -36.72 1.47 -2.02
N LYS B 41 -37.57 1.63 -1.01
CA LYS B 41 -39.00 1.78 -1.27
C LYS B 41 -39.31 3.16 -1.85
N PHE B 42 -40.05 3.17 -2.95
CA PHE B 42 -40.46 4.40 -3.62
C PHE B 42 -41.74 4.16 -4.39
N HIS B 43 -42.64 5.15 -4.33
CA HIS B 43 -43.92 5.14 -5.03
C HIS B 43 -44.62 3.77 -5.06
N ASN B 44 -44.73 3.15 -3.88
CA ASN B 44 -45.37 1.83 -3.74
C ASN B 44 -44.68 0.71 -4.52
N GLY B 45 -43.41 0.91 -4.81
CA GLY B 45 -42.63 -0.07 -5.55
C GLY B 45 -41.17 0.06 -5.16
N ILE B 46 -40.28 -0.39 -6.02
CA ILE B 46 -38.86 -0.36 -5.68
C ILE B 46 -38.05 0.53 -6.60
N ASN B 47 -37.22 1.39 -6.01
CA ASN B 47 -36.27 2.18 -6.77
C ASN B 47 -34.89 1.56 -6.66
N VAL B 48 -34.30 1.20 -7.78
CA VAL B 48 -32.97 0.59 -7.77
C VAL B 48 -31.89 1.66 -7.75
N ILE B 49 -31.09 1.65 -6.70
CA ILE B 49 -30.01 2.61 -6.57
C ILE B 49 -28.66 1.97 -6.84
N GLY B 50 -28.63 0.65 -7.03
CA GLY B 50 -27.35 0.05 -7.34
C GLY B 50 -27.37 -1.40 -7.76
N THR B 51 -26.45 -1.78 -8.64
CA THR B 51 -26.37 -3.17 -9.07
C THR B 51 -24.94 -3.68 -9.11
N GLY B 52 -24.80 -4.99 -9.05
CA GLY B 52 -23.51 -5.65 -9.20
C GLY B 52 -23.72 -6.91 -10.01
N GLN B 53 -22.76 -7.25 -10.85
CA GLN B 53 -22.86 -8.47 -11.63
C GLN B 53 -21.49 -9.02 -11.92
N THR B 54 -21.30 -10.30 -11.63
CA THR B 54 -19.99 -10.91 -11.89
C THR B 54 -20.16 -12.28 -12.53
N TYR B 55 -19.64 -12.43 -13.74
CA TYR B 55 -19.68 -13.69 -14.45
C TYR B 55 -18.61 -14.60 -13.86
N THR B 56 -18.98 -15.84 -13.60
CA THR B 56 -18.08 -16.76 -12.93
C THR B 56 -18.25 -18.21 -13.39
N SER B 57 -17.24 -19.03 -13.10
CA SER B 57 -17.32 -20.46 -13.40
C SER B 57 -17.58 -21.26 -12.12
N GLY B 58 -17.66 -20.55 -10.99
CA GLY B 58 -17.84 -21.19 -9.69
C GLY B 58 -19.17 -21.87 -9.44
N ILE B 59 -20.18 -21.56 -10.24
CA ILE B 59 -21.51 -22.14 -10.06
C ILE B 59 -21.95 -22.95 -11.28
N LYS B 60 -22.40 -24.19 -11.06
CA LYS B 60 -22.89 -25.04 -12.15
C LYS B 60 -24.22 -25.68 -11.79
N ASN B 61 -25.16 -25.67 -12.73
CA ASN B 61 -26.49 -26.23 -12.55
C ASN B 61 -27.17 -25.65 -11.30
N GLY B 62 -26.91 -24.38 -11.05
CA GLY B 62 -27.51 -23.65 -9.94
C GLY B 62 -26.89 -23.90 -8.57
N LEU B 63 -25.86 -24.73 -8.52
CA LEU B 63 -25.21 -25.06 -7.25
C LEU B 63 -23.73 -24.70 -7.26
N ILE B 64 -23.17 -24.50 -6.08
CA ILE B 64 -21.76 -24.17 -5.95
C ILE B 64 -20.87 -25.32 -6.43
N ASP B 65 -20.07 -25.06 -7.45
CA ASP B 65 -19.16 -26.07 -7.99
C ASP B 65 -17.74 -25.91 -7.44
N ASP B 66 -17.37 -24.67 -7.17
CA ASP B 66 -16.07 -24.33 -6.61
C ASP B 66 -16.28 -23.24 -5.57
N PHE B 67 -16.23 -23.63 -4.30
CA PHE B 67 -16.52 -22.73 -3.20
C PHE B 67 -15.73 -21.43 -3.20
N ASP B 68 -14.42 -21.50 -3.35
CA ASP B 68 -13.61 -20.29 -3.30
C ASP B 68 -13.88 -19.32 -4.44
N ILE B 69 -14.06 -19.85 -5.65
CA ILE B 69 -14.36 -19.02 -6.80
C ILE B 69 -15.73 -18.36 -6.61
N ALA B 70 -16.71 -19.15 -6.18
CA ALA B 70 -18.06 -18.64 -5.91
C ALA B 70 -18.02 -17.53 -4.85
N ARG B 71 -17.32 -17.78 -3.77
CA ARG B 71 -17.18 -16.81 -2.68
C ARG B 71 -16.56 -15.50 -3.17
N GLN B 72 -15.49 -15.58 -3.95
CA GLN B 72 -14.87 -14.36 -4.46
C GLN B 72 -15.80 -13.64 -5.43
N ALA B 73 -16.56 -14.38 -6.22
CA ALA B 73 -17.49 -13.77 -7.17
C ALA B 73 -18.59 -13.00 -6.44
N ILE B 74 -19.11 -13.62 -5.37
CA ILE B 74 -20.12 -12.98 -4.55
C ILE B 74 -19.54 -11.71 -3.93
N LYS B 75 -18.33 -11.83 -3.37
CA LYS B 75 -17.65 -10.70 -2.75
C LYS B 75 -17.46 -9.53 -3.74
N ASP B 76 -16.99 -9.85 -4.93
CA ASP B 76 -16.76 -8.84 -5.97
C ASP B 76 -18.07 -8.17 -6.36
N THR B 77 -19.14 -8.95 -6.41
CA THR B 77 -20.45 -8.43 -6.80
C THR B 77 -21.01 -7.50 -5.73
N ILE B 78 -20.84 -7.88 -4.47
CA ILE B 78 -21.28 -7.05 -3.36
C ILE B 78 -20.51 -5.73 -3.38
N LYS B 79 -19.20 -5.80 -3.65
CA LYS B 79 -18.41 -4.58 -3.74
C LYS B 79 -18.89 -3.68 -4.88
N LYS B 80 -19.11 -4.27 -6.06
CA LYS B 80 -19.64 -3.51 -7.20
C LYS B 80 -20.94 -2.78 -6.84
N ALA B 81 -21.86 -3.51 -6.21
CA ALA B 81 -23.15 -2.94 -5.83
C ALA B 81 -22.99 -1.84 -4.77
N SER B 82 -22.04 -2.04 -3.87
CA SER B 82 -21.75 -1.07 -2.81
C SER B 82 -21.22 0.24 -3.39
N ILE B 83 -20.32 0.12 -4.38
CA ILE B 83 -19.77 1.30 -5.03
C ILE B 83 -20.84 2.03 -5.80
N ALA B 84 -21.63 1.27 -6.58
CA ALA B 84 -22.71 1.84 -7.39
C ALA B 84 -23.80 2.53 -6.56
N SER B 85 -24.13 1.96 -5.40
CA SER B 85 -25.23 2.47 -4.57
C SER B 85 -24.79 3.46 -3.50
N GLY B 86 -23.53 3.38 -3.08
CA GLY B 86 -23.02 4.22 -2.02
C GLY B 86 -23.40 3.68 -0.65
N VAL B 87 -23.87 2.44 -0.63
CA VAL B 87 -24.29 1.80 0.61
C VAL B 87 -23.23 0.81 1.08
N ASP B 88 -22.95 0.83 2.38
CA ASP B 88 -22.01 -0.13 2.95
C ASP B 88 -22.81 -1.40 3.24
N ILE B 89 -22.83 -2.30 2.27
CA ILE B 89 -23.64 -3.51 2.37
C ILE B 89 -23.17 -4.47 3.45
N LYS B 90 -24.02 -4.68 4.45
CA LYS B 90 -23.72 -5.56 5.57
C LYS B 90 -24.78 -6.65 5.74
N GLU B 91 -25.98 -6.40 5.23
CA GLU B 91 -27.10 -7.35 5.39
C GLU B 91 -27.79 -7.57 4.05
N VAL B 92 -28.07 -8.82 3.70
CA VAL B 92 -28.65 -9.14 2.39
C VAL B 92 -29.76 -10.17 2.47
N PHE B 93 -30.56 -10.24 1.40
CA PHE B 93 -31.57 -11.27 1.22
C PHE B 93 -31.09 -12.17 0.08
N LEU B 94 -31.16 -13.48 0.29
CA LEU B 94 -30.64 -14.42 -0.69
C LEU B 94 -31.76 -15.24 -1.36
N LYS B 95 -31.78 -15.26 -2.69
CA LYS B 95 -32.72 -16.14 -3.36
C LYS B 95 -32.17 -17.56 -3.30
N LEU B 96 -33.08 -18.54 -3.32
CA LEU B 96 -32.68 -19.94 -3.44
C LEU B 96 -33.35 -20.51 -4.68
N PRO B 97 -32.58 -21.27 -5.49
CA PRO B 97 -33.15 -21.83 -6.72
C PRO B 97 -34.13 -22.95 -6.42
N ILE B 98 -35.00 -23.26 -7.38
CA ILE B 98 -35.99 -24.32 -7.19
C ILE B 98 -35.34 -25.67 -7.49
N ILE B 99 -34.41 -26.04 -6.62
CA ILE B 99 -33.68 -27.29 -6.71
C ILE B 99 -33.79 -27.98 -5.36
N GLY B 100 -34.06 -29.29 -5.35
CA GLY B 100 -34.25 -30.03 -4.13
C GLY B 100 -35.32 -29.40 -3.26
N THR B 101 -36.34 -28.87 -3.91
CA THR B 101 -37.37 -28.07 -3.26
C THR B 101 -38.73 -28.77 -3.23
N GLU B 102 -39.45 -28.60 -2.12
CA GLU B 102 -40.80 -29.13 -1.99
C GLU B 102 -41.79 -28.03 -1.58
N VAL B 103 -42.98 -28.07 -2.17
CA VAL B 103 -44.05 -27.14 -1.83
C VAL B 103 -45.23 -27.91 -1.24
N TYR B 104 -45.72 -27.48 -0.08
CA TYR B 104 -46.86 -28.18 0.54
C TYR B 104 -47.71 -27.27 1.43
N ASP B 105 -48.82 -27.80 1.94
CA ASP B 105 -49.71 -27.02 2.80
C ASP B 105 -49.54 -27.39 4.27
N GLU B 106 -49.70 -26.41 5.15
CA GLU B 106 -49.67 -26.65 6.59
C GLU B 106 -50.46 -25.58 7.32
N SER B 107 -51.04 -25.94 8.47
CA SER B 107 -51.80 -24.99 9.27
C SER B 107 -51.26 -24.87 10.69
N ASN B 108 -51.54 -23.75 11.34
CA ASN B 108 -51.16 -23.58 12.75
C ASN B 108 -52.09 -22.61 13.45
N GLU B 109 -52.27 -22.78 14.75
CA GLU B 109 -53.17 -21.93 15.51
C GLU B 109 -52.58 -21.48 16.86
N ILE B 110 -52.71 -20.20 17.17
CA ILE B 110 -52.28 -19.69 18.48
C ILE B 110 -53.50 -19.23 19.30
N ASP B 111 -53.40 -19.36 20.62
CA ASP B 111 -54.49 -19.06 21.54
C ASP B 111 -54.35 -17.72 22.26
N PHE B 112 -55.49 -17.10 22.54
CA PHE B 112 -55.54 -15.87 23.33
C PHE B 112 -56.42 -16.06 24.57
N TYR B 113 -56.07 -15.39 25.65
CA TYR B 113 -56.80 -15.53 26.90
C TYR B 113 -57.46 -14.23 27.33
N GLU B 114 -57.49 -13.27 26.41
CA GLU B 114 -58.18 -12.00 26.62
C GLU B 114 -58.40 -11.42 25.22
N ASP B 115 -59.30 -10.44 25.10
CA ASP B 115 -59.53 -9.79 23.80
C ASP B 115 -58.23 -9.20 23.26
N THR B 116 -57.85 -9.63 22.06
CA THR B 116 -56.55 -9.26 21.49
C THR B 116 -56.67 -8.60 20.12
N GLU B 117 -56.15 -7.38 19.99
CA GLU B 117 -56.09 -6.74 18.69
C GLU B 117 -54.91 -7.35 17.93
N ILE B 118 -55.22 -8.01 16.82
CA ILE B 118 -54.20 -8.70 16.03
C ILE B 118 -53.25 -7.73 15.35
N ASN B 119 -51.96 -8.02 15.46
CA ASN B 119 -50.94 -7.24 14.77
C ASN B 119 -49.90 -8.18 14.17
N GLY B 120 -48.89 -7.63 13.52
CA GLY B 120 -47.84 -8.41 12.88
C GLY B 120 -47.13 -9.44 13.74
N SER B 121 -47.01 -9.18 15.04
CA SER B 121 -46.32 -10.12 15.93
C SER B 121 -47.08 -11.44 16.11
N HIS B 122 -48.41 -11.37 16.10
CA HIS B 122 -49.23 -12.57 16.23
C HIS B 122 -49.12 -13.41 14.96
N ILE B 123 -49.08 -12.72 13.82
CA ILE B 123 -48.93 -13.37 12.53
C ILE B 123 -47.57 -14.06 12.46
N GLU B 124 -46.52 -13.35 12.87
CA GLU B 124 -45.19 -13.93 12.94
C GLU B 124 -45.16 -15.19 13.82
N LYS B 125 -45.80 -15.14 14.99
CA LYS B 125 -45.83 -16.30 15.89
C LYS B 125 -46.51 -17.52 15.28
N VAL B 126 -47.70 -17.29 14.75
CA VAL B 126 -48.47 -18.38 14.15
C VAL B 126 -47.75 -18.97 12.93
N LEU B 127 -47.07 -18.14 12.15
CA LEU B 127 -46.31 -18.66 11.00
C LEU B 127 -45.07 -19.44 11.46
N GLU B 128 -44.39 -18.94 12.50
CA GLU B 128 -43.21 -19.60 13.06
C GLU B 128 -43.50 -21.04 13.50
N GLY B 129 -44.67 -21.24 14.09
CA GLY B 129 -45.04 -22.58 14.51
C GLY B 129 -45.02 -23.62 13.38
N ILE B 130 -45.33 -23.19 12.17
CA ILE B 130 -45.29 -24.08 11.01
C ILE B 130 -43.86 -24.50 10.68
N ARG B 131 -42.92 -23.56 10.79
CA ARG B 131 -41.51 -23.90 10.59
C ARG B 131 -41.13 -24.98 11.59
N GLU B 132 -41.56 -24.79 12.84
CA GLU B 132 -41.26 -25.79 13.86
C GLU B 132 -41.90 -27.16 13.59
N LYS B 133 -43.07 -27.19 12.97
CA LYS B 133 -43.76 -28.47 12.68
C LYS B 133 -43.02 -29.46 11.75
N ASN B 134 -42.09 -28.97 10.94
CA ASN B 134 -41.34 -29.86 10.04
C ASN B 134 -40.28 -30.68 10.77
N ASP B 135 -40.39 -32.01 10.66
CA ASP B 135 -39.46 -32.90 11.34
C ASP B 135 -38.66 -33.78 10.37
N VAL B 136 -38.63 -33.38 9.11
CA VAL B 136 -37.79 -34.06 8.14
C VAL B 136 -36.37 -33.52 8.27
N GLN B 137 -35.44 -34.35 8.71
CA GLN B 137 -34.06 -33.90 8.92
C GLN B 137 -33.29 -33.47 7.68
N GLU B 138 -33.52 -34.10 6.53
CA GLU B 138 -32.73 -33.75 5.35
C GLU B 138 -33.17 -32.41 4.72
N THR B 139 -34.35 -31.92 5.09
CA THR B 139 -34.85 -30.66 4.53
C THR B 139 -35.07 -29.60 5.60
N GLU B 140 -35.03 -28.34 5.20
CA GLU B 140 -35.36 -27.23 6.08
C GLU B 140 -36.40 -26.33 5.43
N VAL B 141 -37.37 -25.90 6.22
CA VAL B 141 -38.37 -24.98 5.74
C VAL B 141 -37.73 -23.60 5.53
N ILE B 142 -37.88 -23.05 4.33
CA ILE B 142 -37.30 -21.74 4.04
C ILE B 142 -38.36 -20.63 3.92
N ASN B 143 -39.56 -20.97 3.44
CA ASN B 143 -40.63 -19.99 3.36
C ASN B 143 -41.98 -20.53 3.82
N VAL B 144 -42.71 -19.67 4.53
CA VAL B 144 -44.06 -19.94 5.00
C VAL B 144 -44.93 -18.73 4.67
N PHE B 145 -45.92 -18.91 3.81
CA PHE B 145 -46.76 -17.80 3.38
C PHE B 145 -48.23 -18.08 3.61
N PRO B 146 -48.96 -17.10 4.15
CA PRO B 146 -50.38 -17.34 4.46
C PRO B 146 -51.28 -17.43 3.23
N ILE B 147 -52.15 -18.44 3.24
CA ILE B 147 -53.19 -18.56 2.23
C ILE B 147 -54.45 -17.89 2.80
N ARG B 148 -54.75 -18.19 4.06
CA ARG B 148 -55.89 -17.50 4.69
C ARG B 148 -55.75 -17.51 6.20
N PHE B 149 -56.51 -16.63 6.85
CA PHE B 149 -56.51 -16.61 8.30
C PHE B 149 -57.90 -16.91 8.81
N ILE B 150 -57.98 -17.53 9.97
CA ILE B 150 -59.26 -17.80 10.62
C ILE B 150 -59.24 -17.29 12.06
N VAL B 151 -60.08 -16.30 12.32
CA VAL B 151 -60.21 -15.70 13.64
C VAL B 151 -61.32 -16.40 14.43
N ASP B 152 -60.97 -16.79 15.65
CA ASP B 152 -61.87 -17.43 16.61
C ASP B 152 -62.61 -18.63 16.01
N LYS B 153 -61.85 -19.45 15.29
CA LYS B 153 -62.28 -20.71 14.70
C LYS B 153 -63.40 -20.66 13.64
N GLU B 154 -64.05 -19.51 13.48
CA GLU B 154 -65.17 -19.46 12.54
C GLU B 154 -65.03 -18.40 11.45
N ASN B 155 -64.39 -17.27 11.75
CA ASN B 155 -64.34 -16.18 10.77
C ASN B 155 -63.10 -16.12 9.88
N GLU B 156 -63.28 -16.45 8.60
CA GLU B 156 -62.17 -16.39 7.65
C GLU B 156 -61.92 -14.95 7.20
N VAL B 157 -60.66 -14.53 7.26
CA VAL B 157 -60.27 -13.19 6.85
C VAL B 157 -59.00 -13.27 6.00
N SER B 158 -58.87 -12.28 5.13
CA SER B 158 -57.70 -12.12 4.27
C SER B 158 -56.55 -11.54 5.07
N ASP B 159 -56.87 -10.53 5.86
CA ASP B 159 -55.93 -9.81 6.69
C ASP B 159 -56.53 -9.67 8.08
N PRO B 160 -55.91 -10.30 9.09
CA PRO B 160 -56.50 -10.24 10.44
C PRO B 160 -56.08 -9.03 11.27
N LYS B 161 -55.15 -8.21 10.78
CA LYS B 161 -54.65 -7.05 11.54
C LYS B 161 -55.75 -6.06 11.96
N GLU B 162 -55.63 -5.59 13.20
CA GLU B 162 -56.56 -4.60 13.80
C GLU B 162 -57.92 -5.20 14.13
N LEU B 163 -58.12 -6.47 13.78
CA LEU B 163 -59.33 -7.16 14.20
C LEU B 163 -59.13 -7.62 15.63
N ILE B 164 -60.20 -7.63 16.40
CA ILE B 164 -60.10 -8.11 17.77
C ILE B 164 -60.49 -9.58 17.87
N ALA B 165 -59.50 -10.38 18.27
CA ALA B 165 -59.69 -11.80 18.47
C ALA B 165 -59.93 -12.09 19.94
N ARG B 166 -60.92 -12.91 20.22
CA ARG B 166 -61.30 -13.24 21.58
C ARG B 166 -60.74 -14.58 22.04
N HIS B 167 -60.41 -15.46 21.09
CA HIS B 167 -59.93 -16.80 21.45
C HIS B 167 -58.68 -17.27 20.70
N SER B 168 -58.63 -17.09 19.39
CA SER B 168 -57.54 -17.70 18.62
C SER B 168 -57.30 -17.08 17.25
N LEU B 169 -56.10 -17.35 16.72
CA LEU B 169 -55.76 -16.96 15.36
C LEU B 169 -55.14 -18.16 14.66
N LYS B 170 -55.78 -18.62 13.60
CA LYS B 170 -55.27 -19.74 12.83
C LYS B 170 -54.80 -19.26 11.46
N VAL B 171 -53.73 -19.87 10.97
CA VAL B 171 -53.30 -19.61 9.62
C VAL B 171 -53.28 -20.91 8.83
N GLU B 172 -53.77 -20.81 7.60
CA GLU B 172 -53.64 -21.89 6.64
C GLU B 172 -52.63 -21.37 5.64
N ALA B 173 -51.48 -22.04 5.56
CA ALA B 173 -50.35 -21.54 4.82
C ALA B 173 -49.73 -22.50 3.81
N GLY B 174 -48.98 -21.89 2.90
CA GLY B 174 -48.15 -22.61 1.97
C GLY B 174 -46.74 -22.63 2.54
N VAL B 175 -46.05 -23.74 2.31
CA VAL B 175 -44.72 -23.97 2.85
C VAL B 175 -43.77 -24.40 1.73
N ILE B 176 -42.57 -23.84 1.76
CA ILE B 176 -41.51 -24.23 0.83
C ILE B 176 -40.34 -24.73 1.65
N ALA B 177 -39.90 -25.95 1.36
CA ALA B 177 -38.74 -26.54 2.03
C ALA B 177 -37.66 -26.89 1.02
N ILE B 178 -36.41 -26.90 1.45
CA ILE B 178 -35.32 -27.20 0.55
C ILE B 178 -34.34 -28.16 1.22
N GLN B 179 -33.59 -28.92 0.41
CA GLN B 179 -32.51 -29.75 0.93
C GLN B 179 -31.56 -28.89 1.76
N LYS B 180 -31.32 -29.33 3.00
CA LYS B 180 -30.46 -28.58 3.93
C LYS B 180 -29.08 -28.27 3.38
N SER B 181 -28.48 -29.23 2.68
CA SER B 181 -27.16 -29.06 2.12
C SER B 181 -27.05 -27.81 1.23
N ILE B 182 -28.07 -27.59 0.40
CA ILE B 182 -28.09 -26.43 -0.48
C ILE B 182 -28.16 -25.13 0.34
N LEU B 183 -29.14 -25.06 1.23
CA LEU B 183 -29.33 -23.88 2.08
C LEU B 183 -28.05 -23.52 2.85
N ILE B 184 -27.52 -24.51 3.55
CA ILE B 184 -26.32 -24.34 4.35
C ILE B 184 -25.14 -23.87 3.49
N ASN B 185 -24.93 -24.53 2.36
CA ASN B 185 -23.79 -24.16 1.53
C ASN B 185 -23.90 -22.76 0.94
N MET B 186 -25.08 -22.39 0.46
CA MET B 186 -25.27 -21.06 -0.11
C MET B 186 -25.08 -19.97 0.93
N ILE B 187 -25.72 -20.14 2.09
CA ILE B 187 -25.58 -19.16 3.16
C ILE B 187 -24.13 -19.04 3.60
N LYS B 188 -23.48 -20.17 3.80
CA LYS B 188 -22.06 -20.20 4.18
C LYS B 188 -21.19 -19.42 3.19
N CYS B 189 -21.43 -19.65 1.90
CA CYS B 189 -20.65 -18.98 0.88
C CYS B 189 -20.86 -17.47 0.93
N VAL B 190 -22.11 -17.04 1.09
CA VAL B 190 -22.37 -15.61 1.15
C VAL B 190 -21.80 -14.95 2.40
N GLU B 191 -22.03 -15.57 3.56
CA GLU B 191 -21.59 -15.00 4.83
C GLU B 191 -20.07 -15.02 4.96
N ALA B 192 -19.39 -15.80 4.11
CA ALA B 192 -17.94 -15.74 4.09
C ALA B 192 -17.45 -14.41 3.45
N CYS B 193 -18.38 -13.62 2.92
CA CYS B 193 -18.04 -12.34 2.30
C CYS B 193 -18.20 -11.13 3.24
N GLY B 194 -18.33 -11.39 4.53
CA GLY B 194 -18.45 -10.32 5.51
C GLY B 194 -19.83 -9.70 5.55
N VAL B 195 -20.82 -10.50 5.19
CA VAL B 195 -22.20 -10.03 5.14
C VAL B 195 -23.12 -11.00 5.89
N ASP B 196 -24.23 -10.50 6.42
CA ASP B 196 -25.21 -11.37 7.08
C ASP B 196 -26.40 -11.66 6.17
N VAL B 197 -26.82 -12.92 6.11
CA VAL B 197 -28.03 -13.25 5.38
C VAL B 197 -29.22 -13.09 6.32
N LEU B 198 -30.04 -12.08 6.07
CA LEU B 198 -31.22 -11.79 6.89
C LEU B 198 -32.31 -12.82 6.67
N ASP B 199 -32.52 -13.20 5.41
CA ASP B 199 -33.54 -14.18 5.07
C ASP B 199 -33.30 -14.76 3.70
N VAL B 200 -33.89 -15.92 3.43
CA VAL B 200 -33.81 -16.55 2.11
C VAL B 200 -35.20 -16.62 1.50
N TYR B 201 -35.26 -16.49 0.18
CA TYR B 201 -36.53 -16.58 -0.53
C TYR B 201 -36.41 -17.48 -1.74
N SER B 202 -37.17 -18.57 -1.74
CA SER B 202 -37.22 -19.48 -2.87
C SER B 202 -37.79 -18.73 -4.08
N ASP B 203 -37.23 -18.98 -5.26
CA ASP B 203 -37.75 -18.37 -6.50
C ASP B 203 -39.19 -18.79 -6.75
N ALA B 204 -39.58 -19.93 -6.18
CA ALA B 204 -40.95 -20.41 -6.26
C ALA B 204 -41.88 -19.39 -5.61
N TYR B 205 -41.43 -18.78 -4.53
CA TYR B 205 -42.18 -17.69 -3.92
C TYR B 205 -41.97 -16.39 -4.69
N ASN B 206 -40.72 -16.08 -5.00
CA ASN B 206 -40.35 -14.83 -5.68
C ASN B 206 -41.12 -14.51 -6.95
N TYR B 207 -41.25 -15.49 -7.85
CA TYR B 207 -41.86 -15.20 -9.17
C TYR B 207 -43.33 -14.76 -9.12
N GLY B 208 -43.97 -14.93 -7.97
CA GLY B 208 -45.33 -14.44 -7.78
C GLY B 208 -45.39 -12.94 -8.01
N SER B 209 -44.31 -12.25 -7.68
CA SER B 209 -44.20 -10.81 -7.83
C SER B 209 -44.15 -10.28 -9.27
N ILE B 210 -43.77 -11.12 -10.22
CA ILE B 210 -43.69 -10.65 -11.61
C ILE B 210 -45.04 -10.80 -12.31
N LEU B 211 -45.97 -11.49 -11.67
CA LEU B 211 -47.30 -11.72 -12.24
C LEU B 211 -48.29 -10.63 -11.89
N THR B 212 -49.27 -10.42 -12.77
CA THR B 212 -50.38 -9.52 -12.48
C THR B 212 -51.35 -10.27 -11.57
N ALA B 213 -52.23 -9.54 -10.89
CA ALA B 213 -53.23 -10.18 -10.03
C ALA B 213 -54.09 -11.16 -10.82
N THR B 214 -54.41 -10.78 -12.05
CA THR B 214 -55.23 -11.61 -12.94
C THR B 214 -54.54 -12.92 -13.28
N GLU B 215 -53.28 -12.82 -13.68
CA GLU B 215 -52.46 -13.98 -14.00
C GLU B 215 -52.40 -14.92 -12.80
N LYS B 216 -52.06 -14.37 -11.64
CA LYS B 216 -51.94 -15.15 -10.40
C LYS B 216 -53.27 -15.79 -9.98
N GLU B 217 -54.38 -15.18 -10.38
CA GLU B 217 -55.70 -15.72 -10.07
C GLU B 217 -56.10 -16.87 -11.01
N LEU B 218 -56.01 -16.62 -12.32
CA LEU B 218 -56.47 -17.59 -13.32
C LEU B 218 -55.65 -18.88 -13.45
N GLY B 219 -54.35 -18.81 -13.17
CA GLY B 219 -53.50 -19.97 -13.33
C GLY B 219 -52.41 -19.72 -14.35
N ALA B 220 -51.32 -19.11 -13.90
CA ALA B 220 -50.23 -18.70 -14.77
C ALA B 220 -48.95 -19.52 -14.51
N CYS B 221 -48.18 -19.71 -15.58
CA CYS B 221 -46.92 -20.43 -15.48
C CYS B 221 -45.73 -19.52 -15.79
N VAL B 222 -44.82 -19.42 -14.83
CA VAL B 222 -43.57 -18.69 -15.02
C VAL B 222 -42.49 -19.66 -15.47
N ILE B 223 -41.83 -19.31 -16.56
CA ILE B 223 -40.70 -20.08 -17.06
C ILE B 223 -39.48 -19.17 -17.10
N ASP B 224 -38.51 -19.46 -16.25
CA ASP B 224 -37.26 -18.68 -16.22
C ASP B 224 -36.16 -19.51 -16.85
N ILE B 225 -35.71 -19.11 -18.04
CA ILE B 225 -34.65 -19.83 -18.74
C ILE B 225 -33.31 -19.15 -18.51
N GLY B 226 -32.47 -19.75 -17.67
CA GLY B 226 -31.18 -19.19 -17.32
C GLY B 226 -30.08 -19.73 -18.20
N GLU B 227 -28.97 -20.14 -17.59
CA GLU B 227 -27.84 -20.71 -18.33
C GLU B 227 -27.83 -22.24 -18.21
N ASP B 228 -27.86 -22.72 -16.97
CA ASP B 228 -27.87 -24.16 -16.72
C ASP B 228 -29.25 -24.63 -16.29
N VAL B 229 -30.03 -23.73 -15.70
CA VAL B 229 -31.32 -24.11 -15.13
C VAL B 229 -32.47 -23.37 -15.78
N THR B 230 -33.54 -24.10 -16.07
CA THR B 230 -34.82 -23.49 -16.42
C THR B 230 -35.78 -23.77 -15.27
N GLN B 231 -36.33 -22.73 -14.67
CA GLN B 231 -37.25 -22.91 -13.56
C GLN B 231 -38.69 -22.73 -13.98
N VAL B 232 -39.57 -23.52 -13.40
CA VAL B 232 -40.99 -23.53 -13.72
C VAL B 232 -41.80 -23.34 -12.44
N ALA B 233 -42.71 -22.38 -12.43
CA ALA B 233 -43.54 -22.18 -11.25
C ALA B 233 -44.98 -21.84 -11.65
N PHE B 234 -45.94 -22.48 -10.98
CA PHE B 234 -47.35 -22.27 -11.34
C PHE B 234 -48.12 -21.61 -10.20
N TYR B 235 -48.92 -20.60 -10.54
CA TYR B 235 -49.69 -19.85 -9.55
C TYR B 235 -51.17 -19.82 -9.92
N GLU B 236 -52.04 -20.06 -8.94
CA GLU B 236 -53.48 -20.03 -9.17
C GLU B 236 -54.20 -19.59 -7.89
N ARG B 237 -55.33 -18.90 -8.04
CA ARG B 237 -56.07 -18.36 -6.92
C ARG B 237 -55.23 -17.41 -6.07
N GLY B 238 -54.29 -16.73 -6.73
CA GLY B 238 -53.43 -15.75 -6.10
C GLY B 238 -52.27 -16.30 -5.29
N GLU B 239 -52.06 -17.61 -5.35
CA GLU B 239 -50.99 -18.23 -4.58
C GLU B 239 -50.18 -19.24 -5.40
N LEU B 240 -48.97 -19.52 -4.92
CA LEU B 240 -48.12 -20.55 -5.51
C LEU B 240 -48.78 -21.91 -5.36
N VAL B 241 -48.80 -22.68 -6.44
CA VAL B 241 -49.32 -24.05 -6.39
C VAL B 241 -48.18 -25.05 -6.27
N ASP B 242 -47.28 -25.02 -7.24
CA ASP B 242 -46.13 -25.92 -7.25
C ASP B 242 -45.05 -25.37 -8.17
N ALA B 243 -43.86 -25.96 -8.08
CA ALA B 243 -42.73 -25.50 -8.87
C ALA B 243 -41.68 -26.59 -9.04
N ASP B 244 -40.83 -26.45 -10.05
CA ASP B 244 -39.75 -27.40 -10.30
C ASP B 244 -38.69 -26.77 -11.19
N SER B 245 -37.63 -27.52 -11.50
CA SER B 245 -36.61 -27.00 -12.41
C SER B 245 -36.13 -28.08 -13.38
N ILE B 246 -35.55 -27.63 -14.48
CA ILE B 246 -35.09 -28.47 -15.56
C ILE B 246 -33.62 -28.15 -15.81
N GLU B 247 -32.80 -29.18 -15.99
CA GLU B 247 -31.39 -28.95 -16.29
C GLU B 247 -31.16 -28.83 -17.80
N MET B 248 -31.74 -27.77 -18.36
CA MET B 248 -31.62 -27.42 -19.77
C MET B 248 -31.96 -25.94 -19.94
N ALA B 249 -30.99 -25.16 -20.41
CA ALA B 249 -31.19 -23.72 -20.61
C ALA B 249 -30.22 -23.15 -21.65
N GLY B 250 -29.79 -21.90 -21.43
CA GLY B 250 -28.93 -21.18 -22.36
C GLY B 250 -27.63 -21.84 -22.79
N ARG B 251 -26.96 -22.52 -21.85
CA ARG B 251 -25.71 -23.19 -22.15
C ARG B 251 -25.91 -24.25 -23.23
N ASP B 252 -27.04 -24.94 -23.18
CA ASP B 252 -27.36 -25.96 -24.17
C ASP B 252 -27.61 -25.35 -25.55
N ILE B 253 -28.19 -24.14 -25.57
CA ILE B 253 -28.36 -23.41 -26.82
C ILE B 253 -26.99 -23.12 -27.41
N THR B 254 -26.11 -22.57 -26.58
CA THR B 254 -24.74 -22.28 -27.02
C THR B 254 -24.03 -23.53 -27.52
N ASP B 255 -24.18 -24.64 -26.80
CA ASP B 255 -23.55 -25.90 -27.19
C ASP B 255 -24.00 -26.30 -28.58
N ASP B 256 -25.31 -26.19 -28.80
CA ASP B 256 -25.88 -26.54 -30.09
C ASP B 256 -25.37 -25.63 -31.20
N ILE B 257 -25.16 -24.36 -30.88
CA ILE B 257 -24.61 -23.45 -31.87
C ILE B 257 -23.17 -23.80 -32.22
N ALA B 258 -22.34 -24.00 -31.18
CA ALA B 258 -20.94 -24.37 -31.36
C ALA B 258 -20.80 -25.63 -32.21
N GLN B 259 -21.64 -26.63 -31.94
CA GLN B 259 -21.58 -27.87 -32.70
C GLN B 259 -22.09 -27.69 -34.13
N GLY B 260 -23.20 -26.97 -34.27
CA GLY B 260 -23.81 -26.73 -35.58
C GLY B 260 -22.99 -25.90 -36.54
N LEU B 261 -22.30 -24.88 -36.04
CA LEU B 261 -21.49 -24.00 -36.88
C LEU B 261 -20.01 -24.38 -36.87
N ASN B 262 -19.70 -25.47 -36.18
CA ASN B 262 -18.33 -25.98 -36.05
C ASN B 262 -17.37 -24.90 -35.52
N THR B 263 -17.84 -24.12 -34.56
CA THR B 263 -17.05 -23.05 -33.97
C THR B 263 -16.81 -23.32 -32.47
N SER B 264 -16.04 -22.45 -31.81
CA SER B 264 -15.76 -22.60 -30.38
C SER B 264 -16.97 -22.19 -29.53
N TYR B 265 -17.01 -22.64 -28.28
CA TYR B 265 -18.09 -22.26 -27.36
C TYR B 265 -18.12 -20.75 -27.16
N GLU B 266 -16.95 -20.15 -26.98
CA GLU B 266 -16.84 -18.70 -26.79
C GLU B 266 -17.48 -17.92 -27.95
N THR B 267 -17.16 -18.35 -29.16
CA THR B 267 -17.66 -17.70 -30.36
C THR B 267 -19.16 -17.95 -30.47
N ALA B 268 -19.58 -19.18 -30.22
CA ALA B 268 -21.00 -19.53 -30.23
C ALA B 268 -21.82 -18.65 -29.27
N GLU B 269 -21.25 -18.36 -28.09
CA GLU B 269 -21.92 -17.53 -27.09
C GLU B 269 -22.08 -16.11 -27.61
N LYS B 270 -21.00 -15.56 -28.16
CA LYS B 270 -21.06 -14.21 -28.69
C LYS B 270 -22.06 -14.11 -29.85
N VAL B 271 -22.02 -15.11 -30.72
CA VAL B 271 -22.93 -15.19 -31.86
C VAL B 271 -24.38 -15.28 -31.38
N LYS B 272 -24.60 -16.06 -30.32
CA LYS B 272 -25.93 -16.19 -29.74
C LYS B 272 -26.45 -14.85 -29.29
N HIS B 273 -25.61 -14.05 -28.66
CA HIS B 273 -26.05 -12.73 -28.21
C HIS B 273 -26.33 -11.78 -29.38
N GLN B 274 -25.38 -11.71 -30.31
CA GLN B 274 -25.44 -10.78 -31.43
C GLN B 274 -26.53 -11.07 -32.46
N TYR B 275 -26.61 -12.32 -32.93
CA TYR B 275 -27.51 -12.67 -34.02
C TYR B 275 -28.60 -13.70 -33.68
N GLY B 276 -28.66 -14.13 -32.42
CA GLY B 276 -29.61 -15.14 -31.98
C GLY B 276 -31.08 -14.87 -32.25
N HIS B 277 -31.78 -15.91 -32.71
CA HIS B 277 -33.22 -15.83 -33.01
C HIS B 277 -33.82 -17.21 -32.78
N ALA B 278 -34.93 -17.27 -32.04
CA ALA B 278 -35.51 -18.57 -31.70
C ALA B 278 -36.68 -19.03 -32.58
N PHE B 279 -37.12 -18.21 -33.52
CA PHE B 279 -38.18 -18.66 -34.43
C PHE B 279 -37.78 -18.56 -35.89
N TYR B 280 -37.44 -19.71 -36.45
CA TYR B 280 -36.95 -19.88 -37.80
C TYR B 280 -37.68 -19.06 -38.87
N ASP B 281 -39.00 -19.23 -38.97
CA ASP B 281 -39.81 -18.53 -39.98
C ASP B 281 -39.66 -17.01 -39.95
N SER B 282 -39.32 -16.45 -38.80
CA SER B 282 -39.17 -15.00 -38.68
C SER B 282 -37.72 -14.49 -38.77
N ALA B 283 -36.75 -15.40 -38.75
CA ALA B 283 -35.35 -15.00 -38.84
C ALA B 283 -34.96 -14.67 -40.29
N SER B 284 -34.17 -13.61 -40.46
CA SER B 284 -33.79 -13.14 -41.78
C SER B 284 -32.63 -13.92 -42.38
N ASP B 285 -32.78 -14.41 -43.61
CA ASP B 285 -31.68 -15.09 -44.31
C ASP B 285 -30.65 -14.13 -44.89
N GLN B 286 -30.93 -12.83 -44.88
CA GLN B 286 -29.97 -11.88 -45.45
C GLN B 286 -29.11 -11.21 -44.39
N ASP B 287 -29.53 -11.27 -43.12
CA ASP B 287 -28.74 -10.70 -42.05
C ASP B 287 -27.59 -11.68 -41.81
N ILE B 288 -26.40 -11.29 -42.24
CA ILE B 288 -25.26 -12.20 -42.33
C ILE B 288 -24.13 -11.99 -41.31
N PHE B 289 -23.41 -13.07 -40.99
CA PHE B 289 -22.25 -12.99 -40.10
C PHE B 289 -21.23 -14.08 -40.42
N THR B 290 -19.97 -13.86 -40.06
CA THR B 290 -18.89 -14.82 -40.31
C THR B 290 -18.36 -15.45 -39.02
N VAL B 291 -17.98 -16.73 -39.08
CA VAL B 291 -17.52 -17.48 -37.91
C VAL B 291 -16.22 -18.28 -38.13
N GLU B 292 -15.39 -18.34 -37.09
CA GLU B 292 -14.15 -19.11 -37.10
C GLU B 292 -14.43 -20.62 -36.99
N GLN B 293 -13.46 -21.47 -37.37
CA GLN B 293 -13.63 -22.92 -37.27
C GLN B 293 -12.62 -23.57 -36.34
N VAL B 294 -13.03 -24.67 -35.72
CA VAL B 294 -12.18 -25.40 -34.78
C VAL B 294 -11.10 -26.23 -35.49
N ASP B 295 -11.51 -27.08 -36.42
CA ASP B 295 -10.58 -27.98 -37.11
C ASP B 295 -9.84 -27.35 -38.29
N SER B 296 -10.08 -26.07 -38.56
CA SER B 296 -9.41 -25.41 -39.68
C SER B 296 -9.05 -23.96 -39.37
N ASP B 297 -8.45 -23.28 -40.34
CA ASP B 297 -8.14 -21.86 -40.17
C ASP B 297 -9.06 -20.99 -41.04
N GLU B 298 -9.90 -21.64 -41.84
CA GLU B 298 -10.84 -20.95 -42.70
C GLU B 298 -12.04 -20.43 -41.93
N THR B 299 -12.73 -19.44 -42.51
CA THR B 299 -13.92 -18.88 -41.88
C THR B 299 -15.15 -19.22 -42.71
N VAL B 300 -16.24 -19.54 -42.02
CA VAL B 300 -17.48 -19.89 -42.69
C VAL B 300 -18.56 -18.86 -42.40
N GLN B 301 -19.28 -18.47 -43.44
CA GLN B 301 -20.35 -17.50 -43.34
C GLN B 301 -21.70 -18.16 -43.09
N TYR B 302 -22.48 -17.56 -42.19
CA TYR B 302 -23.82 -18.04 -41.85
C TYR B 302 -24.77 -16.85 -41.75
N THR B 303 -26.06 -17.12 -41.91
CA THR B 303 -27.10 -16.12 -41.75
C THR B 303 -27.90 -16.34 -40.46
N GLN B 304 -28.80 -15.41 -40.13
CA GLN B 304 -29.60 -15.51 -38.92
C GLN B 304 -30.58 -16.70 -38.89
N LYS B 305 -31.16 -17.07 -40.04
CA LYS B 305 -32.05 -18.23 -40.12
C LYS B 305 -31.28 -19.55 -39.91
N ASP B 306 -30.06 -19.60 -40.47
CA ASP B 306 -29.22 -20.78 -40.33
C ASP B 306 -29.02 -21.07 -38.86
N LEU B 307 -28.70 -20.00 -38.14
CA LEU B 307 -28.48 -20.02 -36.69
C LEU B 307 -29.77 -20.39 -35.94
N SER B 308 -30.85 -19.73 -36.33
CA SER B 308 -32.17 -19.93 -35.73
C SER B 308 -32.65 -21.36 -35.87
N ASP B 309 -32.11 -22.10 -36.81
CA ASP B 309 -32.52 -23.50 -36.94
C ASP B 309 -32.14 -24.27 -35.67
N PHE B 310 -30.90 -24.08 -35.22
CA PHE B 310 -30.39 -24.74 -34.03
C PHE B 310 -31.00 -24.14 -32.78
N ILE B 311 -31.09 -22.81 -32.75
CA ILE B 311 -31.66 -22.14 -31.58
C ILE B 311 -33.13 -22.55 -31.35
N GLU B 312 -33.93 -22.49 -32.41
CA GLU B 312 -35.33 -22.89 -32.32
C GLU B 312 -35.44 -24.34 -31.87
N ALA B 313 -34.60 -25.22 -32.42
CA ALA B 313 -34.69 -26.62 -32.00
C ALA B 313 -34.47 -26.77 -30.48
N ARG B 314 -33.45 -26.10 -29.95
CA ARG B 314 -33.17 -26.25 -28.52
C ARG B 314 -34.24 -25.61 -27.62
N VAL B 315 -34.65 -24.38 -27.93
CA VAL B 315 -35.66 -23.71 -27.13
C VAL B 315 -36.99 -24.49 -27.16
N GLU B 316 -37.30 -25.07 -28.32
CA GLU B 316 -38.48 -25.89 -28.46
C GLU B 316 -38.37 -27.09 -27.51
N GLU B 317 -37.20 -27.70 -27.46
CA GLU B 317 -37.00 -28.83 -26.55
C GLU B 317 -37.19 -28.40 -25.09
N ILE B 318 -36.68 -27.22 -24.75
CA ILE B 318 -36.86 -26.69 -23.40
C ILE B 318 -38.33 -26.55 -23.05
N PHE B 319 -39.13 -25.98 -23.97
CA PHE B 319 -40.56 -25.86 -23.72
C PHE B 319 -41.26 -27.22 -23.61
N PHE B 320 -40.80 -28.21 -24.37
CA PHE B 320 -41.36 -29.57 -24.22
C PHE B 320 -41.07 -30.12 -22.82
N GLU B 321 -39.88 -29.83 -22.31
CA GLU B 321 -39.51 -30.25 -20.97
C GLU B 321 -40.42 -29.57 -19.93
N VAL B 322 -40.71 -28.30 -20.18
CA VAL B 322 -41.63 -27.55 -19.31
C VAL B 322 -43.02 -28.19 -19.31
N PHE B 323 -43.50 -28.55 -20.50
CA PHE B 323 -44.81 -29.21 -20.60
C PHE B 323 -44.81 -30.53 -19.85
N ASP B 324 -43.69 -31.25 -19.90
CA ASP B 324 -43.57 -32.49 -19.15
C ASP B 324 -43.66 -32.24 -17.65
N VAL B 325 -43.04 -31.17 -17.19
CA VAL B 325 -43.12 -30.82 -15.78
C VAL B 325 -44.56 -30.51 -15.38
N LEU B 326 -45.24 -29.69 -16.17
CA LEU B 326 -46.63 -29.34 -15.89
C LEU B 326 -47.54 -30.57 -15.88
N GLN B 327 -47.29 -31.51 -16.80
CA GLN B 327 -48.05 -32.75 -16.84
C GLN B 327 -47.80 -33.59 -15.58
N ASP B 328 -46.54 -33.67 -15.17
CA ASP B 328 -46.18 -34.38 -13.94
C ASP B 328 -46.83 -33.80 -12.70
N LEU B 329 -46.88 -32.46 -12.63
CA LEU B 329 -47.49 -31.78 -11.49
C LEU B 329 -49.02 -31.74 -11.55
N GLY B 330 -49.58 -32.16 -12.68
CA GLY B 330 -51.01 -32.13 -12.88
C GLY B 330 -51.54 -30.71 -13.06
N LEU B 331 -50.75 -29.88 -13.73
CA LEU B 331 -51.10 -28.47 -13.92
C LEU B 331 -51.17 -28.12 -15.40
N THR B 332 -51.95 -28.89 -16.14
CA THR B 332 -52.08 -28.71 -17.58
C THR B 332 -52.87 -27.47 -17.98
N LYS B 333 -53.89 -27.12 -17.20
CA LYS B 333 -54.72 -25.95 -17.50
C LYS B 333 -54.01 -24.65 -17.06
N VAL B 334 -53.63 -23.83 -18.04
CA VAL B 334 -52.90 -22.59 -17.78
C VAL B 334 -53.66 -21.37 -18.34
N ASN B 335 -54.84 -21.11 -17.77
CA ASN B 335 -55.68 -20.01 -18.23
C ASN B 335 -55.06 -18.62 -18.07
N GLY B 336 -54.18 -18.46 -17.09
CA GLY B 336 -53.52 -17.19 -16.86
C GLY B 336 -52.37 -16.92 -17.81
N GLY B 337 -52.03 -17.94 -18.60
CA GLY B 337 -50.99 -17.83 -19.62
C GLY B 337 -49.56 -18.08 -19.19
N PHE B 338 -48.64 -17.89 -20.12
CA PHE B 338 -47.22 -18.14 -19.88
C PHE B 338 -46.39 -16.85 -19.81
N ILE B 339 -45.53 -16.80 -18.81
CA ILE B 339 -44.65 -15.65 -18.60
C ILE B 339 -43.20 -16.15 -18.58
N VAL B 340 -42.47 -15.82 -19.63
CA VAL B 340 -41.10 -16.28 -19.81
C VAL B 340 -40.11 -15.19 -19.41
N THR B 341 -39.09 -15.56 -18.66
CA THR B 341 -38.07 -14.62 -18.23
C THR B 341 -36.71 -15.30 -18.12
N GLY B 342 -35.73 -14.62 -17.51
CA GLY B 342 -34.38 -15.13 -17.43
C GLY B 342 -33.54 -14.66 -18.59
N GLY B 343 -32.22 -14.79 -18.47
CA GLY B 343 -31.31 -14.29 -19.50
C GLY B 343 -31.58 -14.77 -20.92
N SER B 344 -31.98 -16.03 -21.08
CA SER B 344 -32.21 -16.59 -22.41
C SER B 344 -33.48 -16.01 -23.04
N ALA B 345 -34.29 -15.34 -22.23
CA ALA B 345 -35.47 -14.66 -22.73
C ALA B 345 -35.07 -13.39 -23.47
N ASN B 346 -33.78 -13.11 -23.52
CA ASN B 346 -33.26 -11.98 -24.31
C ASN B 346 -33.25 -12.32 -25.80
N LEU B 347 -33.39 -13.59 -26.11
CA LEU B 347 -33.40 -14.09 -27.48
C LEU B 347 -34.64 -13.63 -28.24
N LEU B 348 -34.45 -13.13 -29.46
CA LEU B 348 -35.58 -12.78 -30.30
C LEU B 348 -36.29 -14.07 -30.72
N GLY B 349 -37.60 -14.03 -30.89
CA GLY B 349 -38.35 -15.17 -31.36
C GLY B 349 -38.88 -16.17 -30.33
N VAL B 350 -38.52 -15.97 -29.07
CA VAL B 350 -38.98 -16.86 -28.00
C VAL B 350 -40.51 -16.83 -27.85
N LYS B 351 -41.06 -15.62 -27.78
CA LYS B 351 -42.49 -15.42 -27.63
C LYS B 351 -43.26 -16.05 -28.80
N GLU B 352 -42.78 -15.85 -30.01
CA GLU B 352 -43.44 -16.41 -31.20
C GLU B 352 -43.45 -17.94 -31.17
N LEU B 353 -42.32 -18.52 -30.77
CA LEU B 353 -42.21 -19.98 -30.70
C LEU B 353 -43.19 -20.57 -29.69
N LEU B 354 -43.16 -20.05 -28.46
CA LEU B 354 -44.07 -20.58 -27.45
C LEU B 354 -45.52 -20.35 -27.84
N SER B 355 -45.80 -19.18 -28.42
CA SER B 355 -47.15 -18.88 -28.92
C SER B 355 -47.56 -19.86 -30.00
N ASP B 356 -46.59 -20.40 -30.74
CA ASP B 356 -46.88 -21.39 -31.76
C ASP B 356 -47.08 -22.75 -31.12
N MET B 357 -46.62 -22.92 -29.89
CA MET B 357 -46.74 -24.22 -29.23
C MET B 357 -47.94 -24.35 -28.28
N VAL B 358 -48.51 -23.23 -27.85
CA VAL B 358 -49.64 -23.23 -26.92
C VAL B 358 -50.81 -22.39 -27.40
N SER B 359 -52.00 -22.64 -26.85
CA SER B 359 -53.19 -21.87 -27.19
C SER B 359 -53.40 -20.69 -26.24
N GLU B 360 -52.56 -20.60 -25.21
CA GLU B 360 -52.68 -19.54 -24.20
C GLU B 360 -51.81 -18.32 -24.49
N LYS B 361 -52.04 -17.24 -23.74
CA LYS B 361 -51.25 -16.02 -23.86
C LYS B 361 -49.79 -16.25 -23.50
N VAL B 362 -48.89 -15.53 -24.16
CA VAL B 362 -47.46 -15.61 -23.88
C VAL B 362 -46.85 -14.21 -23.79
N ARG B 363 -46.03 -13.98 -22.76
CA ARG B 363 -45.31 -12.72 -22.68
C ARG B 363 -43.89 -12.91 -22.12
N ILE B 364 -43.01 -11.96 -22.44
CA ILE B 364 -41.66 -11.97 -21.89
C ILE B 364 -41.59 -10.96 -20.76
N HIS B 365 -41.24 -11.40 -19.56
CA HIS B 365 -41.14 -10.45 -18.45
C HIS B 365 -39.75 -9.84 -18.32
N THR B 366 -39.73 -8.52 -18.29
CA THR B 366 -38.52 -7.75 -18.06
C THR B 366 -38.82 -6.75 -16.97
N PRO B 367 -37.98 -6.70 -15.92
CA PRO B 367 -38.16 -5.71 -14.85
C PRO B 367 -38.23 -4.28 -15.38
N SER B 368 -39.05 -3.47 -14.72
CA SER B 368 -39.30 -2.10 -15.18
C SER B 368 -38.25 -1.08 -14.74
N GLN B 369 -37.62 -1.33 -13.59
CA GLN B 369 -36.68 -0.36 -13.03
C GLN B 369 -35.47 -0.14 -13.93
N MET B 370 -35.11 1.14 -14.08
CA MET B 370 -33.95 1.50 -14.87
C MET B 370 -32.72 0.95 -14.16
N GLY B 371 -31.87 0.25 -14.91
CA GLY B 371 -30.67 -0.33 -14.34
C GLY B 371 -30.71 -1.84 -14.38
N ILE B 372 -31.92 -2.39 -14.30
CA ILE B 372 -32.11 -3.83 -14.32
C ILE B 372 -33.11 -4.29 -15.39
N ARG B 373 -33.27 -3.49 -16.44
CA ARG B 373 -34.20 -3.86 -17.51
C ARG B 373 -33.69 -4.97 -18.41
N LYS B 374 -33.32 -6.09 -17.81
CA LYS B 374 -32.89 -7.27 -18.54
C LYS B 374 -33.54 -8.43 -17.81
N PRO B 375 -34.13 -9.39 -18.55
CA PRO B 375 -34.88 -10.45 -17.85
C PRO B 375 -34.06 -11.29 -16.85
N GLU B 376 -32.74 -11.29 -16.98
CA GLU B 376 -31.91 -12.05 -16.04
C GLU B 376 -32.01 -11.54 -14.62
N PHE B 377 -32.48 -10.30 -14.46
CA PHE B 377 -32.60 -9.73 -13.13
C PHE B 377 -33.92 -10.03 -12.43
N SER B 378 -34.83 -10.73 -13.12
CA SER B 378 -36.17 -10.96 -12.55
C SER B 378 -36.14 -11.60 -11.17
N SER B 379 -35.26 -12.59 -10.98
CA SER B 379 -35.17 -13.22 -9.68
C SER B 379 -34.73 -12.23 -8.61
N ALA B 380 -33.65 -11.50 -8.88
CA ALA B 380 -33.05 -10.65 -7.85
C ALA B 380 -33.98 -9.51 -7.41
N ILE B 381 -34.72 -8.96 -8.35
CA ILE B 381 -35.64 -7.89 -7.99
C ILE B 381 -36.86 -8.47 -7.25
N SER B 382 -37.36 -9.63 -7.69
CA SER B 382 -38.54 -10.18 -7.05
C SER B 382 -38.22 -10.58 -5.61
N THR B 383 -36.95 -10.95 -5.38
CA THR B 383 -36.51 -11.28 -4.03
C THR B 383 -36.70 -10.09 -3.12
N ILE B 384 -36.33 -8.92 -3.62
CA ILE B 384 -36.52 -7.72 -2.84
C ILE B 384 -38.00 -7.54 -2.56
N SER B 385 -38.84 -7.75 -3.58
CA SER B 385 -40.28 -7.60 -3.39
C SER B 385 -40.79 -8.55 -2.31
N SER B 386 -40.25 -9.77 -2.33
CA SER B 386 -40.67 -10.76 -1.36
C SER B 386 -40.36 -10.25 0.03
N SER B 387 -39.15 -9.73 0.20
CA SER B 387 -38.77 -9.27 1.51
C SER B 387 -39.68 -8.14 1.94
N ILE B 388 -39.99 -7.24 1.02
CA ILE B 388 -40.82 -6.11 1.38
C ILE B 388 -42.17 -6.62 1.81
N ALA B 389 -42.68 -7.61 1.06
CA ALA B 389 -44.00 -8.12 1.37
C ALA B 389 -44.05 -8.64 2.79
N PHE B 390 -43.03 -9.41 3.17
CA PHE B 390 -43.07 -9.98 4.50
C PHE B 390 -42.90 -8.91 5.55
N ASP B 391 -42.11 -7.88 5.22
CA ASP B 391 -41.93 -6.81 6.17
C ASP B 391 -43.29 -6.22 6.44
N GLU B 392 -44.01 -5.94 5.36
CA GLU B 392 -45.31 -5.31 5.47
C GLU B 392 -46.27 -6.24 6.20
N LEU B 393 -46.12 -7.54 6.00
CA LEU B 393 -46.98 -8.50 6.70
C LEU B 393 -46.66 -8.54 8.21
N LEU B 394 -45.37 -8.58 8.58
CA LEU B 394 -45.03 -8.74 10.00
C LEU B 394 -44.91 -7.45 10.81
N ASP B 395 -45.22 -6.31 10.19
CA ASP B 395 -45.21 -5.04 10.90
C ASP B 395 -46.61 -4.58 11.24
N HIS C 22 16.48 45.74 32.60
CA HIS C 22 16.61 44.29 32.69
C HIS C 22 16.63 43.61 31.34
N TYR C 23 17.76 42.97 31.04
CA TYR C 23 17.90 42.23 29.79
C TYR C 23 18.10 40.74 30.05
N TYR C 24 17.71 39.93 29.07
CA TYR C 24 17.89 38.48 29.15
C TYR C 24 18.71 38.04 27.94
N VAL C 25 19.85 37.41 28.19
CA VAL C 25 20.72 36.97 27.12
C VAL C 25 20.85 35.46 27.10
N SER C 26 20.51 34.84 25.97
CA SER C 26 20.65 33.40 25.85
C SER C 26 21.73 33.01 24.84
N ILE C 27 22.33 31.85 25.10
CA ILE C 27 23.36 31.28 24.24
C ILE C 27 23.01 29.84 23.91
N ASP C 28 23.06 29.53 22.62
CA ASP C 28 22.84 28.22 22.07
C ASP C 28 24.14 27.78 21.41
N ILE C 29 24.83 26.81 22.00
CA ILE C 29 26.08 26.34 21.45
C ILE C 29 25.82 25.19 20.47
N GLY C 30 25.49 25.54 19.24
CA GLY C 30 25.14 24.56 18.24
C GLY C 30 26.31 23.95 17.47
N SER C 31 26.10 22.74 16.97
CA SER C 31 27.10 22.05 16.16
C SER C 31 27.42 22.82 14.88
N SER C 32 26.44 23.53 14.34
CA SER C 32 26.67 24.32 13.12
C SER C 32 27.07 25.75 13.46
N SER C 33 26.31 26.40 14.36
CA SER C 33 26.63 27.76 14.73
C SER C 33 26.24 28.08 16.16
N VAL C 34 26.99 28.97 16.79
CA VAL C 34 26.61 29.49 18.09
C VAL C 34 25.64 30.64 17.86
N LYS C 35 24.55 30.63 18.63
CA LYS C 35 23.51 31.64 18.52
C LYS C 35 23.30 32.35 19.83
N THR C 36 23.25 33.67 19.79
CA THR C 36 23.02 34.46 21.00
C THR C 36 21.89 35.45 20.78
N ILE C 37 21.01 35.57 21.77
CA ILE C 37 19.92 36.54 21.66
C ILE C 37 19.85 37.44 22.88
N VAL C 38 19.73 38.74 22.63
CA VAL C 38 19.51 39.74 23.68
C VAL C 38 18.08 40.24 23.58
N GLY C 39 17.32 39.94 24.64
CA GLY C 39 15.90 40.22 24.71
C GLY C 39 15.46 41.01 25.92
N GLU C 40 14.23 41.52 25.87
CA GLU C 40 13.61 42.26 26.97
C GLU C 40 12.25 41.65 27.28
N LYS C 41 11.85 41.65 28.55
CA LYS C 41 10.53 41.16 28.89
C LYS C 41 9.56 42.27 28.51
N PHE C 42 8.52 41.90 27.76
CA PHE C 42 7.56 42.90 27.31
C PHE C 42 6.21 42.22 27.17
N HIS C 43 5.19 42.86 27.76
CA HIS C 43 3.81 42.36 27.83
C HIS C 43 3.59 40.85 27.69
N ASN C 44 4.10 40.07 28.64
CA ASN C 44 3.92 38.62 28.61
C ASN C 44 4.59 37.94 27.42
N GLY C 45 5.60 38.61 26.87
CA GLY C 45 6.36 38.07 25.77
C GLY C 45 7.78 38.65 25.74
N ILE C 46 8.45 38.54 24.61
CA ILE C 46 9.84 39.02 24.49
C ILE C 46 10.12 39.98 23.32
N ASN C 47 10.82 41.08 23.59
CA ASN C 47 11.29 41.93 22.49
C ASN C 47 12.78 41.69 22.25
N VAL C 48 13.15 41.30 21.03
CA VAL C 48 14.55 41.04 20.69
C VAL C 48 15.25 42.32 20.26
N ILE C 49 16.26 42.72 21.03
CA ILE C 49 17.00 43.92 20.70
C ILE C 49 18.35 43.59 20.08
N GLY C 50 18.74 42.32 20.09
CA GLY C 50 20.01 41.99 19.46
C GLY C 50 20.33 40.53 19.26
N THR C 51 21.07 40.20 18.20
CA THR C 51 21.45 38.81 17.96
C THR C 51 22.92 38.65 17.55
N GLY C 52 23.42 37.44 17.73
CA GLY C 52 24.76 37.07 17.28
C GLY C 52 24.73 35.65 16.74
N GLN C 53 25.49 35.40 15.69
CA GLN C 53 25.57 34.05 15.14
C GLN C 53 26.94 33.81 14.52
N THR C 54 27.58 32.72 14.92
CA THR C 54 28.91 32.39 14.40
C THR C 54 29.05 30.92 14.06
N TYR C 55 29.32 30.64 12.80
CA TYR C 55 29.53 29.28 12.35
C TYR C 55 30.90 28.79 12.80
N THR C 56 30.96 27.57 13.32
CA THR C 56 32.21 27.05 13.86
C THR C 56 32.37 25.55 13.65
N SER C 57 33.61 25.07 13.75
CA SER C 57 33.89 23.64 13.67
C SER C 57 34.22 23.07 15.05
N GLY C 58 34.22 23.95 16.05
CA GLY C 58 34.58 23.59 17.42
C GLY C 58 33.58 22.69 18.14
N ILE C 59 32.37 22.58 17.61
CA ILE C 59 31.33 21.79 18.25
C ILE C 59 30.87 20.64 17.37
N LYS C 60 30.83 19.44 17.92
CA LYS C 60 30.36 18.27 17.17
C LYS C 60 29.37 17.48 18.01
N ASN C 61 28.28 17.04 17.38
CA ASN C 61 27.24 16.28 18.05
C ASN C 61 26.72 16.99 19.31
N GLY C 62 26.68 18.32 19.23
CA GLY C 62 26.16 19.13 20.32
C GLY C 62 27.10 19.33 21.48
N LEU C 63 28.30 18.77 21.40
CA LEU C 63 29.28 18.88 22.47
C LEU C 63 30.59 19.51 22.00
N ILE C 64 31.35 20.06 22.93
CA ILE C 64 32.63 20.69 22.62
C ILE C 64 33.65 19.69 22.07
N ASP C 65 34.10 19.93 20.84
CA ASP C 65 35.12 19.07 20.22
C ASP C 65 36.52 19.67 20.36
N ASP C 66 36.59 20.99 20.33
CA ASP C 66 37.84 21.72 20.47
C ASP C 66 37.57 22.95 21.31
N PHE C 67 38.00 22.91 22.57
CA PHE C 67 37.71 23.98 23.53
C PHE C 67 38.07 25.37 23.04
N ASP C 68 39.29 25.57 22.53
CA ASP C 68 39.71 26.91 22.12
C ASP C 68 38.89 27.48 20.96
N ILE C 69 38.59 26.63 19.97
CA ILE C 69 37.80 27.06 18.82
C ILE C 69 36.38 27.40 19.25
N ALA C 70 35.80 26.54 20.08
CA ALA C 70 34.45 26.76 20.61
C ALA C 70 34.38 28.06 21.41
N ARG C 71 35.36 28.23 22.29
CA ARG C 71 35.45 29.43 23.11
C ARG C 71 35.52 30.70 22.27
N GLN C 72 36.35 30.69 21.23
CA GLN C 72 36.45 31.86 20.36
C GLN C 72 35.14 32.10 19.61
N ALA C 73 34.45 31.03 19.21
CA ALA C 73 33.17 31.21 18.53
C ALA C 73 32.10 31.82 19.45
N ILE C 74 32.05 31.34 20.69
CA ILE C 74 31.12 31.88 21.67
C ILE C 74 31.43 33.34 21.93
N LYS C 75 32.72 33.65 22.13
CA LYS C 75 33.16 35.02 22.37
C LYS C 75 32.77 35.94 21.21
N ASP C 76 33.01 35.50 19.97
CA ASP C 76 32.65 36.31 18.81
C ASP C 76 31.16 36.55 18.75
N THR C 77 30.40 35.53 19.13
CA THR C 77 28.94 35.64 19.08
C THR C 77 28.41 36.62 20.13
N ILE C 78 29.00 36.56 21.33
CA ILE C 78 28.63 37.47 22.40
C ILE C 78 28.97 38.90 21.98
N LYS C 79 30.12 39.07 21.32
CA LYS C 79 30.50 40.40 20.83
C LYS C 79 29.49 40.91 19.83
N LYS C 80 29.16 40.08 18.84
CA LYS C 80 28.16 40.44 17.82
C LYS C 80 26.84 40.88 18.46
N ALA C 81 26.36 40.10 19.42
CA ALA C 81 25.10 40.42 20.10
C ALA C 81 25.21 41.72 20.90
N SER C 82 26.36 41.94 21.52
CA SER C 82 26.60 43.14 22.30
C SER C 82 26.56 44.39 21.43
N ILE C 83 27.19 44.30 20.26
CA ILE C 83 27.22 45.40 19.32
C ILE C 83 25.82 45.67 18.77
N ALA C 84 25.12 44.60 18.39
CA ALA C 84 23.78 44.72 17.84
C ALA C 84 22.77 45.30 18.86
N SER C 85 22.91 44.94 20.13
CA SER C 85 21.95 45.36 21.14
C SER C 85 22.33 46.64 21.88
N GLY C 86 23.62 46.92 21.95
CA GLY C 86 24.12 48.07 22.71
C GLY C 86 24.23 47.76 24.18
N VAL C 87 24.17 46.48 24.51
CA VAL C 87 24.27 46.02 25.89
C VAL C 87 25.64 45.43 26.16
N ASP C 88 26.22 45.77 27.31
CA ASP C 88 27.49 45.18 27.71
C ASP C 88 27.19 43.85 28.39
N ILE C 89 27.18 42.79 27.60
CA ILE C 89 26.80 41.46 28.08
C ILE C 89 27.78 40.89 29.09
N LYS C 90 27.29 40.67 30.31
CA LYS C 90 28.09 40.12 31.40
C LYS C 90 27.47 38.86 31.99
N GLU C 91 26.17 38.69 31.81
CA GLU C 91 25.45 37.57 32.41
C GLU C 91 24.55 36.92 31.37
N VAL C 92 24.58 35.58 31.29
CA VAL C 92 23.82 34.88 30.26
C VAL C 92 23.09 33.64 30.78
N PHE C 93 22.14 33.18 29.99
CA PHE C 93 21.45 31.90 30.24
C PHE C 93 21.87 30.93 29.14
N LEU C 94 22.24 29.72 29.53
CA LEU C 94 22.77 28.75 28.57
C LEU C 94 21.82 27.58 28.33
N LYS C 95 21.49 27.32 27.07
CA LYS C 95 20.70 26.13 26.77
C LYS C 95 21.61 24.93 26.85
N LEU C 96 21.02 23.79 27.20
CA LEU C 96 21.73 22.52 27.16
C LEU C 96 20.96 21.57 26.25
N PRO C 97 21.69 20.86 25.37
CA PRO C 97 21.03 19.95 24.44
C PRO C 97 20.50 18.73 25.18
N ILE C 98 19.57 18.01 24.57
CA ILE C 98 19.00 16.82 25.21
C ILE C 98 19.93 15.63 24.96
N ILE C 99 21.11 15.72 25.57
CA ILE C 99 22.15 14.70 25.46
C ILE C 99 22.60 14.31 26.86
N GLY C 100 22.75 13.02 27.10
CA GLY C 100 23.11 12.50 28.41
C GLY C 100 22.13 13.03 29.45
N THR C 101 20.88 13.17 29.03
CA THR C 101 19.84 13.79 29.83
C THR C 101 18.78 12.80 30.27
N GLU C 102 18.28 12.98 31.49
CA GLU C 102 17.18 12.18 32.02
C GLU C 102 16.04 13.07 32.52
N VAL C 103 14.81 12.65 32.22
CA VAL C 103 13.62 13.35 32.70
C VAL C 103 12.87 12.40 33.63
N TYR C 104 12.54 12.86 34.83
CA TYR C 104 11.81 12.02 35.77
C TYR C 104 10.94 12.82 36.72
N ASP C 105 10.15 12.12 37.53
CA ASP C 105 9.28 12.79 38.50
C ASP C 105 9.88 12.72 39.88
N GLU C 106 9.63 13.75 40.68
CA GLU C 106 10.09 13.77 42.07
C GLU C 106 9.19 14.68 42.89
N SER C 107 9.04 14.37 44.17
CA SER C 107 8.24 15.19 45.06
C SER C 107 9.08 15.68 46.22
N ASN C 108 8.66 16.79 46.81
CA ASN C 108 9.33 17.29 48.01
C ASN C 108 8.36 18.10 48.85
N GLU C 109 8.57 18.12 50.15
CA GLU C 109 7.67 18.85 51.04
C GLU C 109 8.42 19.63 52.11
N ILE C 110 8.03 20.88 52.32
CA ILE C 110 8.61 21.68 53.40
C ILE C 110 7.56 21.91 54.48
N ASP C 111 8.02 22.00 55.73
CA ASP C 111 7.14 22.11 56.89
C ASP C 111 7.05 23.52 57.48
N PHE C 112 5.86 23.87 57.98
CA PHE C 112 5.66 25.13 58.67
C PHE C 112 5.12 24.89 60.09
N TYR C 113 5.52 25.73 61.03
CA TYR C 113 5.11 25.59 62.43
C TYR C 113 4.30 26.80 62.89
N GLU C 114 3.92 27.61 61.90
CA GLU C 114 3.10 28.80 62.09
C GLU C 114 2.44 29.11 60.76
N ASP C 115 1.35 29.88 60.79
CA ASP C 115 0.68 30.26 59.55
C ASP C 115 1.61 31.02 58.61
N THR C 116 1.77 30.49 57.40
CA THR C 116 2.71 31.04 56.44
C THR C 116 2.03 31.39 55.13
N GLU C 117 2.11 32.67 54.73
CA GLU C 117 1.62 33.08 53.42
C GLU C 117 2.66 32.65 52.39
N ILE C 118 2.27 31.78 51.47
CA ILE C 118 3.19 31.24 50.48
C ILE C 118 3.62 32.29 49.45
N ASN C 119 4.92 32.34 49.19
CA ASN C 119 5.46 33.22 48.15
C ASN C 119 6.55 32.49 47.37
N GLY C 120 7.15 33.19 46.42
CA GLY C 120 8.21 32.61 45.59
C GLY C 120 9.37 31.97 46.32
N SER C 121 9.70 32.46 47.52
CA SER C 121 10.81 31.92 48.30
C SER C 121 10.53 30.49 48.82
N HIS C 122 9.27 30.23 49.16
CA HIS C 122 8.87 28.90 49.61
C HIS C 122 8.91 27.91 48.44
N ILE C 123 8.48 28.39 47.29
CA ILE C 123 8.53 27.59 46.07
C ILE C 123 9.98 27.25 45.74
N GLU C 124 10.84 28.26 45.78
CA GLU C 124 12.27 28.06 45.58
C GLU C 124 12.84 27.03 46.54
N LYS C 125 12.46 27.12 47.81
CA LYS C 125 12.97 26.18 48.80
C LYS C 125 12.54 24.74 48.56
N VAL C 126 11.24 24.56 48.34
CA VAL C 126 10.71 23.21 48.11
C VAL C 126 11.27 22.61 46.81
N LEU C 127 11.50 23.43 45.79
CA LEU C 127 12.09 22.92 44.55
C LEU C 127 13.58 22.57 44.75
N GLU C 128 14.29 23.42 45.47
CA GLU C 128 15.72 23.20 45.79
C GLU C 128 15.95 21.86 46.49
N GLY C 129 15.03 21.50 47.37
CA GLY C 129 15.15 20.22 48.05
C GLY C 129 15.26 19.02 47.10
N ILE C 130 14.61 19.12 45.94
CA ILE C 130 14.67 18.07 44.92
C ILE C 130 16.06 17.98 44.30
N ARG C 131 16.69 19.13 44.04
CA ARG C 131 18.06 19.15 43.54
C ARG C 131 18.94 18.43 44.54
N GLU C 132 18.74 18.72 45.82
CA GLU C 132 19.52 18.05 46.85
C GLU C 132 19.25 16.53 46.93
N LYS C 133 18.02 16.10 46.66
CA LYS C 133 17.68 14.66 46.70
C LYS C 133 18.47 13.78 45.73
N ASN C 134 19.07 14.37 44.70
CA ASN C 134 19.83 13.61 43.72
C ASN C 134 21.16 13.13 44.30
N ASP C 135 21.37 11.82 44.32
CA ASP C 135 22.60 11.25 44.85
C ASP C 135 23.35 10.45 43.80
N VAL C 136 23.00 10.67 42.54
CA VAL C 136 23.71 10.07 41.43
C VAL C 136 24.97 10.90 41.16
N GLN C 137 26.14 10.33 41.39
CA GLN C 137 27.40 11.06 41.27
C GLN C 137 27.72 11.56 39.86
N GLU C 138 27.36 10.77 38.85
CA GLU C 138 27.72 11.11 37.46
C GLU C 138 26.85 12.21 36.85
N THR C 139 25.69 12.45 37.44
CA THR C 139 24.73 13.43 36.91
C THR C 139 24.42 14.57 37.88
N GLU C 140 23.97 15.70 37.34
CA GLU C 140 23.53 16.83 38.16
C GLU C 140 22.13 17.27 37.73
N VAL C 141 21.27 17.57 38.69
CA VAL C 141 19.95 18.10 38.39
C VAL C 141 20.10 19.52 37.87
N ILE C 142 19.56 19.79 36.69
CA ILE C 142 19.68 21.13 36.10
C ILE C 142 18.36 21.89 36.09
N ASN C 143 17.24 21.18 35.96
CA ASN C 143 15.93 21.82 35.99
C ASN C 143 14.92 21.08 36.85
N VAL C 144 14.15 21.85 37.61
CA VAL C 144 13.07 21.31 38.43
C VAL C 144 11.85 22.21 38.24
N PHE C 145 10.79 21.65 37.66
CA PHE C 145 9.60 22.45 37.37
C PHE C 145 8.36 21.84 38.01
N PRO C 146 7.52 22.69 38.62
CA PRO C 146 6.34 22.16 39.30
C PRO C 146 5.25 21.66 38.36
N ILE C 147 4.71 20.48 38.68
CA ILE C 147 3.55 19.97 37.99
C ILE C 147 2.33 20.40 38.81
N ARG C 148 2.44 20.24 40.12
CA ARG C 148 1.37 20.72 41.01
C ARG C 148 1.90 20.96 42.41
N PHE C 149 1.13 21.71 43.20
CA PHE C 149 1.46 21.96 44.58
C PHE C 149 0.33 21.43 45.46
N ILE C 150 0.67 21.01 46.67
CA ILE C 150 -0.33 20.56 47.63
C ILE C 150 -0.12 21.29 48.96
N VAL C 151 -1.09 22.11 49.33
CA VAL C 151 -1.03 22.85 50.59
C VAL C 151 -1.71 22.08 51.71
N ASP C 152 -0.98 21.93 52.81
CA ASP C 152 -1.42 21.24 54.02
C ASP C 152 -2.01 19.85 53.75
N LYS C 153 -1.31 19.11 52.89
CA LYS C 153 -1.62 17.72 52.56
C LYS C 153 -3.00 17.47 51.91
N GLU C 154 -3.84 18.49 51.79
CA GLU C 154 -5.17 18.26 51.23
C GLU C 154 -5.52 19.13 50.02
N ASN C 155 -5.05 20.38 49.99
CA ASN C 155 -5.47 21.28 48.91
C ASN C 155 -4.53 21.33 47.70
N GLU C 156 -4.93 20.72 46.58
CA GLU C 156 -4.12 20.75 45.36
C GLU C 156 -4.34 22.03 44.55
N VAL C 157 -3.24 22.72 44.24
CA VAL C 157 -3.29 23.97 43.49
C VAL C 157 -2.16 24.05 42.46
N SER C 158 -2.41 24.79 41.39
CA SER C 158 -1.41 25.06 40.38
C SER C 158 -0.47 26.15 40.86
N ASP C 159 -1.05 27.16 41.51
CA ASP C 159 -0.31 28.31 42.01
C ASP C 159 -0.65 28.50 43.50
N PRO C 160 0.34 28.25 44.38
CA PRO C 160 0.10 28.33 45.82
C PRO C 160 0.31 29.72 46.42
N LYS C 161 0.83 30.66 45.63
CA LYS C 161 1.14 32.00 46.11
C LYS C 161 -0.06 32.72 46.76
N GLU C 162 0.23 33.39 47.87
CA GLU C 162 -0.75 34.17 48.66
C GLU C 162 -1.73 33.29 49.44
N LEU C 163 -1.63 31.98 49.29
CA LEU C 163 -2.42 31.06 50.11
C LEU C 163 -1.73 30.96 51.47
N ILE C 164 -2.52 30.81 52.52
CA ILE C 164 -1.94 30.67 53.85
C ILE C 164 -1.81 29.19 54.21
N ALA C 165 -0.59 28.73 54.38
CA ALA C 165 -0.32 27.35 54.75
C ALA C 165 -0.10 27.25 56.24
N ARG C 166 -0.72 26.26 56.89
CA ARG C 166 -0.58 26.14 58.33
C ARG C 166 0.41 25.05 58.70
N HIS C 167 0.65 24.12 57.78
CA HIS C 167 1.49 22.97 58.10
C HIS C 167 2.58 22.65 57.08
N SER C 168 2.25 22.67 55.79
CA SER C 168 3.22 22.24 54.79
C SER C 168 2.95 22.71 53.37
N LEU C 169 3.99 22.66 52.55
CA LEU C 169 3.87 22.92 51.13
C LEU C 169 4.59 21.81 50.40
N LYS C 170 3.84 21.05 49.62
CA LYS C 170 4.43 19.97 48.86
C LYS C 170 4.42 20.31 47.39
N VAL C 171 5.46 19.90 46.68
CA VAL C 171 5.47 20.03 45.24
C VAL C 171 5.64 18.65 44.62
N GLU C 172 4.87 18.43 43.57
CA GLU C 172 5.05 17.28 42.70
C GLU C 172 5.58 17.88 41.42
N ALA C 173 6.83 17.52 41.11
CA ALA C 173 7.57 18.18 40.06
C ALA C 173 8.20 17.26 39.02
N GLY C 174 8.52 17.88 37.88
CA GLY C 174 9.30 17.25 36.84
C GLY C 174 10.74 17.67 37.06
N VAL C 175 11.66 16.76 36.77
CA VAL C 175 13.08 16.96 37.00
C VAL C 175 13.88 16.59 35.75
N ILE C 176 14.84 17.43 35.42
CA ILE C 176 15.76 17.16 34.32
C ILE C 176 17.18 17.12 34.86
N ALA C 177 17.88 16.02 34.64
CA ALA C 177 19.27 15.88 35.07
C ALA C 177 20.16 15.61 33.86
N ILE C 178 21.41 16.02 33.95
CA ILE C 178 22.35 15.82 32.83
C ILE C 178 23.69 15.30 33.32
N GLN C 179 24.42 14.61 32.44
CA GLN C 179 25.78 14.17 32.73
C GLN C 179 26.63 15.38 33.14
N LYS C 180 27.30 15.26 34.28
CA LYS C 180 28.17 16.32 34.80
C LYS C 180 29.23 16.77 33.82
N SER C 181 29.82 15.83 33.08
CA SER C 181 30.85 16.16 32.11
C SER C 181 30.40 17.24 31.12
N ILE C 182 29.18 17.08 30.62
CA ILE C 182 28.60 18.02 29.68
C ILE C 182 28.40 19.39 30.33
N LEU C 183 27.68 19.40 31.44
CA LEU C 183 27.36 20.63 32.16
C LEU C 183 28.61 21.44 32.50
N ILE C 184 29.55 20.77 33.15
CA ILE C 184 30.78 21.40 33.60
C ILE C 184 31.52 22.02 32.44
N ASN C 185 31.71 21.24 31.38
CA ASN C 185 32.47 21.76 30.25
C ASN C 185 31.77 22.90 29.49
N MET C 186 30.46 22.80 29.28
CA MET C 186 29.75 23.88 28.59
C MET C 186 29.82 25.18 29.37
N ILE C 187 29.58 25.08 30.67
CA ILE C 187 29.66 26.28 31.52
C ILE C 187 31.09 26.84 31.50
N LYS C 188 32.09 25.98 31.66
CA LYS C 188 33.48 26.43 31.62
C LYS C 188 33.81 27.18 30.33
N CYS C 189 33.37 26.62 29.20
CA CYS C 189 33.64 27.23 27.90
C CYS C 189 33.00 28.60 27.79
N VAL C 190 31.75 28.72 28.24
CA VAL C 190 31.09 30.02 28.16
C VAL C 190 31.72 31.06 29.10
N GLU C 191 31.98 30.65 30.34
CA GLU C 191 32.54 31.57 31.33
C GLU C 191 33.99 31.97 31.02
N ALA C 192 34.65 31.23 30.13
CA ALA C 192 35.97 31.65 29.67
C ALA C 192 35.89 32.86 28.72
N CYS C 193 34.67 33.26 28.37
CA CYS C 193 34.45 34.41 27.48
C CYS C 193 34.17 35.71 28.23
N GLY C 194 34.41 35.70 29.54
CA GLY C 194 34.22 36.88 30.38
C GLY C 194 32.78 37.17 30.78
N VAL C 195 31.96 36.13 30.83
CA VAL C 195 30.56 36.27 31.23
C VAL C 195 30.22 35.22 32.29
N ASP C 196 29.19 35.51 33.09
CA ASP C 196 28.74 34.54 34.08
C ASP C 196 27.51 33.80 33.58
N VAL C 197 27.48 32.50 33.80
CA VAL C 197 26.28 31.73 33.47
C VAL C 197 25.34 31.78 34.68
N LEU C 198 24.24 32.50 34.53
CA LEU C 198 23.26 32.64 35.62
C LEU C 198 22.51 31.34 35.84
N ASP C 199 22.12 30.69 34.76
CA ASP C 199 21.38 29.44 34.83
C ASP C 199 21.44 28.67 33.52
N VAL C 200 21.15 27.38 33.58
CA VAL C 200 21.09 26.54 32.39
C VAL C 200 19.68 26.02 32.17
N TYR C 201 19.29 25.87 30.91
CA TYR C 201 17.97 25.35 30.59
C TYR C 201 18.03 24.29 29.50
N SER C 202 17.64 23.07 29.86
CA SER C 202 17.55 21.99 28.90
C SER C 202 16.52 22.33 27.82
N ASP C 203 16.83 22.00 26.57
CA ASP C 203 15.86 22.20 25.48
C ASP C 203 14.59 21.41 25.70
N ALA C 204 14.68 20.35 26.50
CA ALA C 204 13.52 19.55 26.86
C ALA C 204 12.52 20.42 27.61
N TYR C 205 13.02 21.35 28.42
CA TYR C 205 12.14 22.32 29.06
C TYR C 205 11.81 23.45 28.09
N ASN C 206 12.83 23.97 27.41
CA ASN C 206 12.67 25.12 26.52
C ASN C 206 11.58 25.01 25.45
N TYR C 207 11.54 23.90 24.73
CA TYR C 207 10.61 23.78 23.60
C TYR C 207 9.13 23.87 23.95
N GLY C 208 8.80 23.77 25.23
CA GLY C 208 7.42 23.97 25.66
C GLY C 208 6.91 25.33 25.23
N SER C 209 7.81 26.30 25.19
CA SER C 209 7.49 27.67 24.81
C SER C 209 7.10 27.91 23.35
N ILE C 210 7.48 27.02 22.43
CA ILE C 210 7.13 27.22 21.02
C ILE C 210 5.74 26.66 20.72
N LEU C 211 5.19 25.91 21.67
CA LEU C 211 3.88 25.29 21.51
C LEU C 211 2.73 26.21 21.94
N THR C 212 1.57 26.01 21.31
CA THR C 212 0.37 26.71 21.76
C THR C 212 -0.14 26.00 23.00
N ALA C 213 -1.01 26.65 23.77
CA ALA C 213 -1.57 26.03 24.97
C ALA C 213 -2.28 24.73 24.60
N THR C 214 -2.96 24.75 23.45
CA THR C 214 -3.72 23.60 22.95
C THR C 214 -2.80 22.44 22.64
N GLU C 215 -1.73 22.72 21.90
CA GLU C 215 -0.74 21.71 21.57
C GLU C 215 -0.16 21.09 22.85
N LYS C 216 0.27 21.94 23.77
CA LYS C 216 0.86 21.48 25.03
C LYS C 216 -0.12 20.66 25.87
N GLU C 217 -1.41 20.93 25.71
CA GLU C 217 -2.45 20.19 26.43
C GLU C 217 -2.73 18.82 25.82
N LEU C 218 -2.99 18.79 24.52
CA LEU C 218 -3.40 17.57 23.82
C LEU C 218 -2.33 16.49 23.67
N GLY C 219 -1.07 16.90 23.58
CA GLY C 219 0.01 15.94 23.36
C GLY C 219 0.72 16.21 22.05
N ALA C 220 1.71 17.11 22.12
CA ALA C 220 2.45 17.55 20.95
C ALA C 220 3.91 17.08 20.97
N CYS C 221 4.45 16.85 19.78
CA CYS C 221 5.84 16.44 19.65
C CYS C 221 6.66 17.50 18.92
N VAL C 222 7.69 18.01 19.59
CA VAL C 222 8.62 18.92 18.97
C VAL C 222 9.80 18.14 18.40
N ILE C 223 10.09 18.38 17.13
CA ILE C 223 11.24 17.78 16.46
C ILE C 223 12.15 18.89 15.97
N ASP C 224 13.32 18.99 16.57
CA ASP C 224 14.28 20.00 16.16
C ASP C 224 15.41 19.35 15.37
N ILE C 225 15.44 19.59 14.06
CA ILE C 225 16.48 18.99 13.23
C ILE C 225 17.59 20.00 12.97
N GLY C 226 18.71 19.81 13.66
CA GLY C 226 19.85 20.71 13.55
C GLY C 226 20.84 20.23 12.51
N GLU C 227 22.12 20.24 12.86
CA GLU C 227 23.18 19.77 11.97
C GLU C 227 23.63 18.37 12.33
N ASP C 228 24.03 18.18 13.59
CA ASP C 228 24.48 16.87 14.05
C ASP C 228 23.44 16.16 14.88
N VAL C 229 22.56 16.95 15.50
CA VAL C 229 21.58 16.40 16.42
C VAL C 229 20.15 16.70 16.00
N THR C 230 19.29 15.70 16.12
CA THR C 230 17.84 15.93 16.04
C THR C 230 17.25 15.70 17.41
N GLN C 231 16.57 16.70 17.96
CA GLN C 231 15.99 16.57 19.29
C GLN C 231 14.49 16.33 19.25
N VAL C 232 14.01 15.50 20.18
CA VAL C 232 12.61 15.12 20.24
C VAL C 232 12.10 15.39 21.64
N ALA C 233 10.99 16.11 21.76
CA ALA C 233 10.41 16.37 23.07
C ALA C 233 8.89 16.29 23.02
N PHE C 234 8.28 15.62 23.99
CA PHE C 234 6.83 15.43 23.98
C PHE C 234 6.18 16.12 25.17
N TYR C 235 5.10 16.86 24.92
CA TYR C 235 4.40 17.61 25.96
C TYR C 235 2.92 17.25 25.99
N GLU C 236 2.38 17.05 27.19
CA GLU C 236 0.97 16.72 27.36
C GLU C 236 0.47 17.25 28.70
N ARG C 237 -0.80 17.66 28.73
CA ARG C 237 -1.42 18.24 29.92
C ARG C 237 -0.65 19.49 30.39
N GLY C 238 -0.07 20.20 29.42
CA GLY C 238 0.65 21.43 29.68
C GLY C 238 2.07 21.30 30.22
N GLU C 239 2.58 20.08 30.29
CA GLU C 239 3.92 19.85 30.83
C GLU C 239 4.74 18.91 29.95
N LEU C 240 6.06 18.99 30.11
CA LEU C 240 6.98 18.07 29.48
C LEU C 240 6.75 16.67 29.99
N VAL C 241 6.69 15.69 29.10
CA VAL C 241 6.56 14.30 29.50
C VAL C 241 7.95 13.63 29.46
N ASP C 242 8.57 13.64 28.29
CA ASP C 242 9.89 13.05 28.11
C ASP C 242 10.53 13.60 26.84
N ALA C 243 11.82 13.34 26.69
CA ALA C 243 12.59 13.86 25.57
C ALA C 243 13.83 13.02 25.33
N ASP C 244 14.38 13.12 24.12
CA ASP C 244 15.60 12.40 23.75
C ASP C 244 16.23 13.07 22.53
N SER C 245 17.36 12.54 22.07
CA SER C 245 17.99 13.08 20.86
C SER C 245 18.53 11.95 19.99
N ILE C 246 18.73 12.27 18.72
CA ILE C 246 19.18 11.34 17.70
C ILE C 246 20.41 11.93 17.03
N GLU C 247 21.42 11.10 16.80
CA GLU C 247 22.60 11.59 16.10
C GLU C 247 22.44 11.43 14.59
N MET C 248 21.49 12.18 14.05
CA MET C 248 21.18 12.21 12.62
C MET C 248 20.44 13.50 12.32
N ALA C 249 21.03 14.36 11.50
CA ALA C 249 20.43 15.64 11.17
C ALA C 249 20.95 16.18 9.83
N GLY C 250 21.08 17.51 9.75
CA GLY C 250 21.49 18.19 8.53
C GLY C 250 22.79 17.75 7.89
N ARG C 251 23.79 17.45 8.71
CA ARG C 251 25.09 17.01 8.21
C ARG C 251 24.96 15.71 7.42
N ASP C 252 24.10 14.81 7.90
CA ASP C 252 23.87 13.54 7.22
C ASP C 252 23.17 13.74 5.86
N ILE C 253 22.29 14.75 5.79
CA ILE C 253 21.67 15.10 4.53
C ILE C 253 22.75 15.56 3.56
N THR C 254 23.59 16.48 4.03
CA THR C 254 24.70 16.98 3.20
C THR C 254 25.61 15.84 2.75
N ASP C 255 25.93 14.92 3.65
CA ASP C 255 26.78 13.76 3.34
C ASP C 255 26.16 12.95 2.21
N ASP C 256 24.86 12.70 2.32
CA ASP C 256 24.15 11.93 1.31
C ASP C 256 24.17 12.64 -0.03
N ILE C 257 24.09 13.96 -0.01
CA ILE C 257 24.13 14.72 -1.26
C ILE C 257 25.52 14.62 -1.89
N ALA C 258 26.55 14.86 -1.09
CA ALA C 258 27.93 14.75 -1.55
C ALA C 258 28.21 13.39 -2.17
N GLN C 259 27.74 12.34 -1.53
CA GLN C 259 27.97 10.99 -2.02
C GLN C 259 27.18 10.73 -3.30
N GLY C 260 25.91 11.10 -3.29
CA GLY C 260 25.01 10.88 -4.41
C GLY C 260 25.36 11.63 -5.69
N LEU C 261 25.82 12.86 -5.55
CA LEU C 261 26.15 13.67 -6.72
C LEU C 261 27.65 13.65 -7.03
N ASN C 262 28.39 12.87 -6.27
CA ASN C 262 29.85 12.75 -6.43
C ASN C 262 30.54 14.11 -6.36
N THR C 263 30.09 14.96 -5.44
CA THR C 263 30.66 16.29 -5.28
C THR C 263 31.26 16.45 -3.87
N SER C 264 31.89 17.60 -3.61
CA SER C 264 32.48 17.87 -2.30
C SER C 264 31.41 18.18 -1.24
N TYR C 265 31.79 18.06 0.02
CA TYR C 265 30.86 18.38 1.12
C TYR C 265 30.44 19.84 1.04
N GLU C 266 31.40 20.74 0.78
CA GLU C 266 31.12 22.17 0.69
C GLU C 266 30.06 22.47 -0.39
N THR C 267 30.24 21.84 -1.55
CA THR C 267 29.32 22.04 -2.65
C THR C 267 27.98 21.45 -2.31
N ALA C 268 27.98 20.26 -1.72
CA ALA C 268 26.75 19.60 -1.28
C ALA C 268 25.94 20.47 -0.33
N GLU C 269 26.63 21.15 0.58
CA GLU C 269 25.98 22.05 1.55
C GLU C 269 25.32 23.22 0.84
N LYS C 270 26.07 23.83 -0.08
CA LYS C 270 25.51 24.96 -0.81
C LYS C 270 24.31 24.54 -1.66
N VAL C 271 24.44 23.39 -2.31
CA VAL C 271 23.38 22.81 -3.12
C VAL C 271 22.14 22.52 -2.26
N LYS C 272 22.38 22.01 -1.05
CA LYS C 272 21.29 21.73 -0.12
C LYS C 272 20.52 23.01 0.19
N HIS C 273 21.23 24.11 0.41
CA HIS C 273 20.55 25.38 0.69
C HIS C 273 19.78 25.92 -0.52
N GLN C 274 20.46 25.96 -1.66
CA GLN C 274 19.90 26.54 -2.88
C GLN C 274 18.75 25.75 -3.52
N TYR C 275 18.92 24.45 -3.68
CA TYR C 275 17.93 23.64 -4.41
C TYR C 275 17.25 22.53 -3.59
N GLY C 276 17.61 22.42 -2.31
CA GLY C 276 17.08 21.36 -1.46
C GLY C 276 15.58 21.25 -1.36
N HIS C 277 15.09 20.02 -1.43
CA HIS C 277 13.66 19.71 -1.32
C HIS C 277 13.53 18.32 -0.71
N ALA C 278 12.71 18.17 0.32
CA ALA C 278 12.59 16.90 1.03
C ALA C 278 11.45 16.01 0.56
N PHE C 279 10.64 16.48 -0.39
CA PHE C 279 9.56 15.64 -0.90
C PHE C 279 9.63 15.50 -2.41
N TYR C 280 10.12 14.34 -2.84
CA TYR C 280 10.36 14.00 -4.24
C TYR C 280 9.23 14.38 -5.21
N ASP C 281 8.02 13.88 -4.97
CA ASP C 281 6.87 14.15 -5.85
C ASP C 281 6.61 15.63 -6.10
N SER C 282 7.02 16.49 -5.17
CA SER C 282 6.80 17.92 -5.31
C SER C 282 8.02 18.69 -5.85
N ALA C 283 9.16 18.01 -5.96
CA ALA C 283 10.38 18.62 -6.48
C ALA C 283 10.37 18.73 -8.00
N SER C 284 10.88 19.84 -8.53
CA SER C 284 10.87 20.11 -9.97
C SER C 284 11.99 19.43 -10.76
N ASP C 285 11.63 18.68 -11.81
CA ASP C 285 12.66 18.10 -12.66
C ASP C 285 13.10 19.13 -13.72
N GLN C 286 12.48 20.31 -13.69
CA GLN C 286 12.83 21.37 -14.63
C GLN C 286 13.83 22.35 -14.02
N ASP C 287 13.89 22.36 -12.69
CA ASP C 287 14.86 23.19 -11.98
C ASP C 287 16.20 22.49 -12.01
N ILE C 288 17.10 22.99 -12.85
CA ILE C 288 18.37 22.35 -13.09
C ILE C 288 19.54 23.14 -12.52
N PHE C 289 20.61 22.44 -12.16
CA PHE C 289 21.83 23.05 -11.63
C PHE C 289 23.06 22.19 -11.96
N THR C 290 24.23 22.81 -12.01
CA THR C 290 25.45 22.08 -12.33
C THR C 290 26.41 21.98 -11.15
N VAL C 291 27.07 20.83 -11.02
CA VAL C 291 28.00 20.59 -9.91
C VAL C 291 29.34 19.98 -10.33
N GLU C 292 30.38 20.39 -9.62
CA GLU C 292 31.75 19.92 -9.83
C GLU C 292 31.89 18.47 -9.31
N GLN C 293 32.91 17.75 -9.78
CA GLN C 293 33.12 16.37 -9.37
C GLN C 293 34.44 16.18 -8.63
N VAL C 294 34.47 15.20 -7.74
CA VAL C 294 35.67 14.93 -6.94
C VAL C 294 36.78 14.25 -7.73
N ASP C 295 36.46 13.16 -8.43
CA ASP C 295 37.48 12.40 -9.13
C ASP C 295 37.90 12.94 -10.51
N SER C 296 37.27 14.02 -10.98
CA SER C 296 37.63 14.59 -12.28
C SER C 296 37.47 16.12 -12.32
N ASP C 297 37.71 16.70 -13.48
CA ASP C 297 37.52 18.13 -13.71
C ASP C 297 36.21 18.37 -14.45
N GLU C 298 35.48 17.28 -14.66
CA GLU C 298 34.17 17.29 -15.30
C GLU C 298 33.06 17.90 -14.42
N THR C 299 32.01 18.43 -15.05
CA THR C 299 30.85 18.94 -14.31
C THR C 299 29.62 18.15 -14.73
N VAL C 300 28.76 17.84 -13.76
CA VAL C 300 27.53 17.10 -14.04
C VAL C 300 26.29 17.92 -13.71
N GLN C 301 25.29 17.86 -14.58
CA GLN C 301 24.03 18.57 -14.34
C GLN C 301 23.01 17.66 -13.65
N TYR C 302 22.28 18.24 -12.71
CA TYR C 302 21.25 17.55 -11.94
C TYR C 302 20.01 18.40 -11.81
N THR C 303 18.87 17.77 -11.54
CA THR C 303 17.65 18.51 -11.30
C THR C 303 17.33 18.51 -9.81
N GLN C 304 16.34 19.33 -9.42
CA GLN C 304 15.90 19.39 -8.04
C GLN C 304 15.30 18.06 -7.59
N LYS C 305 14.64 17.36 -8.53
CA LYS C 305 14.06 16.05 -8.24
C LYS C 305 15.16 15.01 -7.95
N ASP C 306 16.25 15.08 -8.71
CA ASP C 306 17.37 14.16 -8.55
C ASP C 306 17.93 14.28 -7.13
N LEU C 307 18.12 15.52 -6.72
CA LEU C 307 18.61 15.88 -5.39
C LEU C 307 17.66 15.44 -4.28
N SER C 308 16.38 15.75 -4.50
CA SER C 308 15.33 15.42 -3.56
C SER C 308 15.21 13.93 -3.32
N ASP C 309 15.72 13.13 -4.25
CA ASP C 309 15.68 11.68 -4.01
C ASP C 309 16.51 11.32 -2.77
N PHE C 310 17.71 11.89 -2.69
CA PHE C 310 18.61 11.63 -1.56
C PHE C 310 18.13 12.36 -0.31
N ILE C 311 17.71 13.62 -0.49
CA ILE C 311 17.25 14.39 0.65
C ILE C 311 16.03 13.74 1.31
N GLU C 312 15.03 13.38 0.51
CA GLU C 312 13.84 12.72 1.04
C GLU C 312 14.22 11.43 1.74
N ALA C 313 15.12 10.63 1.15
CA ALA C 313 15.49 9.38 1.81
C ALA C 313 16.08 9.62 3.22
N ARG C 314 16.96 10.62 3.34
CA ARG C 314 17.56 10.89 4.65
C ARG C 314 16.58 11.46 5.66
N VAL C 315 15.79 12.46 5.26
CA VAL C 315 14.84 13.06 6.19
C VAL C 315 13.80 12.03 6.64
N GLU C 316 13.42 11.15 5.72
CA GLU C 316 12.49 10.07 6.04
C GLU C 316 13.11 9.18 7.10
N GLU C 317 14.40 8.89 6.95
CA GLU C 317 15.09 8.08 7.96
C GLU C 317 15.10 8.78 9.33
N ILE C 318 15.33 10.09 9.32
CA ILE C 318 15.31 10.87 10.55
C ILE C 318 13.95 10.76 11.24
N PHE C 319 12.88 10.93 10.48
CA PHE C 319 11.55 10.81 11.07
C PHE C 319 11.26 9.40 11.57
N PHE C 320 11.77 8.37 10.89
CA PHE C 320 11.61 7.00 11.41
C PHE C 320 12.34 6.86 12.76
N GLU C 321 13.49 7.50 12.88
CA GLU C 321 14.23 7.50 14.15
C GLU C 321 13.39 8.19 15.24
N VAL C 322 12.73 9.28 14.86
CA VAL C 322 11.87 10.00 15.80
C VAL C 322 10.73 9.09 16.27
N PHE C 323 10.10 8.38 15.35
CA PHE C 323 9.02 7.48 15.70
C PHE C 323 9.52 6.38 16.64
N ASP C 324 10.75 5.91 16.40
CA ASP C 324 11.35 4.93 17.30
C ASP C 324 11.51 5.47 18.71
N VAL C 325 11.92 6.74 18.81
CA VAL C 325 12.06 7.37 20.11
C VAL C 325 10.71 7.45 20.82
N LEU C 326 9.68 7.90 20.10
CA LEU C 326 8.34 7.99 20.68
C LEU C 326 7.84 6.63 21.14
N GLN C 327 8.14 5.58 20.38
CA GLN C 327 7.76 4.23 20.76
C GLN C 327 8.49 3.79 22.04
N ASP C 328 9.79 4.11 22.10
CA ASP C 328 10.60 3.80 23.27
C ASP C 328 10.11 4.51 24.54
N LEU C 329 9.69 5.77 24.40
CA LEU C 329 9.17 6.55 25.53
C LEU C 329 7.73 6.21 25.87
N GLY C 330 7.10 5.40 25.02
CA GLY C 330 5.71 5.04 25.19
C GLY C 330 4.75 6.18 24.91
N LEU C 331 5.09 7.00 23.91
CA LEU C 331 4.32 8.19 23.57
C LEU C 331 3.84 8.18 22.13
N THR C 332 3.15 7.11 21.75
CA THR C 332 2.67 6.92 20.39
C THR C 332 1.52 7.86 19.97
N LYS C 333 0.63 8.18 20.90
CA LYS C 333 -0.49 9.07 20.62
C LYS C 333 -0.09 10.54 20.64
N VAL C 334 -0.15 11.21 19.49
CA VAL C 334 0.27 12.62 19.38
C VAL C 334 -0.88 13.52 18.87
N ASN C 335 -1.93 13.63 19.67
CA ASN C 335 -3.11 14.41 19.30
C ASN C 335 -2.86 15.91 19.08
N GLY C 336 -1.86 16.46 19.76
CA GLY C 336 -1.54 17.87 19.60
C GLY C 336 -0.73 18.15 18.33
N GLY C 337 -0.30 17.09 17.66
CA GLY C 337 0.42 17.19 16.41
C GLY C 337 1.93 17.35 16.48
N PHE C 338 2.55 17.53 15.33
CA PHE C 338 4.01 17.67 15.23
C PHE C 338 4.45 19.08 14.87
N ILE C 339 5.48 19.53 15.59
CA ILE C 339 6.04 20.86 15.38
C ILE C 339 7.53 20.70 15.09
N VAL C 340 7.91 20.94 13.84
CA VAL C 340 9.28 20.76 13.40
C VAL C 340 10.01 22.10 13.34
N THR C 341 11.22 22.14 13.86
CA THR C 341 12.01 23.36 13.86
C THR C 341 13.50 23.07 13.73
N GLY C 342 14.34 24.09 13.90
CA GLY C 342 15.76 23.94 13.70
C GLY C 342 16.17 24.31 12.29
N GLY C 343 17.46 24.49 12.05
CA GLY C 343 17.96 24.91 10.76
C GLY C 343 17.54 24.06 9.57
N SER C 344 17.47 22.75 9.75
CA SER C 344 17.09 21.86 8.66
C SER C 344 15.61 21.96 8.32
N ALA C 345 14.84 22.60 9.21
CA ALA C 345 13.43 22.84 8.93
C ALA C 345 13.29 23.93 7.88
N ASN C 346 14.42 24.49 7.45
CA ASN C 346 14.43 25.46 6.37
C ASN C 346 14.23 24.78 5.01
N LEU C 347 14.37 23.46 4.98
CA LEU C 347 14.21 22.68 3.74
C LEU C 347 12.78 22.66 3.24
N LEU C 348 12.61 22.85 1.94
CA LEU C 348 11.29 22.72 1.33
C LEU C 348 10.91 21.24 1.39
N GLY C 349 9.62 20.96 1.54
CA GLY C 349 9.13 19.60 1.51
C GLY C 349 9.11 18.82 2.82
N VAL C 350 9.68 19.39 3.88
CA VAL C 350 9.72 18.72 5.18
C VAL C 350 8.31 18.49 5.73
N LYS C 351 7.52 19.55 5.72
CA LYS C 351 6.14 19.48 6.21
C LYS C 351 5.34 18.44 5.41
N GLU C 352 5.49 18.45 4.10
CA GLU C 352 4.76 17.51 3.25
C GLU C 352 5.16 16.06 3.52
N LEU C 353 6.46 15.82 3.69
CA LEU C 353 6.95 14.47 3.97
C LEU C 353 6.41 13.94 5.30
N LEU C 354 6.57 14.73 6.36
CA LEU C 354 6.07 14.27 7.65
C LEU C 354 4.55 14.08 7.60
N SER C 355 3.86 15.01 6.94
CA SER C 355 2.42 14.90 6.77
C SER C 355 2.02 13.63 6.02
N ASP C 356 2.92 13.17 5.16
CA ASP C 356 2.67 11.93 4.43
C ASP C 356 2.97 10.74 5.31
N MET C 357 3.71 10.95 6.39
CA MET C 357 4.07 9.83 7.26
C MET C 357 3.17 9.69 8.50
N VAL C 358 2.44 10.74 8.85
CA VAL C 358 1.57 10.72 10.03
C VAL C 358 0.13 11.17 9.72
N SER C 359 -0.80 10.82 10.59
CA SER C 359 -2.20 11.23 10.43
C SER C 359 -2.53 12.52 11.18
N GLU C 360 -1.55 13.01 11.94
CA GLU C 360 -1.72 14.22 12.76
C GLU C 360 -1.27 15.49 12.05
N LYS C 361 -1.61 16.64 12.63
CA LYS C 361 -1.21 17.94 12.10
C LYS C 361 0.30 18.13 12.14
N VAL C 362 0.84 18.84 11.15
CA VAL C 362 2.28 19.10 11.08
C VAL C 362 2.51 20.57 10.77
N ARG C 363 3.42 21.21 11.50
CA ARG C 363 3.77 22.58 11.18
C ARG C 363 5.26 22.84 11.38
N ILE C 364 5.78 23.87 10.72
CA ILE C 364 7.17 24.28 10.88
C ILE C 364 7.18 25.49 11.79
N HIS C 365 7.89 25.41 12.92
CA HIS C 365 7.94 26.57 13.80
C HIS C 365 9.08 27.54 13.49
N THR C 366 8.70 28.80 13.34
CA THR C 366 9.63 29.89 13.14
C THR C 366 9.29 30.98 14.16
N PRO C 367 10.27 31.43 14.94
CA PRO C 367 10.04 32.54 15.89
C PRO C 367 9.47 33.79 15.21
N SER C 368 8.61 34.49 15.93
CA SER C 368 7.91 35.65 15.38
C SER C 368 8.71 36.96 15.41
N GLN C 369 9.60 37.13 16.39
CA GLN C 369 10.33 38.39 16.58
C GLN C 369 11.32 38.79 15.48
N MET C 370 11.26 40.06 15.10
CA MET C 370 12.24 40.68 14.22
C MET C 370 13.54 40.77 15.05
N GLY C 371 14.68 40.30 14.54
CA GLY C 371 14.77 39.49 13.35
C GLY C 371 15.44 38.16 13.69
N ILE C 372 14.65 37.25 14.23
CA ILE C 372 15.09 35.90 14.55
C ILE C 372 14.11 34.96 13.87
N ARG C 373 13.48 35.49 12.82
CA ARG C 373 12.50 34.76 12.03
C ARG C 373 13.14 33.66 11.17
N LYS C 374 13.91 32.80 11.82
CA LYS C 374 14.52 31.63 11.21
C LYS C 374 14.37 30.50 12.22
N PRO C 375 13.99 29.29 11.76
CA PRO C 375 13.77 28.23 12.74
C PRO C 375 14.99 27.84 13.58
N GLU C 376 16.21 28.12 13.12
CA GLU C 376 17.39 27.77 13.91
C GLU C 376 17.47 28.58 15.21
N PHE C 377 16.73 29.67 15.31
CA PHE C 377 16.74 30.45 16.55
C PHE C 377 15.74 29.96 17.61
N SER C 378 14.94 28.94 17.28
CA SER C 378 13.88 28.51 18.20
C SER C 378 14.38 28.16 19.60
N SER C 379 15.51 27.49 19.69
CA SER C 379 16.05 27.14 20.99
C SER C 379 16.41 28.39 21.79
N ALA C 380 17.15 29.30 21.16
CA ALA C 380 17.67 30.43 21.93
C ALA C 380 16.57 31.31 22.49
N ILE C 381 15.54 31.55 21.68
CA ILE C 381 14.47 32.42 22.14
C ILE C 381 13.72 31.70 23.25
N SER C 382 13.54 30.39 23.10
CA SER C 382 12.80 29.63 24.10
C SER C 382 13.54 29.68 25.40
N THR C 383 14.87 29.72 25.32
CA THR C 383 15.68 29.74 26.53
C THR C 383 15.33 30.97 27.34
N ILE C 384 15.21 32.10 26.65
CA ILE C 384 14.86 33.33 27.32
C ILE C 384 13.51 33.20 28.01
N SER C 385 12.54 32.62 27.31
CA SER C 385 11.21 32.47 27.90
C SER C 385 11.32 31.62 29.16
N SER C 386 12.16 30.58 29.10
CA SER C 386 12.31 29.70 30.25
C SER C 386 12.80 30.49 31.44
N SER C 387 13.82 31.32 31.21
CA SER C 387 14.40 32.08 32.31
C SER C 387 13.33 33.00 32.88
N ILE C 388 12.56 33.61 31.98
CA ILE C 388 11.55 34.55 32.45
C ILE C 388 10.54 33.81 33.29
N ALA C 389 10.15 32.62 32.85
CA ALA C 389 9.16 31.87 33.59
C ALA C 389 9.63 31.62 35.01
N PHE C 390 10.89 31.22 35.17
CA PHE C 390 11.33 30.91 36.52
C PHE C 390 11.45 32.19 37.32
N ASP C 391 11.82 33.28 36.65
CA ASP C 391 11.90 34.56 37.35
C ASP C 391 10.53 34.89 37.91
N GLU C 392 9.51 34.68 37.08
CA GLU C 392 8.15 34.97 37.51
C GLU C 392 7.71 33.99 38.59
N LEU C 393 8.14 32.73 38.51
CA LEU C 393 7.73 31.76 39.52
C LEU C 393 8.34 32.03 40.90
N LEU C 394 9.64 32.31 40.94
CA LEU C 394 10.31 32.50 42.23
C LEU C 394 10.29 33.93 42.77
N ASP C 395 9.67 34.85 42.03
CA ASP C 395 9.54 36.23 42.49
C ASP C 395 8.78 36.30 43.81
N GLU D 21 -0.72 28.85 -47.11
CA GLU D 21 -0.76 28.41 -45.72
C GLU D 21 -1.67 27.22 -45.56
N HIS D 22 -1.12 26.13 -45.02
CA HIS D 22 -1.88 24.91 -44.82
C HIS D 22 -2.00 24.59 -43.34
N TYR D 23 -3.23 24.61 -42.85
CA TYR D 23 -3.50 24.35 -41.44
C TYR D 23 -4.25 23.05 -41.24
N TYR D 24 -4.10 22.46 -40.06
CA TYR D 24 -4.81 21.24 -39.72
C TYR D 24 -5.66 21.49 -38.48
N VAL D 25 -6.96 21.30 -38.61
CA VAL D 25 -7.88 21.52 -37.52
C VAL D 25 -8.57 20.23 -37.11
N SER D 26 -8.46 19.86 -35.84
CA SER D 26 -9.14 18.67 -35.37
C SER D 26 -10.26 19.00 -34.38
N ILE D 27 -11.26 18.13 -34.36
CA ILE D 27 -12.40 18.24 -33.45
C ILE D 27 -12.62 16.93 -32.70
N ASP D 28 -12.74 17.04 -31.39
CA ASP D 28 -13.03 15.95 -30.50
C ASP D 28 -14.38 16.26 -29.83
N ILE D 29 -15.42 15.50 -30.18
CA ILE D 29 -16.75 15.71 -29.62
C ILE D 29 -16.92 14.89 -28.34
N GLY D 30 -16.40 15.41 -27.24
CA GLY D 30 -16.41 14.69 -25.98
C GLY D 30 -17.68 14.83 -25.16
N SER D 31 -17.92 13.83 -24.31
CA SER D 31 -19.05 13.85 -23.39
C SER D 31 -18.97 15.01 -22.40
N SER D 32 -17.77 15.41 -22.03
CA SER D 32 -17.62 16.52 -21.10
C SER D 32 -17.47 17.83 -21.87
N SER D 33 -16.58 17.86 -22.86
CA SER D 33 -16.39 19.06 -23.64
C SER D 33 -15.97 18.79 -25.07
N VAL D 34 -16.36 19.67 -25.98
CA VAL D 34 -15.88 19.63 -27.34
C VAL D 34 -14.53 20.32 -27.34
N LYS D 35 -13.55 19.70 -27.99
CA LYS D 35 -12.19 20.23 -28.07
C LYS D 35 -11.77 20.41 -29.51
N THR D 36 -11.20 21.57 -29.81
CA THR D 36 -10.72 21.83 -31.17
C THR D 36 -9.30 22.34 -31.14
N ILE D 37 -8.48 21.85 -32.07
CA ILE D 37 -7.11 22.34 -32.14
C ILE D 37 -6.76 22.79 -33.55
N VAL D 38 -6.16 23.96 -33.64
CA VAL D 38 -5.63 24.50 -34.88
C VAL D 38 -4.12 24.45 -34.83
N GLY D 39 -3.55 23.63 -35.71
CA GLY D 39 -2.12 23.38 -35.77
C GLY D 39 -1.52 23.62 -37.14
N GLU D 40 -0.21 23.77 -37.17
CA GLU D 40 0.50 23.94 -38.44
C GLU D 40 1.71 23.00 -38.52
N LYS D 41 1.86 22.39 -39.70
CA LYS D 41 2.97 21.49 -39.99
C LYS D 41 4.24 22.19 -40.47
N PHE D 42 5.37 21.81 -39.89
CA PHE D 42 6.68 22.36 -40.28
C PHE D 42 7.73 21.30 -40.04
N HIS D 43 9.02 21.63 -40.20
CA HIS D 43 10.04 20.62 -39.99
C HIS D 43 10.08 20.17 -38.52
N ASN D 44 10.11 18.85 -38.37
CA ASN D 44 10.06 18.09 -37.11
C ASN D 44 8.77 18.07 -36.27
N GLY D 45 7.71 18.77 -36.68
CA GLY D 45 6.49 18.65 -35.89
C GLY D 45 5.26 19.51 -36.13
N ILE D 46 4.39 19.56 -35.12
CA ILE D 46 3.15 20.32 -35.20
C ILE D 46 3.25 21.48 -34.23
N ASN D 47 2.95 22.67 -34.74
CA ASN D 47 2.86 23.85 -33.90
C ASN D 47 1.41 24.21 -33.69
N VAL D 48 0.99 24.29 -32.44
CA VAL D 48 -0.39 24.65 -32.14
C VAL D 48 -0.55 26.16 -32.09
N ILE D 49 -1.38 26.69 -32.98
CA ILE D 49 -1.60 28.12 -33.04
C ILE D 49 -2.96 28.51 -32.44
N GLY D 50 -3.81 27.54 -32.11
CA GLY D 50 -5.07 27.91 -31.49
C GLY D 50 -5.91 26.78 -30.93
N THR D 51 -6.64 27.03 -29.85
CA THR D 51 -7.50 25.99 -29.28
C THR D 51 -8.89 26.48 -28.91
N GLY D 52 -9.80 25.52 -28.81
CA GLY D 52 -11.14 25.77 -28.35
C GLY D 52 -11.65 24.65 -27.46
N GLN D 53 -12.43 25.01 -26.46
CA GLN D 53 -13.02 24.01 -25.57
C GLN D 53 -14.35 24.52 -25.04
N THR D 54 -15.38 23.69 -25.18
CA THR D 54 -16.72 24.06 -24.70
C THR D 54 -17.38 22.91 -23.98
N TYR D 55 -17.70 23.12 -22.70
CA TYR D 55 -18.38 22.12 -21.92
C TYR D 55 -19.83 22.07 -22.33
N THR D 56 -20.37 20.87 -22.50
CA THR D 56 -21.74 20.73 -22.98
C THR D 56 -22.47 19.54 -22.37
N SER D 57 -23.80 19.58 -22.42
CA SER D 57 -24.63 18.47 -21.96
C SER D 57 -25.23 17.70 -23.14
N GLY D 58 -24.95 18.18 -24.35
CA GLY D 58 -25.46 17.59 -25.57
C GLY D 58 -24.91 16.23 -25.94
N ILE D 59 -23.81 15.82 -25.31
CA ILE D 59 -23.17 14.55 -25.63
C ILE D 59 -23.14 13.62 -24.43
N LYS D 60 -23.61 12.39 -24.60
CA LYS D 60 -23.59 11.42 -23.50
C LYS D 60 -23.05 10.09 -23.98
N ASN D 61 -22.17 9.48 -23.18
CA ASN D 61 -21.54 8.21 -23.52
C ASN D 61 -20.87 8.27 -24.89
N GLY D 62 -20.32 9.43 -25.21
CA GLY D 62 -19.60 9.62 -26.45
C GLY D 62 -20.46 9.81 -27.68
N LEU D 63 -21.78 9.78 -27.50
CA LEU D 63 -22.71 9.92 -28.63
C LEU D 63 -23.64 11.11 -28.43
N ILE D 64 -24.18 11.63 -29.53
CA ILE D 64 -25.09 12.77 -29.47
C ILE D 64 -26.39 12.46 -28.72
N ASP D 65 -26.63 13.21 -27.65
CA ASP D 65 -27.85 13.05 -26.84
C ASP D 65 -28.90 14.08 -27.25
N ASP D 66 -28.43 15.26 -27.65
CA ASP D 66 -29.29 16.34 -28.09
C ASP D 66 -28.59 17.04 -29.26
N PHE D 67 -29.08 16.81 -30.48
CA PHE D 67 -28.45 17.33 -31.68
C PHE D 67 -28.21 18.84 -31.67
N ASP D 68 -29.23 19.62 -31.30
CA ASP D 68 -29.11 21.08 -31.32
C ASP D 68 -28.10 21.64 -30.31
N ILE D 69 -28.10 21.08 -29.11
CA ILE D 69 -27.16 21.50 -28.08
C ILE D 69 -25.72 21.14 -28.51
N ALA D 70 -25.57 19.92 -29.01
CA ALA D 70 -24.28 19.43 -29.49
C ALA D 70 -23.74 20.31 -30.61
N ARG D 71 -24.62 20.61 -31.58
CA ARG D 71 -24.29 21.47 -32.71
C ARG D 71 -23.81 22.85 -32.25
N GLN D 72 -24.55 23.46 -31.32
CA GLN D 72 -24.15 24.78 -30.83
C GLN D 72 -22.82 24.71 -30.07
N ALA D 73 -22.58 23.63 -29.33
CA ALA D 73 -21.31 23.49 -28.61
C ALA D 73 -20.12 23.36 -29.58
N ILE D 74 -20.32 22.57 -30.63
CA ILE D 74 -19.28 22.41 -31.66
C ILE D 74 -19.00 23.75 -32.33
N LYS D 75 -20.08 24.45 -32.70
CA LYS D 75 -19.96 25.76 -33.33
C LYS D 75 -19.19 26.76 -32.45
N ASP D 76 -19.53 26.81 -31.16
CA ASP D 76 -18.84 27.70 -30.23
C ASP D 76 -17.37 27.35 -30.10
N THR D 77 -17.07 26.05 -30.14
CA THR D 77 -15.68 25.61 -29.99
C THR D 77 -14.84 25.99 -31.21
N ILE D 78 -15.45 25.82 -32.38
CA ILE D 78 -14.79 26.20 -33.62
C ILE D 78 -14.51 27.70 -33.62
N LYS D 79 -15.49 28.47 -33.14
CA LYS D 79 -15.31 29.92 -33.03
C LYS D 79 -14.16 30.28 -32.09
N LYS D 80 -14.13 29.67 -30.91
CA LYS D 80 -13.05 29.90 -29.95
C LYS D 80 -11.67 29.64 -30.57
N ALA D 81 -11.54 28.51 -31.27
CA ALA D 81 -10.26 28.18 -31.90
C ALA D 81 -9.93 29.16 -33.02
N SER D 82 -10.95 29.61 -33.74
CA SER D 82 -10.78 30.58 -34.83
C SER D 82 -10.25 31.90 -34.31
N ILE D 83 -10.80 32.37 -33.20
CA ILE D 83 -10.37 33.62 -32.58
C ILE D 83 -8.95 33.48 -32.05
N ALA D 84 -8.67 32.38 -31.36
CA ALA D 84 -7.34 32.14 -30.81
C ALA D 84 -6.25 32.02 -31.89
N SER D 85 -6.58 31.41 -33.02
CA SER D 85 -5.60 31.16 -34.08
C SER D 85 -5.55 32.24 -35.17
N GLY D 86 -6.65 32.94 -35.38
CA GLY D 86 -6.76 33.92 -36.44
C GLY D 86 -7.06 33.28 -37.78
N VAL D 87 -7.49 32.02 -37.74
CA VAL D 87 -7.82 31.28 -38.95
C VAL D 87 -9.33 31.15 -39.12
N ASP D 88 -9.80 31.36 -40.34
CA ASP D 88 -11.21 31.16 -40.65
C ASP D 88 -11.42 29.68 -40.95
N ILE D 89 -11.76 28.94 -39.91
CA ILE D 89 -11.89 27.48 -40.01
C ILE D 89 -13.05 27.04 -40.89
N LYS D 90 -12.72 26.35 -41.98
CA LYS D 90 -13.71 25.86 -42.93
C LYS D 90 -13.64 24.35 -43.14
N GLU D 91 -12.48 23.75 -42.87
CA GLU D 91 -12.28 22.32 -43.10
C GLU D 91 -11.64 21.68 -41.86
N VAL D 92 -12.18 20.53 -41.44
CA VAL D 92 -11.70 19.89 -40.20
C VAL D 92 -11.53 18.38 -40.30
N PHE D 93 -10.78 17.82 -39.36
CA PHE D 93 -10.66 16.37 -39.21
C PHE D 93 -11.35 15.97 -37.91
N LEU D 94 -12.19 14.94 -37.98
CA LEU D 94 -13.00 14.55 -36.83
C LEU D 94 -12.57 13.22 -36.23
N LYS D 95 -12.33 13.21 -34.92
CA LYS D 95 -12.04 11.95 -34.26
C LYS D 95 -13.34 11.20 -34.06
N LEU D 96 -13.26 9.88 -34.04
CA LEU D 96 -14.40 9.05 -33.68
C LEU D 96 -14.01 8.18 -32.48
N PRO D 97 -14.91 8.11 -31.48
CA PRO D 97 -14.59 7.31 -30.29
C PRO D 97 -14.62 5.83 -30.61
N ILE D 98 -13.99 5.02 -29.77
CA ILE D 98 -13.94 3.58 -29.97
C ILE D 98 -15.23 2.96 -29.47
N ILE D 99 -16.31 3.26 -30.16
CA ILE D 99 -17.64 2.77 -29.83
C ILE D 99 -18.24 2.15 -31.07
N GLY D 100 -18.86 0.97 -30.92
CA GLY D 100 -19.44 0.25 -32.03
C GLY D 100 -18.40 0.04 -33.12
N THR D 101 -17.17 -0.19 -32.68
CA THR D 101 -16.00 -0.25 -33.57
C THR D 101 -15.44 -1.66 -33.68
N GLU D 102 -14.98 -2.02 -34.88
CA GLU D 102 -14.31 -3.31 -35.12
C GLU D 102 -12.94 -3.07 -35.74
N VAL D 103 -11.93 -3.81 -35.28
CA VAL D 103 -10.58 -3.75 -35.83
C VAL D 103 -10.22 -5.10 -36.42
N TYR D 104 -9.77 -5.13 -37.68
CA TYR D 104 -9.41 -6.40 -38.31
C TYR D 104 -8.33 -6.26 -39.38
N ASP D 105 -7.86 -7.38 -39.92
CA ASP D 105 -6.83 -7.34 -40.95
C ASP D 105 -7.42 -7.60 -42.33
N GLU D 106 -6.83 -6.97 -43.34
CA GLU D 106 -7.26 -7.21 -44.73
C GLU D 106 -6.11 -6.92 -45.68
N SER D 107 -6.10 -7.61 -46.81
CA SER D 107 -5.07 -7.39 -47.83
C SER D 107 -5.68 -6.98 -49.16
N ASN D 108 -4.90 -6.31 -49.99
CA ASN D 108 -5.35 -5.97 -51.34
C ASN D 108 -4.17 -5.83 -52.29
N GLU D 109 -4.39 -6.11 -53.57
CA GLU D 109 -3.30 -6.03 -54.54
C GLU D 109 -3.74 -5.38 -55.85
N ILE D 110 -2.92 -4.45 -56.34
CA ILE D 110 -3.21 -3.85 -57.65
C ILE D 110 -2.16 -4.30 -58.66
N ASP D 111 -2.58 -4.42 -59.92
CA ASP D 111 -1.74 -4.92 -60.98
C ASP D 111 -1.20 -3.84 -61.91
N PHE D 112 0.02 -4.05 -62.40
CA PHE D 112 0.61 -3.15 -63.38
C PHE D 112 0.97 -3.94 -64.64
N TYR D 113 0.84 -3.28 -65.79
CA TYR D 113 1.14 -3.92 -67.06
C TYR D 113 2.28 -3.20 -67.77
N GLU D 114 2.95 -2.34 -67.01
CA GLU D 114 4.13 -1.61 -67.46
C GLU D 114 4.91 -1.21 -66.22
N ASP D 115 6.20 -0.91 -66.40
CA ASP D 115 7.03 -0.49 -65.28
C ASP D 115 6.47 0.75 -64.61
N THR D 116 6.22 0.65 -63.31
CA THR D 116 5.57 1.74 -62.58
C THR D 116 6.37 2.20 -61.37
N GLU D 117 6.75 3.48 -61.36
CA GLU D 117 7.40 4.04 -60.18
C GLU D 117 6.32 4.31 -59.14
N ILE D 118 6.41 3.62 -58.00
CA ILE D 118 5.39 3.74 -56.98
C ILE D 118 5.40 5.10 -56.31
N ASN D 119 4.22 5.69 -56.17
CA ASN D 119 4.04 6.95 -55.46
C ASN D 119 2.76 6.87 -54.62
N GLY D 120 2.44 7.97 -53.94
CA GLY D 120 1.26 8.03 -53.09
C GLY D 120 -0.07 7.64 -53.72
N SER D 121 -0.22 7.85 -55.03
CA SER D 121 -1.46 7.52 -55.72
C SER D 121 -1.72 6.02 -55.82
N HIS D 122 -0.65 5.23 -55.96
CA HIS D 122 -0.75 3.78 -56.02
C HIS D 122 -1.11 3.24 -54.64
N ILE D 123 -0.52 3.84 -53.62
CA ILE D 123 -0.82 3.48 -52.24
C ILE D 123 -2.29 3.77 -51.95
N GLU D 124 -2.75 4.97 -52.36
CA GLU D 124 -4.15 5.33 -52.22
C GLU D 124 -5.07 4.34 -52.91
N LYS D 125 -4.71 3.92 -54.13
CA LYS D 125 -5.58 2.99 -54.86
C LYS D 125 -5.67 1.62 -54.18
N VAL D 126 -4.52 1.06 -53.81
CA VAL D 126 -4.50 -0.25 -53.17
C VAL D 126 -5.21 -0.21 -51.81
N LEU D 127 -5.12 0.90 -51.09
CA LEU D 127 -5.84 1.01 -49.82
C LEU D 127 -7.36 1.16 -50.05
N GLU D 128 -7.74 1.95 -51.05
CA GLU D 128 -9.15 2.16 -51.40
C GLU D 128 -9.89 0.85 -51.70
N GLY D 129 -9.20 -0.07 -52.37
CA GLY D 129 -9.83 -1.35 -52.66
C GLY D 129 -10.35 -2.09 -51.43
N ILE D 130 -9.65 -1.94 -50.31
CA ILE D 130 -10.07 -2.57 -49.06
C ILE D 130 -11.37 -1.97 -48.55
N ARG D 131 -11.50 -0.65 -48.68
CA ARG D 131 -12.75 0.02 -48.33
C ARG D 131 -13.87 -0.56 -49.17
N GLU D 132 -13.63 -0.72 -50.46
CA GLU D 132 -14.65 -1.30 -51.32
C GLU D 132 -15.04 -2.75 -51.00
N LYS D 133 -14.09 -3.57 -50.57
CA LYS D 133 -14.39 -4.97 -50.29
C LYS D 133 -15.38 -5.25 -49.14
N ASN D 134 -15.48 -4.36 -48.16
CA ASN D 134 -16.43 -4.53 -47.06
C ASN D 134 -17.87 -4.09 -47.35
N ASP D 135 -18.80 -5.04 -47.31
CA ASP D 135 -20.21 -4.71 -47.49
C ASP D 135 -21.13 -5.20 -46.37
N VAL D 136 -20.70 -4.96 -45.13
CA VAL D 136 -21.52 -5.20 -43.95
C VAL D 136 -22.49 -4.03 -43.84
N GLN D 137 -23.77 -4.32 -43.89
CA GLN D 137 -24.80 -3.28 -43.96
C GLN D 137 -24.82 -2.30 -42.76
N GLU D 138 -24.57 -2.79 -41.56
CA GLU D 138 -24.61 -1.94 -40.36
C GLU D 138 -23.36 -1.09 -40.08
N THR D 139 -22.24 -1.46 -40.69
CA THR D 139 -20.97 -0.77 -40.45
C THR D 139 -20.33 -0.14 -41.70
N GLU D 140 -19.49 0.85 -41.48
CA GLU D 140 -18.71 1.47 -42.55
C GLU D 140 -17.24 1.50 -42.18
N VAL D 141 -16.38 1.17 -43.14
CA VAL D 141 -14.94 1.24 -42.93
C VAL D 141 -14.53 2.70 -42.87
N ILE D 142 -13.84 3.08 -41.79
CA ILE D 142 -13.42 4.47 -41.63
C ILE D 142 -11.91 4.65 -41.78
N ASN D 143 -11.12 3.66 -41.37
CA ASN D 143 -9.67 3.74 -41.52
C ASN D 143 -9.04 2.48 -42.08
N VAL D 144 -8.09 2.68 -42.98
CA VAL D 144 -7.29 1.58 -43.55
C VAL D 144 -5.84 2.02 -43.50
N PHE D 145 -5.03 1.31 -42.73
CA PHE D 145 -3.63 1.68 -42.56
C PHE D 145 -2.70 0.54 -42.91
N PRO D 146 -1.64 0.86 -43.66
CA PRO D 146 -0.73 -0.20 -44.09
C PRO D 146 0.12 -0.77 -42.97
N ILE D 147 0.21 -2.08 -42.92
CA ILE D 147 1.13 -2.76 -42.01
C ILE D 147 2.41 -3.02 -42.80
N ARG D 148 2.26 -3.50 -44.03
CA ARG D 148 3.43 -3.69 -44.89
C ARG D 148 3.03 -3.70 -46.35
N PHE D 149 4.02 -3.52 -47.23
CA PHE D 149 3.78 -3.58 -48.66
C PHE D 149 4.61 -4.69 -49.27
N ILE D 150 4.09 -5.29 -50.34
CA ILE D 150 4.83 -6.31 -51.09
C ILE D 150 4.84 -5.96 -52.56
N VAL D 151 6.03 -5.68 -53.08
CA VAL D 151 6.23 -5.33 -54.49
C VAL D 151 6.56 -6.58 -55.31
N ASP D 152 5.83 -6.74 -56.41
CA ASP D 152 5.99 -7.83 -57.36
C ASP D 152 6.03 -9.19 -56.69
N LYS D 153 5.10 -9.37 -55.75
CA LYS D 153 4.86 -10.63 -55.03
C LYS D 153 6.00 -11.20 -54.20
N GLU D 154 7.19 -10.63 -54.28
CA GLU D 154 8.32 -11.21 -53.54
C GLU D 154 9.00 -10.20 -52.61
N ASN D 155 9.03 -8.93 -52.97
CA ASN D 155 9.80 -7.97 -52.18
C ASN D 155 9.00 -7.21 -51.10
N GLU D 156 9.19 -7.56 -49.83
CA GLU D 156 8.49 -6.86 -48.74
C GLU D 156 9.21 -5.57 -48.36
N VAL D 157 8.45 -4.47 -48.33
CA VAL D 157 8.99 -3.16 -47.99
C VAL D 157 8.05 -2.40 -47.05
N SER D 158 8.66 -1.54 -46.25
CA SER D 158 7.94 -0.64 -45.36
C SER D 158 7.40 0.53 -46.16
N ASP D 159 8.23 1.04 -47.06
CA ASP D 159 7.91 2.18 -47.90
C ASP D 159 8.18 1.81 -49.36
N PRO D 160 7.12 1.71 -50.17
CA PRO D 160 7.34 1.29 -51.55
C PRO D 160 7.63 2.45 -52.51
N LYS D 161 7.51 3.69 -52.04
CA LYS D 161 7.70 4.85 -52.90
C LYS D 161 9.06 4.89 -53.61
N GLU D 162 9.00 5.28 -54.88
CA GLU D 162 10.15 5.44 -55.77
C GLU D 162 10.74 4.10 -56.23
N LEU D 163 10.18 3.00 -55.73
CA LEU D 163 10.58 1.69 -56.24
C LEU D 163 9.88 1.48 -57.56
N ILE D 164 10.53 0.80 -58.49
CA ILE D 164 9.90 0.52 -59.77
C ILE D 164 9.28 -0.86 -59.72
N ALA D 165 7.95 -0.91 -59.80
CA ALA D 165 7.23 -2.17 -59.79
C ALA D 165 6.91 -2.59 -61.22
N ARG D 166 7.14 -3.86 -61.52
CA ARG D 166 6.90 -4.30 -62.90
C ARG D 166 5.57 -5.05 -63.02
N HIS D 167 5.03 -5.54 -61.90
CA HIS D 167 3.83 -6.37 -61.96
C HIS D 167 2.71 -5.99 -60.97
N SER D 168 3.05 -5.74 -59.71
CA SER D 168 1.99 -5.53 -58.72
C SER D 168 2.46 -4.82 -57.46
N LEU D 169 1.49 -4.28 -56.74
CA LEU D 169 1.72 -3.71 -55.43
C LEU D 169 0.65 -4.24 -54.50
N LYS D 170 1.07 -4.96 -53.46
CA LYS D 170 0.16 -5.50 -52.48
C LYS D 170 0.32 -4.78 -51.15
N VAL D 171 -0.78 -4.59 -50.43
CA VAL D 171 -0.72 -4.07 -49.09
C VAL D 171 -1.37 -5.06 -48.14
N GLU D 172 -0.71 -5.24 -47.00
CA GLU D 172 -1.28 -5.96 -45.88
C GLU D 172 -1.57 -4.89 -44.85
N ALA D 173 -2.86 -4.71 -44.57
CA ALA D 173 -3.33 -3.57 -43.80
C ALA D 173 -4.22 -3.87 -42.61
N GLY D 174 -4.29 -2.89 -41.73
CA GLY D 174 -5.22 -2.88 -40.62
C GLY D 174 -6.43 -2.07 -41.04
N VAL D 175 -7.60 -2.50 -40.57
CA VAL D 175 -8.86 -1.88 -40.93
C VAL D 175 -9.68 -1.59 -39.67
N ILE D 176 -10.27 -0.39 -39.64
CA ILE D 176 -11.17 0.00 -38.56
C ILE D 176 -12.52 0.34 -39.16
N ALA D 177 -13.57 -0.33 -38.70
CA ALA D 177 -14.93 -0.06 -39.15
C ALA D 177 -15.78 0.37 -37.97
N ILE D 178 -16.81 1.17 -38.21
CA ILE D 178 -17.66 1.67 -37.13
C ILE D 178 -19.15 1.58 -37.51
N GLN D 179 -20.02 1.51 -36.50
CA GLN D 179 -21.47 1.56 -36.73
C GLN D 179 -21.81 2.82 -37.53
N LYS D 180 -22.52 2.62 -38.65
CA LYS D 180 -22.92 3.72 -39.54
C LYS D 180 -23.67 4.84 -38.83
N SER D 181 -24.55 4.49 -37.91
CA SER D 181 -25.34 5.50 -37.19
C SER D 181 -24.44 6.55 -36.52
N ILE D 182 -23.36 6.08 -35.90
CA ILE D 182 -22.42 6.98 -35.22
C ILE D 182 -21.74 7.91 -36.21
N LEU D 183 -21.13 7.33 -37.24
CA LEU D 183 -20.41 8.09 -38.27
C LEU D 183 -21.31 9.16 -38.89
N ILE D 184 -22.47 8.73 -39.35
CA ILE D 184 -23.42 9.60 -40.01
C ILE D 184 -23.84 10.77 -39.12
N ASN D 185 -24.24 10.46 -37.89
CA ASN D 185 -24.70 11.52 -37.00
C ASN D 185 -23.61 12.51 -36.57
N MET D 186 -22.40 12.01 -36.28
CA MET D 186 -21.32 12.92 -35.88
C MET D 186 -20.95 13.86 -37.02
N ILE D 187 -20.80 13.30 -38.22
CA ILE D 187 -20.47 14.13 -39.37
C ILE D 187 -21.58 15.16 -39.63
N LYS D 188 -22.83 14.71 -39.59
CA LYS D 188 -23.97 15.62 -39.79
C LYS D 188 -23.92 16.79 -38.81
N CYS D 189 -23.69 16.48 -37.54
CA CYS D 189 -23.66 17.51 -36.49
C CYS D 189 -22.54 18.51 -36.73
N VAL D 190 -21.36 18.01 -37.08
CA VAL D 190 -20.24 18.92 -37.33
C VAL D 190 -20.48 19.81 -38.55
N GLU D 191 -20.93 19.20 -39.64
CA GLU D 191 -21.14 19.93 -40.89
C GLU D 191 -22.30 20.91 -40.80
N ALA D 192 -23.15 20.77 -39.79
CA ALA D 192 -24.20 21.76 -39.56
C ALA D 192 -23.60 23.07 -38.99
N CYS D 193 -22.30 23.06 -38.68
CA CYS D 193 -21.62 24.24 -38.14
C CYS D 193 -20.90 25.07 -39.21
N GLY D 194 -21.17 24.77 -40.47
CA GLY D 194 -20.57 25.50 -41.59
C GLY D 194 -19.15 25.11 -41.94
N VAL D 195 -18.78 23.88 -41.65
CA VAL D 195 -17.46 23.35 -41.97
C VAL D 195 -17.59 22.01 -42.68
N ASP D 196 -16.57 21.65 -43.44
CA ASP D 196 -16.52 20.35 -44.11
C ASP D 196 -15.67 19.39 -43.31
N VAL D 197 -16.14 18.15 -43.17
CA VAL D 197 -15.33 17.12 -42.55
C VAL D 197 -14.50 16.48 -43.65
N LEU D 198 -13.20 16.73 -43.66
CA LEU D 198 -12.31 16.18 -44.67
C LEU D 198 -12.14 14.68 -44.48
N ASP D 199 -11.97 14.26 -43.24
CA ASP D 199 -11.78 12.86 -42.92
C ASP D 199 -12.05 12.57 -41.45
N VAL D 200 -12.28 11.30 -41.12
CA VAL D 200 -12.48 10.88 -39.74
C VAL D 200 -11.35 9.95 -39.30
N TYR D 201 -10.99 10.03 -38.03
CA TYR D 201 -9.97 9.16 -37.48
C TYR D 201 -10.38 8.54 -36.16
N SER D 202 -10.49 7.22 -36.14
CA SER D 202 -10.79 6.50 -34.92
C SER D 202 -9.67 6.71 -33.91
N ASP D 203 -10.02 6.88 -32.64
CA ASP D 203 -9.02 7.00 -31.58
C ASP D 203 -8.15 5.77 -31.47
N ALA D 204 -8.68 4.64 -31.95
CA ALA D 204 -7.92 3.39 -31.98
C ALA D 204 -6.69 3.57 -32.85
N TYR D 205 -6.84 4.33 -33.93
CA TYR D 205 -5.69 4.68 -34.76
C TYR D 205 -4.92 5.84 -34.12
N ASN D 206 -5.63 6.87 -33.70
CA ASN D 206 -5.01 8.09 -33.16
C ASN D 206 -4.00 7.87 -32.05
N TYR D 207 -4.34 7.08 -31.04
CA TYR D 207 -3.44 6.94 -29.89
C TYR D 207 -2.07 6.32 -30.16
N GLY D 208 -1.87 5.75 -31.34
CA GLY D 208 -0.54 5.28 -31.71
C GLY D 208 0.47 6.41 -31.64
N SER D 209 0.01 7.63 -31.93
CA SER D 209 0.85 8.82 -31.93
C SER D 209 1.37 9.29 -30.56
N ILE D 210 0.72 8.90 -29.46
CA ILE D 210 1.20 9.33 -28.15
C ILE D 210 2.25 8.36 -27.59
N LEU D 211 2.43 7.23 -28.26
CA LEU D 211 3.39 6.22 -27.83
C LEU D 211 4.78 6.46 -28.41
N THR D 212 5.81 6.01 -27.69
CA THR D 212 7.16 6.02 -28.20
C THR D 212 7.30 4.83 -29.16
N ALA D 213 8.32 4.83 -30.01
CA ALA D 213 8.55 3.72 -30.93
C ALA D 213 8.70 2.41 -30.16
N THR D 214 9.38 2.49 -29.04
CA THR D 214 9.63 1.34 -28.19
C THR D 214 8.33 0.76 -27.64
N GLU D 215 7.51 1.64 -27.08
CA GLU D 215 6.22 1.25 -26.53
C GLU D 215 5.38 0.57 -27.61
N LYS D 216 5.27 1.21 -28.77
CA LYS D 216 4.49 0.69 -29.88
C LYS D 216 5.02 -0.65 -30.40
N GLU D 217 6.32 -0.88 -30.22
CA GLU D 217 6.93 -2.15 -30.65
C GLU D 217 6.67 -3.28 -29.66
N LEU D 218 6.96 -3.03 -28.38
CA LEU D 218 6.88 -4.06 -27.34
C LEU D 218 5.48 -4.55 -26.96
N GLY D 219 4.49 -3.68 -27.07
CA GLY D 219 3.14 -4.02 -26.66
C GLY D 219 2.65 -3.13 -25.54
N ALA D 220 2.11 -1.98 -25.94
CA ALA D 220 1.67 -0.95 -24.99
C ALA D 220 0.16 -0.80 -24.98
N CYS D 221 -0.38 -0.44 -23.81
CA CYS D 221 -1.80 -0.21 -23.66
C CYS D 221 -2.11 1.25 -23.33
N VAL D 222 -2.90 1.89 -24.18
CA VAL D 222 -3.37 3.24 -23.92
C VAL D 222 -4.73 3.19 -23.25
N ILE D 223 -4.84 3.88 -22.13
CA ILE D 223 -6.10 4.01 -21.39
C ILE D 223 -6.49 5.48 -21.32
N ASP D 224 -7.59 5.80 -21.99
CA ASP D 224 -8.13 7.16 -22.00
C ASP D 224 -9.35 7.23 -21.08
N ILE D 225 -9.19 7.87 -19.92
CA ILE D 225 -10.34 8.00 -19.02
C ILE D 225 -10.94 9.39 -19.18
N GLY D 226 -12.08 9.44 -19.85
CA GLY D 226 -12.76 10.69 -20.11
C GLY D 226 -13.81 10.95 -19.05
N GLU D 227 -15.01 11.33 -19.46
CA GLU D 227 -16.11 11.59 -18.53
C GLU D 227 -17.11 10.43 -18.48
N ASP D 228 -17.61 10.03 -19.65
CA ASP D 228 -18.56 8.93 -19.70
C ASP D 228 -17.88 7.67 -20.20
N VAL D 229 -16.81 7.84 -20.99
CA VAL D 229 -16.17 6.72 -21.64
C VAL D 229 -14.70 6.55 -21.24
N THR D 230 -14.31 5.31 -20.99
CA THR D 230 -12.90 4.97 -20.86
C THR D 230 -12.51 4.12 -22.08
N GLN D 231 -11.54 4.58 -22.85
CA GLN D 231 -11.10 3.87 -24.04
C GLN D 231 -9.81 3.08 -23.82
N VAL D 232 -9.73 1.91 -24.45
CA VAL D 232 -8.60 1.02 -24.29
C VAL D 232 -8.08 0.65 -25.67
N ALA D 233 -6.78 0.82 -25.91
CA ALA D 233 -6.20 0.44 -27.19
C ALA D 233 -4.84 -0.20 -27.03
N PHE D 234 -4.59 -1.28 -27.74
CA PHE D 234 -3.32 -2.01 -27.59
C PHE D 234 -2.49 -1.97 -28.87
N TYR D 235 -1.20 -1.68 -28.74
CA TYR D 235 -0.31 -1.58 -29.91
C TYR D 235 0.90 -2.48 -29.75
N GLU D 236 1.26 -3.19 -30.82
CA GLU D 236 2.41 -4.07 -30.80
C GLU D 236 2.98 -4.16 -32.21
N ARG D 237 4.30 -4.35 -32.30
CA ARG D 237 4.99 -4.40 -33.59
C ARG D 237 4.83 -3.10 -34.36
N GLY D 238 4.66 -1.99 -33.64
CA GLY D 238 4.50 -0.69 -34.25
C GLY D 238 3.12 -0.40 -34.83
N GLU D 239 2.15 -1.27 -34.60
CA GLU D 239 0.81 -1.08 -35.14
C GLU D 239 -0.30 -1.38 -34.11
N LEU D 240 -1.48 -0.86 -34.38
CA LEU D 240 -2.67 -1.15 -33.57
C LEU D 240 -3.04 -2.62 -33.67
N VAL D 241 -3.32 -3.25 -32.55
CA VAL D 241 -3.79 -4.64 -32.53
C VAL D 241 -5.32 -4.70 -32.39
N ASP D 242 -5.82 -4.13 -31.30
CA ASP D 242 -7.26 -4.10 -31.06
C ASP D 242 -7.58 -3.02 -30.03
N ALA D 243 -8.87 -2.70 -29.91
CA ALA D 243 -9.31 -1.64 -29.04
C ALA D 243 -10.79 -1.82 -28.66
N ASP D 244 -11.19 -1.18 -27.57
CA ASP D 244 -12.58 -1.22 -27.12
C ASP D 244 -12.81 -0.06 -26.16
N SER D 245 -14.05 0.07 -25.66
CA SER D 245 -14.35 1.09 -24.67
C SER D 245 -15.28 0.57 -23.58
N ILE D 246 -15.27 1.29 -22.46
CA ILE D 246 -16.00 0.97 -21.25
C ILE D 246 -16.87 2.16 -20.87
N GLU D 247 -18.11 1.92 -20.47
CA GLU D 247 -18.97 3.01 -20.03
C GLU D 247 -18.83 3.27 -18.53
N MET D 248 -17.63 3.72 -18.15
CA MET D 248 -17.29 4.05 -16.77
C MET D 248 -16.08 4.98 -16.81
N ALA D 249 -16.24 6.19 -16.31
CA ALA D 249 -15.15 7.17 -16.31
C ALA D 249 -15.34 8.24 -15.25
N GLY D 250 -14.90 9.46 -15.56
CA GLY D 250 -14.96 10.58 -14.62
C GLY D 250 -16.31 10.93 -14.01
N ARG D 251 -17.36 10.83 -14.81
CA ARG D 251 -18.70 11.12 -14.32
C ARG D 251 -19.08 10.18 -13.17
N ASP D 252 -18.68 8.92 -13.27
CA ASP D 252 -18.97 7.94 -12.24
C ASP D 252 -18.21 8.25 -10.94
N ILE D 253 -17.00 8.78 -11.08
CA ILE D 253 -16.23 9.24 -9.92
C ILE D 253 -16.99 10.37 -9.24
N THR D 254 -17.40 11.35 -10.04
CA THR D 254 -18.18 12.46 -9.50
C THR D 254 -19.46 11.97 -8.81
N ASP D 255 -20.15 11.03 -9.44
CA ASP D 255 -21.39 10.48 -8.87
C ASP D 255 -21.12 9.88 -7.49
N ASP D 256 -20.03 9.11 -7.41
CA ASP D 256 -19.65 8.47 -6.17
C ASP D 256 -19.33 9.49 -5.09
N ILE D 257 -18.72 10.60 -5.49
CA ILE D 257 -18.40 11.66 -4.54
C ILE D 257 -19.67 12.33 -4.02
N ALA D 258 -20.55 12.73 -4.94
CA ALA D 258 -21.81 13.36 -4.59
C ALA D 258 -22.61 12.51 -3.61
N GLN D 259 -22.65 11.20 -3.88
CA GLN D 259 -23.40 10.28 -3.04
C GLN D 259 -22.73 10.10 -1.68
N GLY D 260 -21.42 9.90 -1.70
CA GLY D 260 -20.64 9.67 -0.51
C GLY D 260 -20.58 10.84 0.47
N LEU D 261 -20.49 12.05 -0.05
CA LEU D 261 -20.42 13.24 0.79
C LEU D 261 -21.76 13.92 0.97
N ASN D 262 -22.81 13.32 0.40
CA ASN D 262 -24.17 13.84 0.45
C ASN D 262 -24.27 15.29 -0.06
N THR D 263 -23.54 15.57 -1.14
CA THR D 263 -23.52 16.89 -1.74
C THR D 263 -24.08 16.86 -3.17
N SER D 264 -24.20 18.01 -3.81
CA SER D 264 -24.71 18.09 -5.19
C SER D 264 -23.66 17.61 -6.21
N TYR D 265 -24.11 17.26 -7.41
CA TYR D 265 -23.19 16.83 -8.47
C TYR D 265 -22.21 17.94 -8.80
N GLU D 266 -22.70 19.17 -8.91
CA GLU D 266 -21.86 20.32 -9.21
C GLU D 266 -20.72 20.50 -8.19
N THR D 267 -21.09 20.40 -6.91
CA THR D 267 -20.12 20.55 -5.83
C THR D 267 -19.15 19.38 -5.84
N ALA D 268 -19.68 18.18 -6.04
CA ALA D 268 -18.85 16.97 -6.13
C ALA D 268 -17.79 17.11 -7.24
N GLU D 269 -18.18 17.70 -8.37
CA GLU D 269 -17.26 17.91 -9.49
C GLU D 269 -16.13 18.86 -9.10
N LYS D 270 -16.51 19.97 -8.49
CA LYS D 270 -15.51 20.95 -8.08
C LYS D 270 -14.55 20.35 -7.03
N VAL D 271 -15.12 19.61 -6.10
CA VAL D 271 -14.35 18.92 -5.05
C VAL D 271 -13.39 17.91 -5.69
N LYS D 272 -13.87 17.20 -6.71
CA LYS D 272 -13.03 16.24 -7.41
C LYS D 272 -11.82 16.92 -8.01
N HIS D 273 -12.01 18.10 -8.61
CA HIS D 273 -10.87 18.83 -9.18
C HIS D 273 -9.91 19.35 -8.11
N GLN D 274 -10.46 19.99 -7.08
CA GLN D 274 -9.67 20.62 -6.03
C GLN D 274 -8.91 19.66 -5.10
N TYR D 275 -9.61 18.66 -4.57
CA TYR D 275 -9.04 17.76 -3.56
C TYR D 275 -8.99 16.28 -3.96
N GLY D 276 -9.44 15.95 -5.16
CA GLY D 276 -9.47 14.57 -5.62
C GLY D 276 -8.13 13.85 -5.60
N HIS D 277 -8.15 12.60 -5.13
CA HIS D 277 -6.94 11.77 -5.07
C HIS D 277 -7.37 10.32 -5.24
N ALA D 278 -6.72 9.59 -6.15
CA ALA D 278 -7.12 8.22 -6.46
C ALA D 278 -6.33 7.16 -5.69
N PHE D 279 -5.36 7.58 -4.88
CA PHE D 279 -4.62 6.63 -4.07
C PHE D 279 -4.70 6.97 -2.60
N TYR D 280 -5.56 6.25 -1.89
CA TYR D 280 -5.85 6.45 -0.48
C TYR D 280 -4.62 6.70 0.40
N ASP D 281 -3.66 5.76 0.40
CA ASP D 281 -2.46 5.89 1.23
C ASP D 281 -1.67 7.19 1.02
N SER D 282 -1.77 7.79 -0.15
CA SER D 282 -1.04 9.05 -0.42
C SER D 282 -1.91 10.28 -0.22
N ALA D 283 -3.21 10.06 0.02
CA ALA D 283 -4.13 11.16 0.26
C ALA D 283 -3.91 11.71 1.67
N SER D 284 -4.03 13.02 1.81
CA SER D 284 -3.73 13.75 3.05
C SER D 284 -4.83 13.70 4.12
N ASP D 285 -4.42 13.41 5.36
CA ASP D 285 -5.33 13.41 6.50
C ASP D 285 -5.62 14.83 6.95
N GLN D 286 -4.66 15.71 6.71
CA GLN D 286 -4.79 17.11 7.12
C GLN D 286 -5.22 18.06 6.02
N ASP D 287 -5.41 17.56 4.80
CA ASP D 287 -6.00 18.41 3.78
C ASP D 287 -7.51 18.40 4.05
N ILE D 288 -8.02 19.49 4.61
CA ILE D 288 -9.42 19.56 5.03
C ILE D 288 -10.27 20.50 4.17
N PHE D 289 -11.54 20.16 4.00
CA PHE D 289 -12.46 21.00 3.24
C PHE D 289 -13.90 20.81 3.71
N THR D 290 -14.71 21.84 3.50
CA THR D 290 -16.11 21.80 3.90
C THR D 290 -17.04 21.77 2.69
N VAL D 291 -18.14 21.04 2.81
CA VAL D 291 -19.09 20.92 1.71
C VAL D 291 -20.51 21.14 2.16
N GLU D 292 -21.31 21.76 1.29
CA GLU D 292 -22.72 21.97 1.55
C GLU D 292 -23.42 20.62 1.41
N GLN D 293 -24.63 20.52 1.97
CA GLN D 293 -25.41 19.27 1.92
C GLN D 293 -26.72 19.47 1.17
N VAL D 294 -27.21 18.41 0.54
CA VAL D 294 -28.46 18.51 -0.22
C VAL D 294 -29.72 18.56 0.66
N ASP D 295 -29.88 17.61 1.58
CA ASP D 295 -31.10 17.55 2.38
C ASP D 295 -31.13 18.48 3.61
N SER D 296 -30.09 19.29 3.81
CA SER D 296 -30.07 20.21 4.94
C SER D 296 -29.42 21.56 4.58
N ASP D 297 -29.34 22.45 5.57
CA ASP D 297 -28.63 23.73 5.44
C ASP D 297 -27.31 23.58 6.15
N GLU D 298 -27.10 22.37 6.68
CA GLU D 298 -25.88 21.98 7.36
C GLU D 298 -24.70 21.81 6.41
N THR D 299 -23.49 22.01 6.94
CA THR D 299 -22.25 21.80 6.19
C THR D 299 -21.41 20.72 6.87
N VAL D 300 -20.76 19.86 6.08
CA VAL D 300 -19.92 18.80 6.64
C VAL D 300 -18.44 18.90 6.23
N GLN D 301 -17.57 18.61 7.20
CA GLN D 301 -16.13 18.63 6.99
C GLN D 301 -15.62 17.26 6.54
N TYR D 302 -14.73 17.25 5.56
CA TYR D 302 -14.12 16.02 5.07
C TYR D 302 -12.64 16.25 4.84
N THR D 303 -11.87 15.17 4.85
CA THR D 303 -10.46 15.27 4.55
C THR D 303 -10.24 14.73 3.14
N GLN D 304 -9.04 14.95 2.60
CA GLN D 304 -8.72 14.43 1.28
C GLN D 304 -8.71 12.91 1.28
N LYS D 305 -8.33 12.33 2.42
CA LYS D 305 -8.31 10.87 2.57
C LYS D 305 -9.74 10.31 2.55
N ASP D 306 -10.68 11.01 3.17
CA ASP D 306 -12.08 10.58 3.21
C ASP D 306 -12.60 10.48 1.79
N LEU D 307 -12.31 11.51 1.00
CA LEU D 307 -12.69 11.61 -0.40
C LEU D 307 -12.03 10.51 -1.24
N SER D 308 -10.74 10.34 -1.03
CA SER D 308 -9.95 9.35 -1.73
C SER D 308 -10.47 7.95 -1.52
N ASP D 309 -11.20 7.72 -0.44
CA ASP D 309 -11.76 6.39 -0.24
C ASP D 309 -12.72 6.02 -1.41
N PHE D 310 -13.58 6.98 -1.74
CA PHE D 310 -14.56 6.78 -2.81
C PHE D 310 -13.89 6.83 -4.18
N ILE D 311 -13.00 7.81 -4.34
CA ILE D 311 -12.33 7.96 -5.62
C ILE D 311 -11.49 6.73 -5.98
N GLU D 312 -10.66 6.28 -5.03
CA GLU D 312 -9.84 5.09 -5.27
C GLU D 312 -10.72 3.89 -5.58
N ALA D 313 -11.82 3.71 -4.84
CA ALA D 313 -12.67 2.56 -5.14
C ALA D 313 -13.19 2.58 -6.60
N ARG D 314 -13.61 3.75 -7.07
CA ARG D 314 -14.12 3.84 -8.44
C ARG D 314 -13.05 3.66 -9.51
N VAL D 315 -11.91 4.35 -9.36
CA VAL D 315 -10.84 4.24 -10.35
C VAL D 315 -10.29 2.81 -10.41
N GLU D 316 -10.21 2.16 -9.26
CA GLU D 316 -9.80 0.77 -9.20
C GLU D 316 -10.79 -0.08 -10.01
N GLU D 317 -12.07 0.18 -9.84
CA GLU D 317 -13.07 -0.56 -10.61
C GLU D 317 -12.89 -0.34 -12.12
N ILE D 318 -12.59 0.90 -12.50
CA ILE D 318 -12.32 1.22 -13.91
C ILE D 318 -11.15 0.41 -14.47
N PHE D 319 -10.05 0.37 -13.72
CA PHE D 319 -8.90 -0.41 -14.16
C PHE D 319 -9.20 -1.91 -14.23
N PHE D 320 -10.02 -2.42 -13.31
CA PHE D 320 -10.42 -3.83 -13.40
C PHE D 320 -11.22 -4.08 -14.68
N GLU D 321 -12.05 -3.11 -15.05
CA GLU D 321 -12.81 -3.21 -16.31
C GLU D 321 -11.86 -3.23 -17.51
N VAL D 322 -10.81 -2.42 -17.43
CA VAL D 322 -9.79 -2.39 -18.47
C VAL D 322 -9.12 -3.76 -18.60
N PHE D 323 -8.76 -4.35 -17.47
CA PHE D 323 -8.13 -5.66 -17.49
C PHE D 323 -9.08 -6.71 -18.10
N ASP D 324 -10.38 -6.57 -17.82
CA ASP D 324 -11.36 -7.47 -18.42
C ASP D 324 -11.38 -7.31 -19.94
N VAL D 325 -11.27 -6.08 -20.42
CA VAL D 325 -11.22 -5.84 -21.86
C VAL D 325 -9.98 -6.49 -22.47
N LEU D 326 -8.83 -6.29 -21.84
CA LEU D 326 -7.59 -6.89 -22.35
C LEU D 326 -7.67 -8.42 -22.38
N GLN D 327 -8.30 -9.01 -21.37
CA GLN D 327 -8.50 -10.46 -21.32
C GLN D 327 -9.42 -10.92 -22.46
N ASP D 328 -10.48 -10.15 -22.69
CA ASP D 328 -11.42 -10.45 -23.77
C ASP D 328 -10.76 -10.38 -25.15
N LEU D 329 -9.88 -9.41 -25.34
CA LEU D 329 -9.16 -9.26 -26.61
C LEU D 329 -7.98 -10.21 -26.74
N GLY D 330 -7.66 -10.93 -25.66
CA GLY D 330 -6.53 -11.84 -25.63
C GLY D 330 -5.20 -11.12 -25.62
N LEU D 331 -5.14 -9.99 -24.93
CA LEU D 331 -3.94 -9.15 -24.89
C LEU D 331 -3.45 -8.93 -23.46
N THR D 332 -3.23 -10.02 -22.75
CA THR D 332 -2.80 -9.98 -21.35
C THR D 332 -1.37 -9.49 -21.14
N LYS D 333 -0.47 -9.84 -22.05
CA LYS D 333 0.93 -9.43 -21.95
C LYS D 333 1.12 -7.99 -22.45
N VAL D 334 1.51 -7.08 -21.54
CA VAL D 334 1.69 -5.66 -21.88
C VAL D 334 3.12 -5.18 -21.59
N ASN D 335 4.08 -5.74 -22.33
CA ASN D 335 5.49 -5.40 -22.13
C ASN D 335 5.87 -3.93 -22.36
N GLY D 336 5.14 -3.24 -23.22
CA GLY D 336 5.41 -1.84 -23.50
C GLY D 336 4.88 -0.90 -22.43
N GLY D 337 4.13 -1.47 -21.49
CA GLY D 337 3.59 -0.73 -20.36
C GLY D 337 2.26 -0.03 -20.61
N PHE D 338 1.81 0.71 -19.61
CA PHE D 338 0.54 1.44 -19.66
C PHE D 338 0.69 2.95 -19.77
N ILE D 339 -0.10 3.53 -20.66
CA ILE D 339 -0.09 4.97 -20.89
C ILE D 339 -1.51 5.51 -20.69
N VAL D 340 -1.70 6.25 -19.60
CA VAL D 340 -3.01 6.76 -19.22
C VAL D 340 -3.17 8.24 -19.58
N THR D 341 -4.29 8.58 -20.21
CA THR D 341 -4.52 9.98 -20.60
C THR D 341 -6.01 10.32 -20.53
N GLY D 342 -6.40 11.47 -21.07
CA GLY D 342 -7.77 11.93 -20.97
C GLY D 342 -7.92 12.81 -19.74
N GLY D 343 -9.04 13.53 -19.65
CA GLY D 343 -9.25 14.47 -18.56
C GLY D 343 -9.12 13.92 -17.14
N SER D 344 -9.58 12.68 -16.93
CA SER D 344 -9.52 12.07 -15.59
C SER D 344 -8.10 11.69 -15.20
N ALA D 345 -7.19 11.71 -16.16
CA ALA D 345 -5.79 11.48 -15.87
C ALA D 345 -5.19 12.70 -15.17
N ASN D 346 -6.00 13.75 -15.01
CA ASN D 346 -5.58 14.92 -14.24
C ASN D 346 -5.68 14.66 -12.74
N LEU D 347 -6.43 13.61 -12.41
CA LEU D 347 -6.67 13.23 -11.02
C LEU D 347 -5.39 12.74 -10.36
N LEU D 348 -5.15 13.22 -9.14
CA LEU D 348 -3.98 12.84 -8.38
C LEU D 348 -4.06 11.36 -8.00
N GLY D 349 -2.93 10.67 -7.99
CA GLY D 349 -2.90 9.28 -7.54
C GLY D 349 -3.20 8.19 -8.57
N VAL D 350 -3.58 8.59 -9.78
CA VAL D 350 -3.91 7.62 -10.83
C VAL D 350 -2.71 6.74 -11.18
N LYS D 351 -1.58 7.38 -11.43
CA LYS D 351 -0.36 6.65 -11.77
C LYS D 351 0.02 5.70 -10.62
N GLU D 352 -0.06 6.19 -9.39
CA GLU D 352 0.30 5.37 -8.24
C GLU D 352 -0.62 4.16 -8.08
N LEU D 353 -1.92 4.36 -8.26
CA LEU D 353 -2.89 3.27 -8.17
C LEU D 353 -2.66 2.20 -9.23
N LEU D 354 -2.56 2.61 -10.48
CA LEU D 354 -2.35 1.63 -11.55
C LEU D 354 -1.00 0.93 -11.35
N SER D 355 0.01 1.69 -10.93
CA SER D 355 1.32 1.08 -10.63
C SER D 355 1.21 0.07 -9.49
N ASP D 356 0.25 0.27 -8.60
CA ASP D 356 0.03 -0.67 -7.52
C ASP D 356 -0.74 -1.88 -8.01
N MET D 357 -1.39 -1.74 -9.16
CA MET D 357 -2.19 -2.85 -9.69
C MET D 357 -1.52 -3.71 -10.77
N VAL D 358 -0.45 -3.19 -11.38
CA VAL D 358 0.27 -3.92 -12.43
C VAL D 358 1.76 -4.01 -12.18
N SER D 359 2.42 -4.96 -12.84
CA SER D 359 3.87 -5.14 -12.73
C SER D 359 4.64 -4.40 -13.81
N GLU D 360 3.91 -3.79 -14.74
CA GLU D 360 4.49 -3.07 -15.87
C GLU D 360 4.65 -1.58 -15.62
N LYS D 361 5.37 -0.89 -16.50
CA LYS D 361 5.55 0.56 -16.41
C LYS D 361 4.24 1.30 -16.57
N VAL D 362 4.11 2.43 -15.89
CA VAL D 362 2.91 3.26 -16.00
C VAL D 362 3.30 4.72 -16.16
N ARG D 363 2.69 5.42 -17.12
CA ARG D 363 2.91 6.85 -17.25
C ARG D 363 1.62 7.59 -17.63
N ILE D 364 1.58 8.88 -17.31
CA ILE D 364 0.46 9.73 -17.68
C ILE D 364 0.89 10.54 -18.91
N HIS D 365 0.16 10.42 -20.00
CA HIS D 365 0.55 11.19 -21.19
C HIS D 365 -0.11 12.56 -21.27
N THR D 366 0.73 13.57 -21.46
CA THR D 366 0.30 14.93 -21.66
C THR D 366 0.99 15.49 -22.91
N PRO D 367 0.22 16.06 -23.85
CA PRO D 367 0.82 16.66 -25.04
C PRO D 367 1.89 17.72 -24.72
N SER D 368 2.92 17.78 -25.56
CA SER D 368 4.07 18.65 -25.32
C SER D 368 3.87 20.11 -25.76
N GLN D 369 3.06 20.32 -26.80
CA GLN D 369 2.87 21.65 -27.38
C GLN D 369 2.27 22.67 -26.42
N MET D 370 2.79 23.90 -26.49
CA MET D 370 2.25 24.99 -25.69
C MET D 370 0.80 25.27 -26.08
N GLY D 371 -0.03 25.35 -25.04
CA GLY D 371 -1.45 25.63 -25.15
C GLY D 371 -2.32 24.39 -25.09
N ILE D 372 -1.72 23.21 -25.18
CA ILE D 372 -2.49 21.96 -25.07
C ILE D 372 -1.85 20.98 -24.10
N ARG D 373 -1.04 21.52 -23.17
CA ARG D 373 -0.39 20.69 -22.16
C ARG D 373 -1.35 20.20 -21.07
N LYS D 374 -2.43 19.57 -21.50
CA LYS D 374 -3.42 18.95 -20.60
C LYS D 374 -3.80 17.62 -21.23
N PRO D 375 -3.88 16.54 -20.42
CA PRO D 375 -4.15 15.24 -21.03
C PRO D 375 -5.48 15.12 -21.79
N GLU D 376 -6.46 15.98 -21.50
CA GLU D 376 -7.74 15.90 -22.22
C GLU D 376 -7.57 16.26 -23.70
N PHE D 377 -6.47 16.91 -24.06
CA PHE D 377 -6.24 17.21 -25.47
C PHE D 377 -5.55 16.10 -26.25
N SER D 378 -5.18 15.01 -25.59
CA SER D 378 -4.41 13.95 -26.28
C SER D 378 -5.06 13.44 -27.55
N SER D 379 -6.36 13.23 -27.52
CA SER D 379 -7.06 12.76 -28.72
C SER D 379 -6.98 13.79 -29.84
N ALA D 380 -7.30 15.04 -29.52
CA ALA D 380 -7.38 16.07 -30.55
C ALA D 380 -6.05 16.33 -31.25
N ILE D 381 -4.95 16.29 -30.50
CA ILE D 381 -3.66 16.50 -31.14
C ILE D 381 -3.30 15.26 -31.96
N SER D 382 -3.60 14.07 -31.45
CA SER D 382 -3.24 12.84 -32.15
C SER D 382 -3.99 12.75 -33.47
N THR D 383 -5.20 13.29 -33.47
CA THR D 383 -6.00 13.30 -34.68
C THR D 383 -5.27 14.08 -35.77
N ILE D 384 -4.70 15.21 -35.38
CA ILE D 384 -3.95 16.02 -36.34
C ILE D 384 -2.78 15.20 -36.86
N SER D 385 -2.07 14.51 -35.98
CA SER D 385 -0.95 13.71 -36.44
C SER D 385 -1.42 12.68 -37.44
N SER D 386 -2.59 12.10 -37.17
CA SER D 386 -3.12 11.09 -38.06
C SER D 386 -3.34 11.69 -39.43
N SER D 387 -3.97 12.86 -39.45
CA SER D 387 -4.29 13.51 -40.71
C SER D 387 -3.01 13.83 -41.46
N ILE D 388 -1.97 14.22 -40.73
CA ILE D 388 -0.71 14.53 -41.40
C ILE D 388 -0.10 13.26 -41.97
N ALA D 389 -0.14 12.17 -41.21
CA ALA D 389 0.49 10.94 -41.66
C ALA D 389 -0.08 10.49 -42.98
N PHE D 390 -1.40 10.48 -43.08
CA PHE D 390 -2.00 10.03 -44.31
C PHE D 390 -1.74 11.03 -45.43
N ASP D 391 -1.68 12.32 -45.09
CA ASP D 391 -1.35 13.31 -46.10
C ASP D 391 0.02 12.99 -46.66
N GLU D 392 0.96 12.70 -45.77
CA GLU D 392 2.31 12.38 -46.20
C GLU D 392 2.33 11.04 -46.94
N LEU D 393 1.50 10.10 -46.51
CA LEU D 393 1.50 8.79 -47.16
C LEU D 393 0.96 8.84 -48.58
N LEU D 394 -0.16 9.53 -48.79
CA LEU D 394 -0.77 9.56 -50.12
C LEU D 394 -0.29 10.71 -51.02
N ASP D 395 0.62 11.54 -50.53
CA ASP D 395 1.16 12.64 -51.34
C ASP D 395 1.93 12.11 -52.57
N TYR D 396 1.69 12.74 -53.72
CA TYR D 396 2.45 12.42 -54.95
C TYR D 396 2.49 13.62 -55.89
N VAL D 397 3.45 13.62 -56.80
CA VAL D 397 3.57 14.71 -57.77
C VAL D 397 2.60 14.52 -58.94
N THR D 398 1.89 15.58 -59.28
CA THR D 398 0.89 15.54 -60.35
C THR D 398 1.50 15.20 -61.71
#